data_2IG0
# 
_entry.id   2IG0 
# 
_audit_conform.dict_name       mmcif_pdbx.dic 
_audit_conform.dict_version    5.403 
_audit_conform.dict_location   http://mmcif.pdb.org/dictionaries/ascii/mmcif_pdbx.dic 
# 
loop_
_database_2.database_id 
_database_2.database_code 
_database_2.pdbx_database_accession 
_database_2.pdbx_DOI 
PDB   2IG0         pdb_00002ig0 10.2210/pdb2ig0/pdb 
RCSB  RCSB039530   ?            ?                   
WWPDB D_1000039530 ?            ?                   
# 
loop_
_pdbx_audit_revision_history.ordinal 
_pdbx_audit_revision_history.data_content_type 
_pdbx_audit_revision_history.major_revision 
_pdbx_audit_revision_history.minor_revision 
_pdbx_audit_revision_history.revision_date 
_pdbx_audit_revision_history.part_number 
1 'Structure model' 1 0 2007-01-02 ? 
2 'Structure model' 1 1 2008-05-01 ? 
3 'Structure model' 1 2 2011-07-13 ? 
4 'Structure model' 1 3 2025-03-26 ? 
# 
_pdbx_audit_revision_details.ordinal             1 
_pdbx_audit_revision_details.revision_ordinal    1 
_pdbx_audit_revision_details.data_content_type   'Structure model' 
_pdbx_audit_revision_details.provider            repository 
_pdbx_audit_revision_details.type                'Initial release' 
_pdbx_audit_revision_details.description         ? 
_pdbx_audit_revision_details.details             ? 
# 
loop_
_pdbx_audit_revision_group.ordinal 
_pdbx_audit_revision_group.revision_ordinal 
_pdbx_audit_revision_group.data_content_type 
_pdbx_audit_revision_group.group 
1 2 'Structure model' 'Version format compliance' 
2 3 'Structure model' 'Version format compliance' 
3 4 'Structure model' 'Data collection'           
4 4 'Structure model' 'Database references'       
5 4 'Structure model' 'Derived calculations'      
6 4 'Structure model' 'Structure summary'         
# 
loop_
_pdbx_audit_revision_category.ordinal 
_pdbx_audit_revision_category.revision_ordinal 
_pdbx_audit_revision_category.data_content_type 
_pdbx_audit_revision_category.category 
1 4 'Structure model' chem_comp_atom            
2 4 'Structure model' chem_comp_bond            
3 4 'Structure model' database_2                
4 4 'Structure model' pdbx_entry_details        
5 4 'Structure model' pdbx_modification_feature 
6 4 'Structure model' struct_conn               
7 4 'Structure model' struct_ref_seq_dif        
8 4 'Structure model' struct_site               
# 
loop_
_pdbx_audit_revision_item.ordinal 
_pdbx_audit_revision_item.revision_ordinal 
_pdbx_audit_revision_item.data_content_type 
_pdbx_audit_revision_item.item 
1 4 'Structure model' '_database_2.pdbx_DOI'                
2 4 'Structure model' '_database_2.pdbx_database_accession' 
3 4 'Structure model' '_struct_conn.pdbx_leaving_atom_flag' 
4 4 'Structure model' '_struct_ref_seq_dif.details'         
5 4 'Structure model' '_struct_site.pdbx_auth_asym_id'      
6 4 'Structure model' '_struct_site.pdbx_auth_comp_id'      
7 4 'Structure model' '_struct_site.pdbx_auth_seq_id'       
# 
_pdbx_database_status.status_code                     REL 
_pdbx_database_status.entry_id                        2IG0 
_pdbx_database_status.recvd_initial_deposition_date   2006-09-22 
_pdbx_database_status.deposit_site                    RCSB 
_pdbx_database_status.process_site                    RCSB 
_pdbx_database_status.status_code_sf                  REL 
_pdbx_database_status.status_code_mr                  ? 
_pdbx_database_status.SG_entry                        ? 
_pdbx_database_status.pdb_format_compatible           Y 
_pdbx_database_status.status_code_cs                  ? 
_pdbx_database_status.status_code_nmr_data            ? 
_pdbx_database_status.methods_development_category    ? 
# 
_audit_author.name           'Mer, G.' 
_audit_author.pdbx_ordinal   1 
# 
_citation.id                        primary 
_citation.title                     
'Structural Basis for the Methylation State-Specific Recognition of Histone H4-K20 by 53BP1 and Crb2 in DNA Repair.' 
_citation.journal_abbrev            'Cell(Cambridge,Mass.)' 
_citation.journal_volume            127 
_citation.page_first                1361 
_citation.page_last                 1373 
_citation.year                      2006 
_citation.journal_id_ASTM           CELLB5 
_citation.country                   US 
_citation.journal_id_ISSN           0092-8674 
_citation.journal_id_CSD            0998 
_citation.book_publisher            ? 
_citation.pdbx_database_id_PubMed   17190600 
_citation.pdbx_database_id_DOI      10.1016/j.cell.2006.10.043 
# 
loop_
_citation_author.citation_id 
_citation_author.name 
_citation_author.ordinal 
_citation_author.identifier_ORCID 
primary 'Botuyan, M.V.'  1 ? 
primary 'Lee, J.'        2 ? 
primary 'Ward, I.M.'     3 ? 
primary 'Kim, J.E.'      4 ? 
primary 'Thompson, J.R.' 5 ? 
primary 'Chen, J.'       6 ? 
primary 'Mer, G.'        7 ? 
# 
loop_
_entity.id 
_entity.type 
_entity.src_method 
_entity.pdbx_description 
_entity.formula_weight 
_entity.pdbx_number_of_molecules 
_entity.pdbx_ec 
_entity.pdbx_mutation 
_entity.pdbx_fragment 
_entity.details 
1 polymer     man 'Tumor suppressor p53-binding protein 1' 13944.780 1   ? ? 'tandem tudor domains (resiudes 1484-1603)' ? 
2 polymer     syn 'Dimethylated Histone H4-K20 peptide'    1354.628  1   ? ? ?                                           ? 
3 non-polymer syn 'SULFATE ION'                            96.063    1   ? ? ?                                           ? 
4 water       nat water                                    18.015    180 ? ? ?                                           ? 
# 
_entity_name_com.entity_id   1 
_entity_name_com.name        'p53-binding protein 1, p53BP1, 53BP1' 
# 
loop_
_entity_poly.entity_id 
_entity_poly.type 
_entity_poly.nstd_linkage 
_entity_poly.nstd_monomer 
_entity_poly.pdbx_seq_one_letter_code 
_entity_poly.pdbx_seq_one_letter_code_can 
_entity_poly.pdbx_strand_id 
_entity_poly.pdbx_target_identifier 
1 'polypeptide(L)' no no  
;GHMNSFVGLRVVAKWSSNGYFYSGKITRDVGAGKYKLLFDDGYECDVLGKDILLCDPIPLDTEVTALSEDEYFSAGVVKG
HRKESGELYYSIEKEGQRKWYKRMAVILSLEQGNRLREQYGLG
;
;GHMNSFVGLRVVAKWSSNGYFYSGKITRDVGAGKYKLLFDDGYECDVLGKDILLCDPIPLDTEVTALSEDEYFSAGVVKG
HRKESGELYYSIEKEGQRKWYKRMAVILSLEQGNRLREQYGLG
;
A ? 
2 'polypeptide(L)' no yes 'KRHR(MLY)VLRDN' KRHRKVLRDN B ? 
# 
loop_
_pdbx_entity_nonpoly.entity_id 
_pdbx_entity_nonpoly.name 
_pdbx_entity_nonpoly.comp_id 
3 'SULFATE ION' SO4 
4 water         HOH 
# 
loop_
_entity_poly_seq.entity_id 
_entity_poly_seq.num 
_entity_poly_seq.mon_id 
_entity_poly_seq.hetero 
1 1   GLY n 
1 2   HIS n 
1 3   MET n 
1 4   ASN n 
1 5   SER n 
1 6   PHE n 
1 7   VAL n 
1 8   GLY n 
1 9   LEU n 
1 10  ARG n 
1 11  VAL n 
1 12  VAL n 
1 13  ALA n 
1 14  LYS n 
1 15  TRP n 
1 16  SER n 
1 17  SER n 
1 18  ASN n 
1 19  GLY n 
1 20  TYR n 
1 21  PHE n 
1 22  TYR n 
1 23  SER n 
1 24  GLY n 
1 25  LYS n 
1 26  ILE n 
1 27  THR n 
1 28  ARG n 
1 29  ASP n 
1 30  VAL n 
1 31  GLY n 
1 32  ALA n 
1 33  GLY n 
1 34  LYS n 
1 35  TYR n 
1 36  LYS n 
1 37  LEU n 
1 38  LEU n 
1 39  PHE n 
1 40  ASP n 
1 41  ASP n 
1 42  GLY n 
1 43  TYR n 
1 44  GLU n 
1 45  CYS n 
1 46  ASP n 
1 47  VAL n 
1 48  LEU n 
1 49  GLY n 
1 50  LYS n 
1 51  ASP n 
1 52  ILE n 
1 53  LEU n 
1 54  LEU n 
1 55  CYS n 
1 56  ASP n 
1 57  PRO n 
1 58  ILE n 
1 59  PRO n 
1 60  LEU n 
1 61  ASP n 
1 62  THR n 
1 63  GLU n 
1 64  VAL n 
1 65  THR n 
1 66  ALA n 
1 67  LEU n 
1 68  SER n 
1 69  GLU n 
1 70  ASP n 
1 71  GLU n 
1 72  TYR n 
1 73  PHE n 
1 74  SER n 
1 75  ALA n 
1 76  GLY n 
1 77  VAL n 
1 78  VAL n 
1 79  LYS n 
1 80  GLY n 
1 81  HIS n 
1 82  ARG n 
1 83  LYS n 
1 84  GLU n 
1 85  SER n 
1 86  GLY n 
1 87  GLU n 
1 88  LEU n 
1 89  TYR n 
1 90  TYR n 
1 91  SER n 
1 92  ILE n 
1 93  GLU n 
1 94  LYS n 
1 95  GLU n 
1 96  GLY n 
1 97  GLN n 
1 98  ARG n 
1 99  LYS n 
1 100 TRP n 
1 101 TYR n 
1 102 LYS n 
1 103 ARG n 
1 104 MET n 
1 105 ALA n 
1 106 VAL n 
1 107 ILE n 
1 108 LEU n 
1 109 SER n 
1 110 LEU n 
1 111 GLU n 
1 112 GLN n 
1 113 GLY n 
1 114 ASN n 
1 115 ARG n 
1 116 LEU n 
1 117 ARG n 
1 118 GLU n 
1 119 GLN n 
1 120 TYR n 
1 121 GLY n 
1 122 LEU n 
1 123 GLY n 
2 1   LYS n 
2 2   ARG n 
2 3   HIS n 
2 4   ARG n 
2 5   MLY n 
2 6   VAL n 
2 7   LEU n 
2 8   ARG n 
2 9   ASP n 
2 10  ASN n 
# 
_entity_src_gen.entity_id                          1 
_entity_src_gen.pdbx_src_id                        1 
_entity_src_gen.pdbx_alt_source_flag               sample 
_entity_src_gen.pdbx_seq_type                      ? 
_entity_src_gen.pdbx_beg_seq_num                   ? 
_entity_src_gen.pdbx_end_seq_num                   ? 
_entity_src_gen.gene_src_common_name               human 
_entity_src_gen.gene_src_genus                     Homo 
_entity_src_gen.pdbx_gene_src_gene                 TP53BP1 
_entity_src_gen.gene_src_species                   ? 
_entity_src_gen.gene_src_strain                    ? 
_entity_src_gen.gene_src_tissue                    ? 
_entity_src_gen.gene_src_tissue_fraction           ? 
_entity_src_gen.gene_src_details                   ? 
_entity_src_gen.pdbx_gene_src_fragment             ? 
_entity_src_gen.pdbx_gene_src_scientific_name      'Homo sapiens' 
_entity_src_gen.pdbx_gene_src_ncbi_taxonomy_id     9606 
_entity_src_gen.pdbx_gene_src_variant              ? 
_entity_src_gen.pdbx_gene_src_cell_line            ? 
_entity_src_gen.pdbx_gene_src_atcc                 ? 
_entity_src_gen.pdbx_gene_src_organ                ? 
_entity_src_gen.pdbx_gene_src_organelle            ? 
_entity_src_gen.pdbx_gene_src_cell                 ? 
_entity_src_gen.pdbx_gene_src_cellular_location    ? 
_entity_src_gen.host_org_common_name               ? 
_entity_src_gen.pdbx_host_org_scientific_name      'Escherichia coli BL21(DE3)' 
_entity_src_gen.pdbx_host_org_ncbi_taxonomy_id     469008 
_entity_src_gen.host_org_genus                     Escherichia 
_entity_src_gen.pdbx_host_org_gene                 ? 
_entity_src_gen.pdbx_host_org_organ                ? 
_entity_src_gen.host_org_species                   'Escherichia coli' 
_entity_src_gen.pdbx_host_org_tissue               ? 
_entity_src_gen.pdbx_host_org_tissue_fraction      ? 
_entity_src_gen.pdbx_host_org_strain               'BL21(DE3)' 
_entity_src_gen.pdbx_host_org_variant              ? 
_entity_src_gen.pdbx_host_org_cell_line            ? 
_entity_src_gen.pdbx_host_org_atcc                 ? 
_entity_src_gen.pdbx_host_org_culture_collection   ? 
_entity_src_gen.pdbx_host_org_cell                 ? 
_entity_src_gen.pdbx_host_org_organelle            ? 
_entity_src_gen.pdbx_host_org_cellular_location    ? 
_entity_src_gen.pdbx_host_org_vector_type          PLASMID 
_entity_src_gen.pdbx_host_org_vector               ? 
_entity_src_gen.host_org_details                   ? 
_entity_src_gen.expression_system_id               ? 
_entity_src_gen.plasmid_name                       PTEV 
_entity_src_gen.plasmid_details                    ? 
_entity_src_gen.pdbx_description                   ? 
# 
loop_
_chem_comp.id 
_chem_comp.type 
_chem_comp.mon_nstd_flag 
_chem_comp.name 
_chem_comp.pdbx_synonyms 
_chem_comp.formula 
_chem_comp.formula_weight 
ALA 'L-peptide linking' y ALANINE           ? 'C3 H7 N O2'     89.093  
ARG 'L-peptide linking' y ARGININE          ? 'C6 H15 N4 O2 1' 175.209 
ASN 'L-peptide linking' y ASPARAGINE        ? 'C4 H8 N2 O3'    132.118 
ASP 'L-peptide linking' y 'ASPARTIC ACID'   ? 'C4 H7 N O4'     133.103 
CYS 'L-peptide linking' y CYSTEINE          ? 'C3 H7 N O2 S'   121.158 
GLN 'L-peptide linking' y GLUTAMINE         ? 'C5 H10 N2 O3'   146.144 
GLU 'L-peptide linking' y 'GLUTAMIC ACID'   ? 'C5 H9 N O4'     147.129 
GLY 'peptide linking'   y GLYCINE           ? 'C2 H5 N O2'     75.067  
HIS 'L-peptide linking' y HISTIDINE         ? 'C6 H10 N3 O2 1' 156.162 
HOH non-polymer         . WATER             ? 'H2 O'           18.015  
ILE 'L-peptide linking' y ISOLEUCINE        ? 'C6 H13 N O2'    131.173 
LEU 'L-peptide linking' y LEUCINE           ? 'C6 H13 N O2'    131.173 
LYS 'L-peptide linking' y LYSINE            ? 'C6 H15 N2 O2 1' 147.195 
MET 'L-peptide linking' y METHIONINE        ? 'C5 H11 N O2 S'  149.211 
MLY 'L-peptide linking' n N-DIMETHYL-LYSINE ? 'C8 H18 N2 O2'   174.241 
PHE 'L-peptide linking' y PHENYLALANINE     ? 'C9 H11 N O2'    165.189 
PRO 'L-peptide linking' y PROLINE           ? 'C5 H9 N O2'     115.130 
SER 'L-peptide linking' y SERINE            ? 'C3 H7 N O3'     105.093 
SO4 non-polymer         . 'SULFATE ION'     ? 'O4 S -2'        96.063  
THR 'L-peptide linking' y THREONINE         ? 'C4 H9 N O3'     119.119 
TRP 'L-peptide linking' y TRYPTOPHAN        ? 'C11 H12 N2 O2'  204.225 
TYR 'L-peptide linking' y TYROSINE          ? 'C9 H11 N O3'    181.189 
VAL 'L-peptide linking' y VALINE            ? 'C5 H11 N O2'    117.146 
# 
loop_
_pdbx_poly_seq_scheme.asym_id 
_pdbx_poly_seq_scheme.entity_id 
_pdbx_poly_seq_scheme.seq_id 
_pdbx_poly_seq_scheme.mon_id 
_pdbx_poly_seq_scheme.ndb_seq_num 
_pdbx_poly_seq_scheme.pdb_seq_num 
_pdbx_poly_seq_scheme.auth_seq_num 
_pdbx_poly_seq_scheme.pdb_mon_id 
_pdbx_poly_seq_scheme.auth_mon_id 
_pdbx_poly_seq_scheme.pdb_strand_id 
_pdbx_poly_seq_scheme.pdb_ins_code 
_pdbx_poly_seq_scheme.hetero 
A 1 1   GLY 1   1481 ?    ?   ?   A . n 
A 1 2   HIS 2   1482 ?    ?   ?   A . n 
A 1 3   MET 3   1483 ?    ?   ?   A . n 
A 1 4   ASN 4   1484 ?    ?   ?   A . n 
A 1 5   SER 5   1485 1485 SER SER A . n 
A 1 6   PHE 6   1486 1486 PHE PHE A . n 
A 1 7   VAL 7   1487 1487 VAL VAL A . n 
A 1 8   GLY 8   1488 1488 GLY GLY A . n 
A 1 9   LEU 9   1489 1489 LEU LEU A . n 
A 1 10  ARG 10  1490 1490 ARG ARG A . n 
A 1 11  VAL 11  1491 1491 VAL VAL A . n 
A 1 12  VAL 12  1492 1492 VAL VAL A . n 
A 1 13  ALA 13  1493 1493 ALA ALA A . n 
A 1 14  LYS 14  1494 1494 LYS LYS A . n 
A 1 15  TRP 15  1495 1495 TRP TRP A . n 
A 1 16  SER 16  1496 1496 SER SER A . n 
A 1 17  SER 17  1497 1497 SER SER A . n 
A 1 18  ASN 18  1498 1498 ASN ASN A . n 
A 1 19  GLY 19  1499 1499 GLY GLY A . n 
A 1 20  TYR 20  1500 1500 TYR TYR A . n 
A 1 21  PHE 21  1501 1501 PHE PHE A . n 
A 1 22  TYR 22  1502 1502 TYR TYR A . n 
A 1 23  SER 23  1503 1503 SER SER A . n 
A 1 24  GLY 24  1504 1504 GLY GLY A . n 
A 1 25  LYS 25  1505 1505 LYS LYS A . n 
A 1 26  ILE 26  1506 1506 ILE ILE A . n 
A 1 27  THR 27  1507 1507 THR THR A . n 
A 1 28  ARG 28  1508 1508 ARG ARG A . n 
A 1 29  ASP 29  1509 1509 ASP ASP A . n 
A 1 30  VAL 30  1510 1510 VAL VAL A . n 
A 1 31  GLY 31  1511 1511 GLY GLY A . n 
A 1 32  ALA 32  1512 1512 ALA ALA A . n 
A 1 33  GLY 33  1513 1513 GLY GLY A . n 
A 1 34  LYS 34  1514 1514 LYS LYS A . n 
A 1 35  TYR 35  1515 1515 TYR TYR A . n 
A 1 36  LYS 36  1516 1516 LYS LYS A . n 
A 1 37  LEU 37  1517 1517 LEU LEU A . n 
A 1 38  LEU 38  1518 1518 LEU LEU A . n 
A 1 39  PHE 39  1519 1519 PHE PHE A . n 
A 1 40  ASP 40  1520 1520 ASP ASP A . n 
A 1 41  ASP 41  1521 1521 ASP ASP A . n 
A 1 42  GLY 42  1522 1522 GLY GLY A . n 
A 1 43  TYR 43  1523 1523 TYR TYR A . n 
A 1 44  GLU 44  1524 1524 GLU GLU A . n 
A 1 45  CYS 45  1525 1525 CYS CYS A . n 
A 1 46  ASP 46  1526 1526 ASP ASP A . n 
A 1 47  VAL 47  1527 1527 VAL VAL A . n 
A 1 48  LEU 48  1528 1528 LEU LEU A . n 
A 1 49  GLY 49  1529 1529 GLY GLY A . n 
A 1 50  LYS 50  1530 1530 LYS LYS A . n 
A 1 51  ASP 51  1531 1531 ASP ASP A . n 
A 1 52  ILE 52  1532 1532 ILE ILE A . n 
A 1 53  LEU 53  1533 1533 LEU LEU A . n 
A 1 54  LEU 54  1534 1534 LEU LEU A . n 
A 1 55  CYS 55  1535 1535 CYS CYS A . n 
A 1 56  ASP 56  1536 1536 ASP ASP A . n 
A 1 57  PRO 57  1537 1537 PRO PRO A . n 
A 1 58  ILE 58  1538 1538 ILE ILE A . n 
A 1 59  PRO 59  1539 1539 PRO PRO A . n 
A 1 60  LEU 60  1540 1540 LEU LEU A . n 
A 1 61  ASP 61  1541 1541 ASP ASP A . n 
A 1 62  THR 62  1542 1542 THR THR A . n 
A 1 63  GLU 63  1543 1543 GLU GLU A . n 
A 1 64  VAL 64  1544 1544 VAL VAL A . n 
A 1 65  THR 65  1545 1545 THR THR A . n 
A 1 66  ALA 66  1546 1546 ALA ALA A . n 
A 1 67  LEU 67  1547 1547 LEU LEU A . n 
A 1 68  SER 68  1548 1548 SER SER A . n 
A 1 69  GLU 69  1549 1549 GLU GLU A . n 
A 1 70  ASP 70  1550 1550 ASP ASP A . n 
A 1 71  GLU 71  1551 1551 GLU GLU A . n 
A 1 72  TYR 72  1552 1552 TYR TYR A . n 
A 1 73  PHE 73  1553 1553 PHE PHE A . n 
A 1 74  SER 74  1554 1554 SER SER A . n 
A 1 75  ALA 75  1555 1555 ALA ALA A . n 
A 1 76  GLY 76  1556 1556 GLY GLY A . n 
A 1 77  VAL 77  1557 1557 VAL VAL A . n 
A 1 78  VAL 78  1558 1558 VAL VAL A . n 
A 1 79  LYS 79  1559 1559 LYS LYS A . n 
A 1 80  GLY 80  1560 1560 GLY GLY A . n 
A 1 81  HIS 81  1561 1561 HIS HIS A . n 
A 1 82  ARG 82  1562 1562 ARG ARG A . n 
A 1 83  LYS 83  1563 1563 LYS LYS A . n 
A 1 84  GLU 84  1564 1564 GLU GLU A . n 
A 1 85  SER 85  1565 1565 SER SER A . n 
A 1 86  GLY 86  1566 1566 GLY GLY A . n 
A 1 87  GLU 87  1567 1567 GLU GLU A . n 
A 1 88  LEU 88  1568 1568 LEU LEU A . n 
A 1 89  TYR 89  1569 1569 TYR TYR A . n 
A 1 90  TYR 90  1570 1570 TYR TYR A . n 
A 1 91  SER 91  1571 1571 SER SER A . n 
A 1 92  ILE 92  1572 1572 ILE ILE A . n 
A 1 93  GLU 93  1573 1573 GLU GLU A . n 
A 1 94  LYS 94  1574 1574 LYS LYS A . n 
A 1 95  GLU 95  1575 1575 GLU GLU A . n 
A 1 96  GLY 96  1576 1576 GLY GLY A . n 
A 1 97  GLN 97  1577 1577 GLN GLN A . n 
A 1 98  ARG 98  1578 1578 ARG ARG A . n 
A 1 99  LYS 99  1579 1579 LYS LYS A . n 
A 1 100 TRP 100 1580 1580 TRP TRP A . n 
A 1 101 TYR 101 1581 1581 TYR TYR A . n 
A 1 102 LYS 102 1582 1582 LYS LYS A . n 
A 1 103 ARG 103 1583 1583 ARG ARG A . n 
A 1 104 MET 104 1584 1584 MET MET A . n 
A 1 105 ALA 105 1585 1585 ALA ALA A . n 
A 1 106 VAL 106 1586 1586 VAL VAL A . n 
A 1 107 ILE 107 1587 1587 ILE ILE A . n 
A 1 108 LEU 108 1588 1588 LEU LEU A . n 
A 1 109 SER 109 1589 1589 SER SER A . n 
A 1 110 LEU 110 1590 1590 LEU LEU A . n 
A 1 111 GLU 111 1591 1591 GLU GLU A . n 
A 1 112 GLN 112 1592 1592 GLN GLN A . n 
A 1 113 GLY 113 1593 1593 GLY GLY A . n 
A 1 114 ASN 114 1594 1594 ASN ASN A . n 
A 1 115 ARG 115 1595 1595 ARG ARG A . n 
A 1 116 LEU 116 1596 1596 LEU LEU A . n 
A 1 117 ARG 117 1597 1597 ARG ARG A . n 
A 1 118 GLU 118 1598 1598 GLU GLU A . n 
A 1 119 GLN 119 1599 1599 GLN GLN A . n 
A 1 120 TYR 120 1600 1600 TYR TYR A . n 
A 1 121 GLY 121 1601 1601 GLY GLY A . n 
A 1 122 LEU 122 1602 1602 LEU LEU A . n 
A 1 123 GLY 123 1603 1603 GLY GLY A . n 
B 2 1   LYS 1   16   ?    ?   ?   B . n 
B 2 2   ARG 2   17   ?    ?   ?   B . n 
B 2 3   HIS 3   18   ?    ?   ?   B . n 
B 2 4   ARG 4   19   19   ARG ARG B . n 
B 2 5   MLY 5   20   20   MLY MLY B . n 
B 2 6   VAL 6   21   ?    ?   ?   B . n 
B 2 7   LEU 7   22   ?    ?   ?   B . n 
B 2 8   ARG 8   23   ?    ?   ?   B . n 
B 2 9   ASP 9   24   ?    ?   ?   B . n 
B 2 10  ASN 10  25   ?    ?   ?   B . n 
# 
loop_
_pdbx_nonpoly_scheme.asym_id 
_pdbx_nonpoly_scheme.entity_id 
_pdbx_nonpoly_scheme.mon_id 
_pdbx_nonpoly_scheme.ndb_seq_num 
_pdbx_nonpoly_scheme.pdb_seq_num 
_pdbx_nonpoly_scheme.auth_seq_num 
_pdbx_nonpoly_scheme.pdb_mon_id 
_pdbx_nonpoly_scheme.auth_mon_id 
_pdbx_nonpoly_scheme.pdb_strand_id 
_pdbx_nonpoly_scheme.pdb_ins_code 
C 3 SO4 1   201 1   SO4 SO4 A . 
D 4 HOH 1   1   1   HOH HOH A . 
D 4 HOH 2   2   2   HOH HOH A . 
D 4 HOH 3   3   3   HOH HOH A . 
D 4 HOH 4   4   4   HOH HOH A . 
D 4 HOH 5   5   5   HOH HOH A . 
D 4 HOH 6   6   6   HOH HOH A . 
D 4 HOH 7   7   7   HOH HOH A . 
D 4 HOH 8   8   8   HOH HOH A . 
D 4 HOH 9   9   9   HOH HOH A . 
D 4 HOH 10  10  10  HOH HOH A . 
D 4 HOH 11  11  11  HOH HOH A . 
D 4 HOH 12  12  12  HOH HOH A . 
D 4 HOH 13  13  13  HOH HOH A . 
D 4 HOH 14  14  14  HOH HOH A . 
D 4 HOH 15  15  15  HOH HOH A . 
D 4 HOH 16  16  16  HOH HOH A . 
D 4 HOH 17  17  17  HOH HOH A . 
D 4 HOH 18  18  18  HOH HOH A . 
D 4 HOH 19  19  19  HOH HOH A . 
D 4 HOH 20  20  20  HOH HOH A . 
D 4 HOH 21  21  21  HOH HOH A . 
D 4 HOH 22  22  22  HOH HOH A . 
D 4 HOH 23  23  23  HOH HOH A . 
D 4 HOH 24  24  24  HOH HOH A . 
D 4 HOH 25  25  25  HOH HOH A . 
D 4 HOH 26  26  26  HOH HOH A . 
D 4 HOH 27  27  27  HOH HOH A . 
D 4 HOH 28  29  29  HOH HOH A . 
D 4 HOH 29  30  30  HOH HOH A . 
D 4 HOH 30  31  31  HOH HOH A . 
D 4 HOH 31  32  32  HOH HOH A . 
D 4 HOH 32  33  33  HOH HOH A . 
D 4 HOH 33  34  34  HOH HOH A . 
D 4 HOH 34  35  35  HOH HOH A . 
D 4 HOH 35  36  36  HOH HOH A . 
D 4 HOH 36  37  37  HOH HOH A . 
D 4 HOH 37  38  38  HOH HOH A . 
D 4 HOH 38  39  39  HOH HOH A . 
D 4 HOH 39  40  40  HOH HOH A . 
D 4 HOH 40  41  41  HOH HOH A . 
D 4 HOH 41  42  42  HOH HOH A . 
D 4 HOH 42  43  43  HOH HOH A . 
D 4 HOH 43  44  44  HOH HOH A . 
D 4 HOH 44  45  45  HOH HOH A . 
D 4 HOH 45  46  46  HOH HOH A . 
D 4 HOH 46  47  47  HOH HOH A . 
D 4 HOH 47  48  48  HOH HOH A . 
D 4 HOH 48  49  49  HOH HOH A . 
D 4 HOH 49  50  50  HOH HOH A . 
D 4 HOH 50  51  51  HOH HOH A . 
D 4 HOH 51  52  52  HOH HOH A . 
D 4 HOH 52  53  53  HOH HOH A . 
D 4 HOH 53  54  54  HOH HOH A . 
D 4 HOH 54  55  55  HOH HOH A . 
D 4 HOH 55  56  56  HOH HOH A . 
D 4 HOH 56  57  57  HOH HOH A . 
D 4 HOH 57  58  58  HOH HOH A . 
D 4 HOH 58  59  59  HOH HOH A . 
D 4 HOH 59  60  60  HOH HOH A . 
D 4 HOH 60  61  61  HOH HOH A . 
D 4 HOH 61  62  62  HOH HOH A . 
D 4 HOH 62  63  63  HOH HOH A . 
D 4 HOH 63  64  64  HOH HOH A . 
D 4 HOH 64  65  65  HOH HOH A . 
D 4 HOH 65  66  66  HOH HOH A . 
D 4 HOH 66  67  67  HOH HOH A . 
D 4 HOH 67  68  68  HOH HOH A . 
D 4 HOH 68  69  69  HOH HOH A . 
D 4 HOH 69  70  70  HOH HOH A . 
D 4 HOH 70  71  71  HOH HOH A . 
D 4 HOH 71  72  72  HOH HOH A . 
D 4 HOH 72  73  73  HOH HOH A . 
D 4 HOH 73  74  74  HOH HOH A . 
D 4 HOH 74  75  75  HOH HOH A . 
D 4 HOH 75  76  76  HOH HOH A . 
D 4 HOH 76  77  77  HOH HOH A . 
D 4 HOH 77  78  78  HOH HOH A . 
D 4 HOH 78  79  79  HOH HOH A . 
D 4 HOH 79  80  80  HOH HOH A . 
D 4 HOH 80  81  81  HOH HOH A . 
D 4 HOH 81  82  82  HOH HOH A . 
D 4 HOH 82  83  83  HOH HOH A . 
D 4 HOH 83  84  84  HOH HOH A . 
D 4 HOH 84  85  85  HOH HOH A . 
D 4 HOH 85  86  86  HOH HOH A . 
D 4 HOH 86  87  87  HOH HOH A . 
D 4 HOH 87  88  88  HOH HOH A . 
D 4 HOH 88  89  89  HOH HOH A . 
D 4 HOH 89  90  90  HOH HOH A . 
D 4 HOH 90  91  91  HOH HOH A . 
D 4 HOH 91  92  92  HOH HOH A . 
D 4 HOH 92  93  93  HOH HOH A . 
D 4 HOH 93  94  94  HOH HOH A . 
D 4 HOH 94  95  95  HOH HOH A . 
D 4 HOH 95  96  96  HOH HOH A . 
D 4 HOH 96  97  97  HOH HOH A . 
D 4 HOH 97  98  98  HOH HOH A . 
D 4 HOH 98  99  99  HOH HOH A . 
D 4 HOH 99  100 100 HOH HOH A . 
D 4 HOH 100 101 101 HOH HOH A . 
D 4 HOH 101 102 102 HOH HOH A . 
D 4 HOH 102 103 103 HOH HOH A . 
D 4 HOH 103 104 104 HOH HOH A . 
D 4 HOH 104 105 105 HOH HOH A . 
D 4 HOH 105 106 106 HOH HOH A . 
D 4 HOH 106 107 107 HOH HOH A . 
D 4 HOH 107 108 108 HOH HOH A . 
D 4 HOH 108 109 109 HOH HOH A . 
D 4 HOH 109 110 110 HOH HOH A . 
D 4 HOH 110 111 111 HOH HOH A . 
D 4 HOH 111 112 112 HOH HOH A . 
D 4 HOH 112 113 113 HOH HOH A . 
D 4 HOH 113 114 114 HOH HOH A . 
D 4 HOH 114 115 115 HOH HOH A . 
D 4 HOH 115 116 116 HOH HOH A . 
D 4 HOH 116 117 117 HOH HOH A . 
D 4 HOH 117 118 118 HOH HOH A . 
D 4 HOH 118 119 119 HOH HOH A . 
D 4 HOH 119 120 120 HOH HOH A . 
D 4 HOH 120 121 121 HOH HOH A . 
D 4 HOH 121 122 122 HOH HOH A . 
D 4 HOH 122 123 123 HOH HOH A . 
D 4 HOH 123 124 124 HOH HOH A . 
D 4 HOH 124 125 125 HOH HOH A . 
D 4 HOH 125 126 126 HOH HOH A . 
D 4 HOH 126 127 127 HOH HOH A . 
D 4 HOH 127 128 128 HOH HOH A . 
D 4 HOH 128 130 130 HOH HOH A . 
D 4 HOH 129 131 131 HOH HOH A . 
D 4 HOH 130 132 132 HOH HOH A . 
D 4 HOH 131 133 133 HOH HOH A . 
D 4 HOH 132 134 134 HOH HOH A . 
D 4 HOH 133 136 136 HOH HOH A . 
D 4 HOH 134 137 137 HOH HOH A . 
D 4 HOH 135 138 138 HOH HOH A . 
D 4 HOH 136 139 139 HOH HOH A . 
D 4 HOH 137 140 140 HOH HOH A . 
D 4 HOH 138 141 141 HOH HOH A . 
D 4 HOH 139 142 142 HOH HOH A . 
D 4 HOH 140 143 143 HOH HOH A . 
D 4 HOH 141 144 144 HOH HOH A . 
D 4 HOH 142 145 145 HOH HOH A . 
D 4 HOH 143 146 146 HOH HOH A . 
D 4 HOH 144 147 147 HOH HOH A . 
D 4 HOH 145 148 148 HOH HOH A . 
D 4 HOH 146 149 149 HOH HOH A . 
D 4 HOH 147 150 150 HOH HOH A . 
D 4 HOH 148 151 151 HOH HOH A . 
D 4 HOH 149 153 153 HOH HOH A . 
D 4 HOH 150 154 154 HOH HOH A . 
D 4 HOH 151 155 155 HOH HOH A . 
D 4 HOH 152 156 156 HOH HOH A . 
D 4 HOH 153 157 157 HOH HOH A . 
D 4 HOH 154 158 158 HOH HOH A . 
D 4 HOH 155 159 159 HOH HOH A . 
D 4 HOH 156 160 160 HOH HOH A . 
D 4 HOH 157 162 162 HOH HOH A . 
D 4 HOH 158 163 163 HOH HOH A . 
D 4 HOH 159 164 164 HOH HOH A . 
D 4 HOH 160 165 165 HOH HOH A . 
D 4 HOH 161 166 166 HOH HOH A . 
D 4 HOH 162 167 167 HOH HOH A . 
D 4 HOH 163 168 168 HOH HOH A . 
D 4 HOH 164 169 169 HOH HOH A . 
D 4 HOH 165 170 170 HOH HOH A . 
D 4 HOH 166 171 171 HOH HOH A . 
D 4 HOH 167 172 172 HOH HOH A . 
D 4 HOH 168 173 173 HOH HOH A . 
D 4 HOH 169 174 174 HOH HOH A . 
D 4 HOH 170 175 175 HOH HOH A . 
D 4 HOH 171 176 176 HOH HOH A . 
D 4 HOH 172 177 177 HOH HOH A . 
D 4 HOH 173 178 178 HOH HOH A . 
D 4 HOH 174 179 179 HOH HOH A . 
D 4 HOH 175 180 180 HOH HOH A . 
E 4 HOH 1   28  28  HOH HOH B . 
E 4 HOH 2   129 129 HOH HOH B . 
E 4 HOH 3   135 135 HOH HOH B . 
E 4 HOH 4   152 152 HOH HOH B . 
E 4 HOH 5   161 161 HOH HOH B . 
# 
_pdbx_unobs_or_zero_occ_atoms.id               1 
_pdbx_unobs_or_zero_occ_atoms.PDB_model_num    1 
_pdbx_unobs_or_zero_occ_atoms.polymer_flag     Y 
_pdbx_unobs_or_zero_occ_atoms.occupancy_flag   1 
_pdbx_unobs_or_zero_occ_atoms.auth_asym_id     B 
_pdbx_unobs_or_zero_occ_atoms.auth_comp_id     MLY 
_pdbx_unobs_or_zero_occ_atoms.auth_seq_id      20 
_pdbx_unobs_or_zero_occ_atoms.PDB_ins_code     ? 
_pdbx_unobs_or_zero_occ_atoms.auth_atom_id     O 
_pdbx_unobs_or_zero_occ_atoms.label_alt_id     ? 
_pdbx_unobs_or_zero_occ_atoms.label_asym_id    B 
_pdbx_unobs_or_zero_occ_atoms.label_comp_id    MLY 
_pdbx_unobs_or_zero_occ_atoms.label_seq_id     5 
_pdbx_unobs_or_zero_occ_atoms.label_atom_id    O 
# 
loop_
_software.name 
_software.classification 
_software.version 
_software.citation_id 
_software.pdbx_ordinal 
REFMAC   refinement        5.2.0019 ? 1 
HKL-2000 'data collection' .        ? 2 
HKL-2000 'data reduction'  .        ? 3 
HKL-2000 'data scaling'    .        ? 4 
MOLREP   phasing           .        ? 5 
# 
_cell.entry_id           2IG0 
_cell.length_a           56.372 
_cell.length_b           78.535 
_cell.length_c           36.445 
_cell.angle_alpha        90.00 
_cell.angle_beta         121.20 
_cell.angle_gamma        90.00 
_cell.Z_PDB              4 
_cell.pdbx_unique_axis   ? 
_cell.length_a_esd       ? 
_cell.length_b_esd       ? 
_cell.length_c_esd       ? 
_cell.angle_alpha_esd    ? 
_cell.angle_beta_esd     ? 
_cell.angle_gamma_esd    ? 
# 
_symmetry.entry_id                         2IG0 
_symmetry.space_group_name_H-M             'C 1 2 1' 
_symmetry.pdbx_full_space_group_name_H-M   ? 
_symmetry.cell_setting                     ? 
_symmetry.Int_Tables_number                5 
_symmetry.space_group_name_Hall            ? 
# 
_exptl.entry_id          2IG0 
_exptl.method            'X-RAY DIFFRACTION' 
_exptl.crystals_number   1 
# 
_exptl_crystal.id                    1 
_exptl_crystal.density_meas          ? 
_exptl_crystal.density_Matthews      2.21 
_exptl_crystal.density_percent_sol   44.29 
_exptl_crystal.description           ? 
_exptl_crystal.F_000                 ? 
_exptl_crystal.preparation           ? 
# 
_exptl_crystal_grow.crystal_id      1 
_exptl_crystal_grow.method          'VAPOR DIFFUSION, HANGING DROP' 
_exptl_crystal_grow.temp            293 
_exptl_crystal_grow.temp_details    ? 
_exptl_crystal_grow.pH              7.0 
_exptl_crystal_grow.pdbx_details    
'2% PEG 400, 0.1M HEPES/NA, 2M AMMONIUM SULFATE, pH 7.0, VAPOR DIFFUSION, HANGING DROP, temperature 293K' 
_exptl_crystal_grow.pdbx_pH_range   . 
# 
_diffrn.id                     1 
_diffrn.ambient_temp           100 
_diffrn.ambient_temp_details   ? 
_diffrn.crystal_id             1 
# 
_diffrn_detector.diffrn_id              1 
_diffrn_detector.detector               CCD 
_diffrn_detector.type                   'ADSC QUANTUM 4' 
_diffrn_detector.pdbx_collection_date   2005-10-27 
_diffrn_detector.details                ? 
# 
_diffrn_radiation.diffrn_id                        1 
_diffrn_radiation.wavelength_id                    1 
_diffrn_radiation.pdbx_monochromatic_or_laue_m_l   M 
_diffrn_radiation.monochromator                    ? 
_diffrn_radiation.pdbx_diffrn_protocol             'SINGLE WAVELENGTH' 
_diffrn_radiation.pdbx_scattering_type             x-ray 
# 
_diffrn_radiation_wavelength.id           1 
_diffrn_radiation_wavelength.wavelength   0.97950 
_diffrn_radiation_wavelength.wt           1.0 
# 
_diffrn_source.diffrn_id                   1 
_diffrn_source.source                      SYNCHROTRON 
_diffrn_source.type                        'NSLS BEAMLINE X12B' 
_diffrn_source.pdbx_synchrotron_site       NSLS 
_diffrn_source.pdbx_synchrotron_beamline   X12B 
_diffrn_source.pdbx_wavelength             0.97950 
_diffrn_source.pdbx_wavelength_list        ? 
# 
_reflns.entry_id                     2IG0 
_reflns.observed_criterion_sigma_F   ? 
_reflns.observed_criterion_sigma_I   ? 
_reflns.d_resolution_high            1.70 
_reflns.d_resolution_low             24.11 
_reflns.number_all                   11776 
_reflns.number_obs                   11776 
_reflns.percent_possible_obs         82.96 
_reflns.pdbx_Rmerge_I_obs            ? 
_reflns.pdbx_Rsym_value              ? 
_reflns.pdbx_netI_over_sigmaI        ? 
_reflns.B_iso_Wilson_estimate        ? 
_reflns.pdbx_redundancy              ? 
_reflns.R_free_details               ? 
_reflns.limit_h_max                  ? 
_reflns.limit_h_min                  ? 
_reflns.limit_k_max                  ? 
_reflns.limit_k_min                  ? 
_reflns.limit_l_max                  ? 
_reflns.limit_l_min                  ? 
_reflns.observed_criterion_F_max     ? 
_reflns.observed_criterion_F_min     ? 
_reflns.pdbx_chi_squared             ? 
_reflns.pdbx_scaling_rejects         ? 
_reflns.pdbx_diffrn_id               1 
_reflns.pdbx_ordinal                 1 
# 
_reflns_shell.d_res_high             1.700 
_reflns_shell.d_res_low              1.744 
_reflns_shell.percent_possible_all   30.34 
_reflns_shell.Rmerge_I_obs           ? 
_reflns_shell.pdbx_Rsym_value        ? 
_reflns_shell.meanI_over_sigI_obs    ? 
_reflns_shell.pdbx_redundancy        ? 
_reflns_shell.percent_possible_obs   ? 
_reflns_shell.number_unique_all      ? 
_reflns_shell.number_measured_all    ? 
_reflns_shell.number_measured_obs    ? 
_reflns_shell.number_unique_obs      ? 
_reflns_shell.pdbx_chi_squared       ? 
_reflns_shell.pdbx_diffrn_id         ? 
_reflns_shell.pdbx_ordinal           1 
# 
_refine.entry_id                                 2IG0 
_refine.ls_number_reflns_obs                     11775 
_refine.ls_number_reflns_all                     ? 
_refine.pdbx_ls_sigma_I                          ? 
_refine.pdbx_ls_sigma_F                          ? 
_refine.pdbx_data_cutoff_high_absF               ? 
_refine.pdbx_data_cutoff_low_absF                ? 
_refine.pdbx_data_cutoff_high_rms_absF           ? 
_refine.ls_d_res_low                             24.11 
_refine.ls_d_res_high                            1.70 
_refine.ls_percent_reflns_obs                    82.96 
_refine.ls_R_factor_obs                          0.1798 
_refine.ls_R_factor_all                          ? 
_refine.ls_R_factor_R_work                       0.1759 
_refine.ls_R_factor_R_free                       0.25138 
_refine.ls_R_factor_R_free_error                 ? 
_refine.ls_R_factor_R_free_error_details         ? 
_refine.ls_percent_reflns_R_free                 5.1 
_refine.ls_number_reflns_R_free                  629 
_refine.ls_number_parameters                     ? 
_refine.ls_number_restraints                     ? 
_refine.occupancy_min                            ? 
_refine.occupancy_max                            ? 
_refine.correlation_coeff_Fo_to_Fc               .966 
_refine.correlation_coeff_Fo_to_Fc_free          .935 
_refine.B_iso_mean                               33.516 
_refine.aniso_B[1][1]                            .15 
_refine.aniso_B[2][2]                            -.18 
_refine.aniso_B[3][3]                            .06 
_refine.aniso_B[1][2]                            .00 
_refine.aniso_B[1][3]                            .03 
_refine.aniso_B[2][3]                            .00 
_refine.solvent_model_details                    'BABINET MODEL WITH MASK' 
_refine.solvent_model_param_ksol                 ? 
_refine.solvent_model_param_bsol                 ? 
_refine.pdbx_solvent_vdw_probe_radii             1.40 
_refine.pdbx_solvent_ion_probe_radii             .80 
_refine.pdbx_solvent_shrinkage_radii             .80 
_refine.pdbx_ls_cross_valid_method               THROUGHOUT 
_refine.details                                  'HYDROGENS HAVE BEEN ADDED IN THE RIDING POSITIONS' 
_refine.pdbx_starting_model                      ? 
_refine.pdbx_method_to_determine_struct          'MOLECULAR REPLACEMENT' 
_refine.pdbx_isotropic_thermal_model             ? 
_refine.pdbx_stereochemistry_target_values       'MAXIMUM LIKELIHOOD' 
_refine.pdbx_stereochem_target_val_spec_case     ? 
_refine.pdbx_R_Free_selection_details            RANDOM 
_refine.pdbx_overall_ESU_R                       .146 
_refine.pdbx_overall_ESU_R_Free                  .155 
_refine.overall_SU_ML                            .096 
_refine.overall_SU_B                             5.550 
_refine.ls_redundancy_reflns_obs                 ? 
_refine.B_iso_min                                ? 
_refine.B_iso_max                                ? 
_refine.overall_SU_R_Cruickshank_DPI             ? 
_refine.overall_SU_R_free                        ? 
_refine.ls_wR_factor_R_free                      ? 
_refine.ls_wR_factor_R_work                      ? 
_refine.overall_FOM_free_R_set                   ? 
_refine.overall_FOM_work_R_set                   ? 
_refine.pdbx_refine_id                           'X-RAY DIFFRACTION' 
_refine.pdbx_diffrn_id                           1 
_refine.pdbx_TLS_residual_ADP_flag               ? 
_refine.pdbx_overall_phase_error                 ? 
_refine.pdbx_overall_SU_R_free_Cruickshank_DPI   ? 
_refine.pdbx_overall_SU_R_Blow_DPI               ? 
_refine.pdbx_overall_SU_R_free_Blow_DPI          ? 
# 
_refine_hist.pdbx_refine_id                   'X-RAY DIFFRACTION' 
_refine_hist.cycle_id                         LAST 
_refine_hist.pdbx_number_atoms_protein        1119 
_refine_hist.pdbx_number_atoms_nucleic_acid   0 
_refine_hist.pdbx_number_atoms_ligand         5 
_refine_hist.number_atoms_solvent             191 
_refine_hist.number_atoms_total               1315 
_refine_hist.d_res_high                       1.70 
_refine_hist.d_res_low                        24.11 
# 
loop_
_refine_ls_restr.type 
_refine_ls_restr.dev_ideal 
_refine_ls_restr.dev_ideal_target 
_refine_ls_restr.weight 
_refine_ls_restr.number 
_refine_ls_restr.pdbx_refine_id 
_refine_ls_restr.pdbx_restraint_function 
r_bond_refined_d         .024   .022   ? 1159 'X-RAY DIFFRACTION' ? 
r_angle_refined_deg      2.223  1.987  ? 1581 'X-RAY DIFFRACTION' ? 
r_dihedral_angle_1_deg   7.126  5.000  ? 153  'X-RAY DIFFRACTION' ? 
r_dihedral_angle_2_deg   34.034 23.393 ? 56   'X-RAY DIFFRACTION' ? 
r_dihedral_angle_3_deg   18.098 15.000 ? 210  'X-RAY DIFFRACTION' ? 
r_dihedral_angle_4_deg   21.563 15.000 ? 10   'X-RAY DIFFRACTION' ? 
r_chiral_restr           .189   .200   ? 160  'X-RAY DIFFRACTION' ? 
r_gen_planes_refined     .011   .020   ? 923  'X-RAY DIFFRACTION' ? 
r_nbd_refined            .301   .200   ? 575  'X-RAY DIFFRACTION' ? 
r_nbtor_refined          .316   .200   ? 790  'X-RAY DIFFRACTION' ? 
r_xyhbond_nbd_refined    .315   .200   ? 170  'X-RAY DIFFRACTION' ? 
r_symmetry_vdw_refined   .227   .200   ? 40   'X-RAY DIFFRACTION' ? 
r_symmetry_hbond_refined .411   .200   ? 27   'X-RAY DIFFRACTION' ? 
r_mcbond_it              1.601  1.500  ? 716  'X-RAY DIFFRACTION' ? 
r_mcangle_it             2.447  2.000  ? 1130 'X-RAY DIFFRACTION' ? 
r_scbond_it              3.714  3.000  ? 511  'X-RAY DIFFRACTION' ? 
r_scangle_it             5.103  4.500  ? 450  'X-RAY DIFFRACTION' ? 
# 
_refine_ls_shell.pdbx_total_number_of_bins_used   20 
_refine_ls_shell.d_res_high                       1.700 
_refine_ls_shell.d_res_low                        1.744 
_refine_ls_shell.number_reflns_R_work             320 
_refine_ls_shell.R_factor_R_work                  0.197 
_refine_ls_shell.percent_reflns_obs               30.34 
_refine_ls_shell.R_factor_R_free                  0.212 
_refine_ls_shell.R_factor_R_free_error            ? 
_refine_ls_shell.percent_reflns_R_free            ? 
_refine_ls_shell.number_reflns_R_free             15 
_refine_ls_shell.number_reflns_all                ? 
_refine_ls_shell.R_factor_all                     ? 
_refine_ls_shell.number_reflns_obs                ? 
_refine_ls_shell.redundancy_reflns_obs            ? 
_refine_ls_shell.pdbx_refine_id                   'X-RAY DIFFRACTION' 
# 
_struct.entry_id                  2IG0 
_struct.title                     'Structure of 53BP1/methylated histone peptide complex' 
_struct.pdbx_model_details        ? 
_struct.pdbx_CASP_flag            ? 
_struct.pdbx_model_type_details   ? 
# 
_struct_keywords.entry_id        2IG0 
_struct_keywords.pdbx_keywords   'CELL CYCLE' 
_struct_keywords.text            'TANDEM TUDOR DOMAINS, DIMETHYLATED HISTONE H4, DNA REPAIR, CELL CYCLE REGULATION, CELL CYCLE' 
# 
loop_
_struct_asym.id 
_struct_asym.pdbx_blank_PDB_chainid_flag 
_struct_asym.pdbx_modified 
_struct_asym.entity_id 
_struct_asym.details 
A N N 1 ? 
B N N 2 ? 
C N N 3 ? 
D N N 4 ? 
E N N 4 ? 
# 
loop_
_struct_ref.id 
_struct_ref.db_name 
_struct_ref.db_code 
_struct_ref.pdbx_db_accession 
_struct_ref.entity_id 
_struct_ref.pdbx_seq_one_letter_code 
_struct_ref.pdbx_align_begin 
_struct_ref.pdbx_db_isoform 
1 UNP TP53B_HUMAN Q12888 1 
;NSFVGLRVVAKWSSNGYFYSGKITRDVGAGKYKLLFDDGYECDVLGKDILLCDPIPLDTEVTALSEDEYFSAGVVKGHRK
ESGELYYSIEKEGQRKWYKRMAVILSLEQGNRLREQYGLG
;
1484 ? 
2 PDB 2IG0        2IG0   2 ? ?    ? 
# 
loop_
_struct_ref_seq.align_id 
_struct_ref_seq.ref_id 
_struct_ref_seq.pdbx_PDB_id_code 
_struct_ref_seq.pdbx_strand_id 
_struct_ref_seq.seq_align_beg 
_struct_ref_seq.pdbx_seq_align_beg_ins_code 
_struct_ref_seq.seq_align_end 
_struct_ref_seq.pdbx_seq_align_end_ins_code 
_struct_ref_seq.pdbx_db_accession 
_struct_ref_seq.db_align_beg 
_struct_ref_seq.pdbx_db_align_beg_ins_code 
_struct_ref_seq.db_align_end 
_struct_ref_seq.pdbx_db_align_end_ins_code 
_struct_ref_seq.pdbx_auth_seq_align_beg 
_struct_ref_seq.pdbx_auth_seq_align_end 
1 1 2IG0 A 4 ? 123 ? Q12888 1484 ? 1603 ? 1484 1603 
2 2 2IG0 B 1 ? 10  ? 2IG0   16   ? 25   ? 16   25   
# 
loop_
_struct_ref_seq_dif.align_id 
_struct_ref_seq_dif.pdbx_pdb_id_code 
_struct_ref_seq_dif.mon_id 
_struct_ref_seq_dif.pdbx_pdb_strand_id 
_struct_ref_seq_dif.seq_num 
_struct_ref_seq_dif.pdbx_pdb_ins_code 
_struct_ref_seq_dif.pdbx_seq_db_name 
_struct_ref_seq_dif.pdbx_seq_db_accession_code 
_struct_ref_seq_dif.db_mon_id 
_struct_ref_seq_dif.pdbx_seq_db_seq_num 
_struct_ref_seq_dif.details 
_struct_ref_seq_dif.pdbx_auth_seq_num 
_struct_ref_seq_dif.pdbx_ordinal 
1 2IG0 GLY A 1 ? UNP Q12888 ? ? 'cloning artifact' 1481 1 
1 2IG0 HIS A 2 ? UNP Q12888 ? ? 'cloning artifact' 1482 2 
1 2IG0 MET A 3 ? UNP Q12888 ? ? 'cloning artifact' 1483 3 
# 
_pdbx_struct_assembly.id                   1 
_pdbx_struct_assembly.details              author_defined_assembly 
_pdbx_struct_assembly.method_details       ? 
_pdbx_struct_assembly.oligomeric_details   dimeric 
_pdbx_struct_assembly.oligomeric_count     2 
# 
_pdbx_struct_assembly_gen.assembly_id       1 
_pdbx_struct_assembly_gen.oper_expression   1 
_pdbx_struct_assembly_gen.asym_id_list      A,B,C,D,E 
# 
_pdbx_struct_oper_list.id                   1 
_pdbx_struct_oper_list.type                 'identity operation' 
_pdbx_struct_oper_list.name                 1_555 
_pdbx_struct_oper_list.symmetry_operation   x,y,z 
_pdbx_struct_oper_list.matrix[1][1]         1.0000000000 
_pdbx_struct_oper_list.matrix[1][2]         0.0000000000 
_pdbx_struct_oper_list.matrix[1][3]         0.0000000000 
_pdbx_struct_oper_list.vector[1]            0.0000000000 
_pdbx_struct_oper_list.matrix[2][1]         0.0000000000 
_pdbx_struct_oper_list.matrix[2][2]         1.0000000000 
_pdbx_struct_oper_list.matrix[2][3]         0.0000000000 
_pdbx_struct_oper_list.vector[2]            0.0000000000 
_pdbx_struct_oper_list.matrix[3][1]         0.0000000000 
_pdbx_struct_oper_list.matrix[3][2]         0.0000000000 
_pdbx_struct_oper_list.matrix[3][3]         1.0000000000 
_pdbx_struct_oper_list.vector[3]            0.0000000000 
# 
_struct_biol.id                    1 
_struct_biol.details               ? 
_struct_biol.pdbx_parent_biol_id   ? 
# 
loop_
_struct_conf.conf_type_id 
_struct_conf.id 
_struct_conf.pdbx_PDB_helix_id 
_struct_conf.beg_label_comp_id 
_struct_conf.beg_label_asym_id 
_struct_conf.beg_label_seq_id 
_struct_conf.pdbx_beg_PDB_ins_code 
_struct_conf.end_label_comp_id 
_struct_conf.end_label_asym_id 
_struct_conf.end_label_seq_id 
_struct_conf.pdbx_end_PDB_ins_code 
_struct_conf.beg_auth_comp_id 
_struct_conf.beg_auth_asym_id 
_struct_conf.beg_auth_seq_id 
_struct_conf.end_auth_comp_id 
_struct_conf.end_auth_asym_id 
_struct_conf.end_auth_seq_id 
_struct_conf.pdbx_PDB_helix_class 
_struct_conf.details 
_struct_conf.pdbx_PDB_helix_length 
HELX_P HELX_P1 1 SER A 109 ? ARG A 115 ? SER A 1589 ARG A 1595 1 ? 7 
HELX_P HELX_P2 2 LEU A 116 ? GLY A 121 ? LEU A 1596 GLY A 1601 1 ? 6 
# 
_struct_conf_type.id          HELX_P 
_struct_conf_type.criteria    ? 
_struct_conf_type.reference   ? 
# 
_struct_conn.id                            covale1 
_struct_conn.conn_type_id                  covale 
_struct_conn.pdbx_leaving_atom_flag        both 
_struct_conn.pdbx_PDB_id                   ? 
_struct_conn.ptnr1_label_asym_id           B 
_struct_conn.ptnr1_label_comp_id           ARG 
_struct_conn.ptnr1_label_seq_id            4 
_struct_conn.ptnr1_label_atom_id           C 
_struct_conn.pdbx_ptnr1_label_alt_id       ? 
_struct_conn.pdbx_ptnr1_PDB_ins_code       ? 
_struct_conn.pdbx_ptnr1_standard_comp_id   ? 
_struct_conn.ptnr1_symmetry                1_555 
_struct_conn.ptnr2_label_asym_id           B 
_struct_conn.ptnr2_label_comp_id           MLY 
_struct_conn.ptnr2_label_seq_id            5 
_struct_conn.ptnr2_label_atom_id           N 
_struct_conn.pdbx_ptnr2_label_alt_id       ? 
_struct_conn.pdbx_ptnr2_PDB_ins_code       ? 
_struct_conn.ptnr1_auth_asym_id            B 
_struct_conn.ptnr1_auth_comp_id            ARG 
_struct_conn.ptnr1_auth_seq_id             19 
_struct_conn.ptnr2_auth_asym_id            B 
_struct_conn.ptnr2_auth_comp_id            MLY 
_struct_conn.ptnr2_auth_seq_id             20 
_struct_conn.ptnr2_symmetry                1_555 
_struct_conn.pdbx_ptnr3_label_atom_id      ? 
_struct_conn.pdbx_ptnr3_label_seq_id       ? 
_struct_conn.pdbx_ptnr3_label_comp_id      ? 
_struct_conn.pdbx_ptnr3_label_asym_id      ? 
_struct_conn.pdbx_ptnr3_label_alt_id       ? 
_struct_conn.pdbx_ptnr3_PDB_ins_code       ? 
_struct_conn.details                       ? 
_struct_conn.pdbx_dist_value               1.337 
_struct_conn.pdbx_value_order              ? 
_struct_conn.pdbx_role                     ? 
# 
_struct_conn_type.id          covale 
_struct_conn_type.criteria    ? 
_struct_conn_type.reference   ? 
# 
_pdbx_modification_feature.ordinal                            1 
_pdbx_modification_feature.label_comp_id                      MLY 
_pdbx_modification_feature.label_asym_id                      B 
_pdbx_modification_feature.label_seq_id                       5 
_pdbx_modification_feature.label_alt_id                       ? 
_pdbx_modification_feature.modified_residue_label_comp_id     . 
_pdbx_modification_feature.modified_residue_label_asym_id     . 
_pdbx_modification_feature.modified_residue_label_seq_id      . 
_pdbx_modification_feature.modified_residue_label_alt_id      . 
_pdbx_modification_feature.auth_comp_id                       MLY 
_pdbx_modification_feature.auth_asym_id                       B 
_pdbx_modification_feature.auth_seq_id                        20 
_pdbx_modification_feature.PDB_ins_code                       ? 
_pdbx_modification_feature.symmetry                           1_555 
_pdbx_modification_feature.modified_residue_auth_comp_id      . 
_pdbx_modification_feature.modified_residue_auth_asym_id      . 
_pdbx_modification_feature.modified_residue_auth_seq_id       . 
_pdbx_modification_feature.modified_residue_PDB_ins_code      . 
_pdbx_modification_feature.modified_residue_symmetry          . 
_pdbx_modification_feature.comp_id_linking_atom               . 
_pdbx_modification_feature.modified_residue_id_linking_atom   . 
_pdbx_modification_feature.modified_residue_id                LYS 
_pdbx_modification_feature.ref_pcm_id                         1 
_pdbx_modification_feature.ref_comp_id                        MLY 
_pdbx_modification_feature.type                               Methylation 
_pdbx_modification_feature.category                           'Named protein modification' 
# 
loop_
_struct_mon_prot_cis.pdbx_id 
_struct_mon_prot_cis.label_comp_id 
_struct_mon_prot_cis.label_seq_id 
_struct_mon_prot_cis.label_asym_id 
_struct_mon_prot_cis.label_alt_id 
_struct_mon_prot_cis.pdbx_PDB_ins_code 
_struct_mon_prot_cis.auth_comp_id 
_struct_mon_prot_cis.auth_seq_id 
_struct_mon_prot_cis.auth_asym_id 
_struct_mon_prot_cis.pdbx_label_comp_id_2 
_struct_mon_prot_cis.pdbx_label_seq_id_2 
_struct_mon_prot_cis.pdbx_label_asym_id_2 
_struct_mon_prot_cis.pdbx_PDB_ins_code_2 
_struct_mon_prot_cis.pdbx_auth_comp_id_2 
_struct_mon_prot_cis.pdbx_auth_seq_id_2 
_struct_mon_prot_cis.pdbx_auth_asym_id_2 
_struct_mon_prot_cis.pdbx_PDB_model_num 
_struct_mon_prot_cis.pdbx_omega_angle 
1 ASP 56 A . ? ASP 1536 A PRO 57 A ? PRO 1537 A 1 14.01 
2 ASP 56 A . ? ASP 1536 A PRO 57 A ? PRO 1537 A 1 -8.62 
# 
loop_
_struct_sheet.id 
_struct_sheet.type 
_struct_sheet.number_strands 
_struct_sheet.details 
A ? 5 ? 
B ? 5 ? 
# 
loop_
_struct_sheet_order.sheet_id 
_struct_sheet_order.range_id_1 
_struct_sheet_order.range_id_2 
_struct_sheet_order.offset 
_struct_sheet_order.sense 
A 1 2 ? anti-parallel 
A 2 3 ? anti-parallel 
A 3 4 ? anti-parallel 
A 4 5 ? anti-parallel 
B 1 2 ? anti-parallel 
B 2 3 ? anti-parallel 
B 3 4 ? anti-parallel 
B 4 5 ? anti-parallel 
# 
loop_
_struct_sheet_range.sheet_id 
_struct_sheet_range.id 
_struct_sheet_range.beg_label_comp_id 
_struct_sheet_range.beg_label_asym_id 
_struct_sheet_range.beg_label_seq_id 
_struct_sheet_range.pdbx_beg_PDB_ins_code 
_struct_sheet_range.end_label_comp_id 
_struct_sheet_range.end_label_asym_id 
_struct_sheet_range.end_label_seq_id 
_struct_sheet_range.pdbx_end_PDB_ins_code 
_struct_sheet_range.beg_auth_comp_id 
_struct_sheet_range.beg_auth_asym_id 
_struct_sheet_range.beg_auth_seq_id 
_struct_sheet_range.end_auth_comp_id 
_struct_sheet_range.end_auth_asym_id 
_struct_sheet_range.end_auth_seq_id 
A 1 GLU A 44  ? LEU A 48  ? GLU A 1524 LEU A 1528 
A 2 LYS A 34  ? PHE A 39  ? LYS A 1514 PHE A 1519 
A 3 PHE A 21  ? GLY A 31  ? PHE A 1501 GLY A 1511 
A 4 ARG A 10  ? LYS A 14  ? ARG A 1490 LYS A 1494 
A 5 ILE A 52  ? LEU A 53  ? ILE A 1532 LEU A 1533 
B 1 GLN A 97  ? LYS A 102 ? GLN A 1577 LYS A 1582 
B 2 GLU A 87  ? LYS A 94  ? GLU A 1567 LYS A 1574 
B 3 PHE A 73  ? GLU A 84  ? PHE A 1553 GLU A 1564 
B 4 GLU A 63  ? LEU A 67  ? GLU A 1543 LEU A 1547 
B 5 VAL A 106 ? ILE A 107 ? VAL A 1586 ILE A 1587 
# 
loop_
_pdbx_struct_sheet_hbond.sheet_id 
_pdbx_struct_sheet_hbond.range_id_1 
_pdbx_struct_sheet_hbond.range_id_2 
_pdbx_struct_sheet_hbond.range_1_label_atom_id 
_pdbx_struct_sheet_hbond.range_1_label_comp_id 
_pdbx_struct_sheet_hbond.range_1_label_asym_id 
_pdbx_struct_sheet_hbond.range_1_label_seq_id 
_pdbx_struct_sheet_hbond.range_1_PDB_ins_code 
_pdbx_struct_sheet_hbond.range_1_auth_atom_id 
_pdbx_struct_sheet_hbond.range_1_auth_comp_id 
_pdbx_struct_sheet_hbond.range_1_auth_asym_id 
_pdbx_struct_sheet_hbond.range_1_auth_seq_id 
_pdbx_struct_sheet_hbond.range_2_label_atom_id 
_pdbx_struct_sheet_hbond.range_2_label_comp_id 
_pdbx_struct_sheet_hbond.range_2_label_asym_id 
_pdbx_struct_sheet_hbond.range_2_label_seq_id 
_pdbx_struct_sheet_hbond.range_2_PDB_ins_code 
_pdbx_struct_sheet_hbond.range_2_auth_atom_id 
_pdbx_struct_sheet_hbond.range_2_auth_comp_id 
_pdbx_struct_sheet_hbond.range_2_auth_asym_id 
_pdbx_struct_sheet_hbond.range_2_auth_seq_id 
A 1 2 O CYS A 45  ? O CYS A 1525 N LEU A 37  ? N LEU A 1517 
A 2 3 O LYS A 36  ? O LYS A 1516 N ARG A 28  ? N ARG A 1508 
A 3 4 O TYR A 22  ? O TYR A 1502 N ALA A 13  ? N ALA A 1493 
A 4 5 N VAL A 12  ? N VAL A 1492 O LEU A 53  ? O LEU A 1533 
B 1 2 O TYR A 101 ? O TYR A 1581 N TYR A 90  ? N TYR A 1570 
B 2 3 O SER A 91  ? O SER A 1571 N LYS A 79  ? N LYS A 1559 
B 3 4 O GLY A 76  ? O GLY A 1556 N VAL A 64  ? N VAL A 1544 
B 4 5 N THR A 65  ? N THR A 1545 O ILE A 107 ? O ILE A 1587 
# 
_struct_site.id                   AC1 
_struct_site.pdbx_evidence_code   Software 
_struct_site.pdbx_auth_asym_id    A 
_struct_site.pdbx_auth_comp_id    SO4 
_struct_site.pdbx_auth_seq_id     201 
_struct_site.pdbx_auth_ins_code   ? 
_struct_site.pdbx_num_residues    7 
_struct_site.details              'BINDING SITE FOR RESIDUE SO4 A 201' 
# 
loop_
_struct_site_gen.id 
_struct_site_gen.site_id 
_struct_site_gen.pdbx_num_res 
_struct_site_gen.label_comp_id 
_struct_site_gen.label_asym_id 
_struct_site_gen.label_seq_id 
_struct_site_gen.pdbx_auth_ins_code 
_struct_site_gen.auth_comp_id 
_struct_site_gen.auth_asym_id 
_struct_site_gen.auth_seq_id 
_struct_site_gen.label_atom_id 
_struct_site_gen.label_alt_id 
_struct_site_gen.symmetry 
_struct_site_gen.details 
1 AC1 7 HOH D .  ? HOH A 149  . ? 1_555 ? 
2 AC1 7 LYS A 79 ? LYS A 1559 . ? 1_555 ? 
3 AC1 7 LYS A 83 ? LYS A 1563 . ? 2_656 ? 
4 AC1 7 GLU A 84 ? GLU A 1564 . ? 2_656 ? 
5 AC1 7 SER A 85 ? SER A 1565 . ? 2_656 ? 
6 AC1 7 GLU A 93 ? GLU A 1573 . ? 1_555 ? 
7 AC1 7 ARG A 98 ? ARG A 1578 . ? 1_555 ? 
# 
_pdbx_entry_details.entry_id                   2IG0 
_pdbx_entry_details.compound_details           ? 
_pdbx_entry_details.source_details             ? 
_pdbx_entry_details.nonpolymer_details         ? 
_pdbx_entry_details.sequence_details           ? 
_pdbx_entry_details.has_ligand_of_interest     ? 
_pdbx_entry_details.has_protein_modification   Y 
# 
loop_
_pdbx_validate_close_contact.id 
_pdbx_validate_close_contact.PDB_model_num 
_pdbx_validate_close_contact.auth_atom_id_1 
_pdbx_validate_close_contact.auth_asym_id_1 
_pdbx_validate_close_contact.auth_comp_id_1 
_pdbx_validate_close_contact.auth_seq_id_1 
_pdbx_validate_close_contact.PDB_ins_code_1 
_pdbx_validate_close_contact.label_alt_id_1 
_pdbx_validate_close_contact.auth_atom_id_2 
_pdbx_validate_close_contact.auth_asym_id_2 
_pdbx_validate_close_contact.auth_comp_id_2 
_pdbx_validate_close_contact.auth_seq_id_2 
_pdbx_validate_close_contact.PDB_ins_code_2 
_pdbx_validate_close_contact.label_alt_id_2 
_pdbx_validate_close_contact.dist 
1  1 OD1 A ASP 1531 ? ? NH2 A ARG 1597 ? B 1.69 
2  1 O   A HOH 131  ? ? O   A HOH 170  ? ? 1.76 
3  1 CG  A MET 1584 ? B O   A HOH 116  ? ? 1.90 
4  1 O   A HOH 131  ? ? O   A HOH 139  ? ? 1.92 
5  1 OE2 A GLU 1575 ? B O   A HOH 47   ? ? 1.98 
6  1 O   A GLU 1575 ? A O   A HOH 178  ? ? 1.99 
7  1 O   A HOH 138  ? ? O   A HOH 163  ? ? 2.01 
8  1 O3  A SO4 201  ? ? O   A HOH 149  ? ? 2.02 
9  1 O   A HOH 159  ? ? O   A HOH 178  ? ? 2.06 
10 1 CH2 B MLY 20   ? ? O   B HOH 161  ? ? 2.06 
11 1 CG  A LEU 1534 ? ? O   A HOH 177  ? ? 2.09 
12 1 O   A GLU 1575 ? B O   A HOH 178  ? ? 2.19 
13 1 OH  A TYR 1523 ? ? O   A HOH 172  ? ? 2.19 
# 
loop_
_pdbx_validate_symm_contact.id 
_pdbx_validate_symm_contact.PDB_model_num 
_pdbx_validate_symm_contact.auth_atom_id_1 
_pdbx_validate_symm_contact.auth_asym_id_1 
_pdbx_validate_symm_contact.auth_comp_id_1 
_pdbx_validate_symm_contact.auth_seq_id_1 
_pdbx_validate_symm_contact.PDB_ins_code_1 
_pdbx_validate_symm_contact.label_alt_id_1 
_pdbx_validate_symm_contact.site_symmetry_1 
_pdbx_validate_symm_contact.auth_atom_id_2 
_pdbx_validate_symm_contact.auth_asym_id_2 
_pdbx_validate_symm_contact.auth_comp_id_2 
_pdbx_validate_symm_contact.auth_seq_id_2 
_pdbx_validate_symm_contact.PDB_ins_code_2 
_pdbx_validate_symm_contact.label_alt_id_2 
_pdbx_validate_symm_contact.site_symmetry_2 
_pdbx_validate_symm_contact.dist 
1 1 O A HOH 31  ? ? 1_555 O A HOH 31  ? ? 2_656 1.19 
2 1 O A HOH 121 ? ? 1_555 O A HOH 122 ? ? 2_656 2.01 
# 
_pdbx_validate_rmsd_angle.id                         1 
_pdbx_validate_rmsd_angle.PDB_model_num              1 
_pdbx_validate_rmsd_angle.auth_atom_id_1             NE 
_pdbx_validate_rmsd_angle.auth_asym_id_1             A 
_pdbx_validate_rmsd_angle.auth_comp_id_1             ARG 
_pdbx_validate_rmsd_angle.auth_seq_id_1              1490 
_pdbx_validate_rmsd_angle.PDB_ins_code_1             ? 
_pdbx_validate_rmsd_angle.label_alt_id_1             ? 
_pdbx_validate_rmsd_angle.auth_atom_id_2             CZ 
_pdbx_validate_rmsd_angle.auth_asym_id_2             A 
_pdbx_validate_rmsd_angle.auth_comp_id_2             ARG 
_pdbx_validate_rmsd_angle.auth_seq_id_2              1490 
_pdbx_validate_rmsd_angle.PDB_ins_code_2             ? 
_pdbx_validate_rmsd_angle.label_alt_id_2             ? 
_pdbx_validate_rmsd_angle.auth_atom_id_3             NH2 
_pdbx_validate_rmsd_angle.auth_asym_id_3             A 
_pdbx_validate_rmsd_angle.auth_comp_id_3             ARG 
_pdbx_validate_rmsd_angle.auth_seq_id_3              1490 
_pdbx_validate_rmsd_angle.PDB_ins_code_3             ? 
_pdbx_validate_rmsd_angle.label_alt_id_3             ? 
_pdbx_validate_rmsd_angle.angle_value                116.90 
_pdbx_validate_rmsd_angle.angle_target_value         120.30 
_pdbx_validate_rmsd_angle.angle_deviation            -3.40 
_pdbx_validate_rmsd_angle.angle_standard_deviation   0.50 
_pdbx_validate_rmsd_angle.linker_flag                N 
# 
loop_
_pdbx_validate_torsion.id 
_pdbx_validate_torsion.PDB_model_num 
_pdbx_validate_torsion.auth_comp_id 
_pdbx_validate_torsion.auth_asym_id 
_pdbx_validate_torsion.auth_seq_id 
_pdbx_validate_torsion.PDB_ins_code 
_pdbx_validate_torsion.label_alt_id 
_pdbx_validate_torsion.phi 
_pdbx_validate_torsion.psi 
1 1 GLU A 1564 ? A -160.99 117.12 
2 1 LEU A 1602 ? ? -96.56  31.36  
# 
_pdbx_struct_mod_residue.id               1 
_pdbx_struct_mod_residue.label_asym_id    B 
_pdbx_struct_mod_residue.label_comp_id    MLY 
_pdbx_struct_mod_residue.label_seq_id     5 
_pdbx_struct_mod_residue.auth_asym_id     B 
_pdbx_struct_mod_residue.auth_comp_id     MLY 
_pdbx_struct_mod_residue.auth_seq_id      20 
_pdbx_struct_mod_residue.PDB_ins_code     ? 
_pdbx_struct_mod_residue.parent_comp_id   LYS 
_pdbx_struct_mod_residue.details          N-DIMETHYL-LYSINE 
# 
_pdbx_struct_special_symmetry.id              1 
_pdbx_struct_special_symmetry.PDB_model_num   1 
_pdbx_struct_special_symmetry.auth_asym_id    A 
_pdbx_struct_special_symmetry.auth_comp_id    HOH 
_pdbx_struct_special_symmetry.auth_seq_id     65 
_pdbx_struct_special_symmetry.PDB_ins_code    ? 
_pdbx_struct_special_symmetry.label_asym_id   D 
_pdbx_struct_special_symmetry.label_comp_id   HOH 
_pdbx_struct_special_symmetry.label_seq_id    . 
# 
loop_
_pdbx_unobs_or_zero_occ_residues.id 
_pdbx_unobs_or_zero_occ_residues.PDB_model_num 
_pdbx_unobs_or_zero_occ_residues.polymer_flag 
_pdbx_unobs_or_zero_occ_residues.occupancy_flag 
_pdbx_unobs_or_zero_occ_residues.auth_asym_id 
_pdbx_unobs_or_zero_occ_residues.auth_comp_id 
_pdbx_unobs_or_zero_occ_residues.auth_seq_id 
_pdbx_unobs_or_zero_occ_residues.PDB_ins_code 
_pdbx_unobs_or_zero_occ_residues.label_asym_id 
_pdbx_unobs_or_zero_occ_residues.label_comp_id 
_pdbx_unobs_or_zero_occ_residues.label_seq_id 
1  1 Y 1 A GLY 1481 ? A GLY 1  
2  1 Y 1 A HIS 1482 ? A HIS 2  
3  1 Y 1 A MET 1483 ? A MET 3  
4  1 Y 1 A ASN 1484 ? A ASN 4  
5  1 Y 1 B LYS 16   ? B LYS 1  
6  1 Y 1 B ARG 17   ? B ARG 2  
7  1 Y 1 B HIS 18   ? B HIS 3  
8  1 Y 1 B VAL 21   ? B VAL 6  
9  1 Y 1 B LEU 22   ? B LEU 7  
10 1 Y 1 B ARG 23   ? B ARG 8  
11 1 Y 1 B ASP 24   ? B ASP 9  
12 1 Y 1 B ASN 25   ? B ASN 10 
# 
loop_
_chem_comp_atom.comp_id 
_chem_comp_atom.atom_id 
_chem_comp_atom.type_symbol 
_chem_comp_atom.pdbx_aromatic_flag 
_chem_comp_atom.pdbx_stereo_config 
_chem_comp_atom.pdbx_ordinal 
ALA N    N N N 1   
ALA CA   C N S 2   
ALA C    C N N 3   
ALA O    O N N 4   
ALA CB   C N N 5   
ALA OXT  O N N 6   
ALA H    H N N 7   
ALA H2   H N N 8   
ALA HA   H N N 9   
ALA HB1  H N N 10  
ALA HB2  H N N 11  
ALA HB3  H N N 12  
ALA HXT  H N N 13  
ARG N    N N N 14  
ARG CA   C N S 15  
ARG C    C N N 16  
ARG O    O N N 17  
ARG CB   C N N 18  
ARG CG   C N N 19  
ARG CD   C N N 20  
ARG NE   N N N 21  
ARG CZ   C N N 22  
ARG NH1  N N N 23  
ARG NH2  N N N 24  
ARG OXT  O N N 25  
ARG H    H N N 26  
ARG H2   H N N 27  
ARG HA   H N N 28  
ARG HB2  H N N 29  
ARG HB3  H N N 30  
ARG HG2  H N N 31  
ARG HG3  H N N 32  
ARG HD2  H N N 33  
ARG HD3  H N N 34  
ARG HE   H N N 35  
ARG HH11 H N N 36  
ARG HH12 H N N 37  
ARG HH21 H N N 38  
ARG HH22 H N N 39  
ARG HXT  H N N 40  
ASN N    N N N 41  
ASN CA   C N S 42  
ASN C    C N N 43  
ASN O    O N N 44  
ASN CB   C N N 45  
ASN CG   C N N 46  
ASN OD1  O N N 47  
ASN ND2  N N N 48  
ASN OXT  O N N 49  
ASN H    H N N 50  
ASN H2   H N N 51  
ASN HA   H N N 52  
ASN HB2  H N N 53  
ASN HB3  H N N 54  
ASN HD21 H N N 55  
ASN HD22 H N N 56  
ASN HXT  H N N 57  
ASP N    N N N 58  
ASP CA   C N S 59  
ASP C    C N N 60  
ASP O    O N N 61  
ASP CB   C N N 62  
ASP CG   C N N 63  
ASP OD1  O N N 64  
ASP OD2  O N N 65  
ASP OXT  O N N 66  
ASP H    H N N 67  
ASP H2   H N N 68  
ASP HA   H N N 69  
ASP HB2  H N N 70  
ASP HB3  H N N 71  
ASP HD2  H N N 72  
ASP HXT  H N N 73  
CYS N    N N N 74  
CYS CA   C N R 75  
CYS C    C N N 76  
CYS O    O N N 77  
CYS CB   C N N 78  
CYS SG   S N N 79  
CYS OXT  O N N 80  
CYS H    H N N 81  
CYS H2   H N N 82  
CYS HA   H N N 83  
CYS HB2  H N N 84  
CYS HB3  H N N 85  
CYS HG   H N N 86  
CYS HXT  H N N 87  
GLN N    N N N 88  
GLN CA   C N S 89  
GLN C    C N N 90  
GLN O    O N N 91  
GLN CB   C N N 92  
GLN CG   C N N 93  
GLN CD   C N N 94  
GLN OE1  O N N 95  
GLN NE2  N N N 96  
GLN OXT  O N N 97  
GLN H    H N N 98  
GLN H2   H N N 99  
GLN HA   H N N 100 
GLN HB2  H N N 101 
GLN HB3  H N N 102 
GLN HG2  H N N 103 
GLN HG3  H N N 104 
GLN HE21 H N N 105 
GLN HE22 H N N 106 
GLN HXT  H N N 107 
GLU N    N N N 108 
GLU CA   C N S 109 
GLU C    C N N 110 
GLU O    O N N 111 
GLU CB   C N N 112 
GLU CG   C N N 113 
GLU CD   C N N 114 
GLU OE1  O N N 115 
GLU OE2  O N N 116 
GLU OXT  O N N 117 
GLU H    H N N 118 
GLU H2   H N N 119 
GLU HA   H N N 120 
GLU HB2  H N N 121 
GLU HB3  H N N 122 
GLU HG2  H N N 123 
GLU HG3  H N N 124 
GLU HE2  H N N 125 
GLU HXT  H N N 126 
GLY N    N N N 127 
GLY CA   C N N 128 
GLY C    C N N 129 
GLY O    O N N 130 
GLY OXT  O N N 131 
GLY H    H N N 132 
GLY H2   H N N 133 
GLY HA2  H N N 134 
GLY HA3  H N N 135 
GLY HXT  H N N 136 
HIS N    N N N 137 
HIS CA   C N S 138 
HIS C    C N N 139 
HIS O    O N N 140 
HIS CB   C N N 141 
HIS CG   C Y N 142 
HIS ND1  N Y N 143 
HIS CD2  C Y N 144 
HIS CE1  C Y N 145 
HIS NE2  N Y N 146 
HIS OXT  O N N 147 
HIS H    H N N 148 
HIS H2   H N N 149 
HIS HA   H N N 150 
HIS HB2  H N N 151 
HIS HB3  H N N 152 
HIS HD1  H N N 153 
HIS HD2  H N N 154 
HIS HE1  H N N 155 
HIS HE2  H N N 156 
HIS HXT  H N N 157 
HOH O    O N N 158 
HOH H1   H N N 159 
HOH H2   H N N 160 
ILE N    N N N 161 
ILE CA   C N S 162 
ILE C    C N N 163 
ILE O    O N N 164 
ILE CB   C N S 165 
ILE CG1  C N N 166 
ILE CG2  C N N 167 
ILE CD1  C N N 168 
ILE OXT  O N N 169 
ILE H    H N N 170 
ILE H2   H N N 171 
ILE HA   H N N 172 
ILE HB   H N N 173 
ILE HG12 H N N 174 
ILE HG13 H N N 175 
ILE HG21 H N N 176 
ILE HG22 H N N 177 
ILE HG23 H N N 178 
ILE HD11 H N N 179 
ILE HD12 H N N 180 
ILE HD13 H N N 181 
ILE HXT  H N N 182 
LEU N    N N N 183 
LEU CA   C N S 184 
LEU C    C N N 185 
LEU O    O N N 186 
LEU CB   C N N 187 
LEU CG   C N N 188 
LEU CD1  C N N 189 
LEU CD2  C N N 190 
LEU OXT  O N N 191 
LEU H    H N N 192 
LEU H2   H N N 193 
LEU HA   H N N 194 
LEU HB2  H N N 195 
LEU HB3  H N N 196 
LEU HG   H N N 197 
LEU HD11 H N N 198 
LEU HD12 H N N 199 
LEU HD13 H N N 200 
LEU HD21 H N N 201 
LEU HD22 H N N 202 
LEU HD23 H N N 203 
LEU HXT  H N N 204 
LYS N    N N N 205 
LYS CA   C N S 206 
LYS C    C N N 207 
LYS O    O N N 208 
LYS CB   C N N 209 
LYS CG   C N N 210 
LYS CD   C N N 211 
LYS CE   C N N 212 
LYS NZ   N N N 213 
LYS OXT  O N N 214 
LYS H    H N N 215 
LYS H2   H N N 216 
LYS HA   H N N 217 
LYS HB2  H N N 218 
LYS HB3  H N N 219 
LYS HG2  H N N 220 
LYS HG3  H N N 221 
LYS HD2  H N N 222 
LYS HD3  H N N 223 
LYS HE2  H N N 224 
LYS HE3  H N N 225 
LYS HZ1  H N N 226 
LYS HZ2  H N N 227 
LYS HZ3  H N N 228 
LYS HXT  H N N 229 
MET N    N N N 230 
MET CA   C N S 231 
MET C    C N N 232 
MET O    O N N 233 
MET CB   C N N 234 
MET CG   C N N 235 
MET SD   S N N 236 
MET CE   C N N 237 
MET OXT  O N N 238 
MET H    H N N 239 
MET H2   H N N 240 
MET HA   H N N 241 
MET HB2  H N N 242 
MET HB3  H N N 243 
MET HG2  H N N 244 
MET HG3  H N N 245 
MET HE1  H N N 246 
MET HE2  H N N 247 
MET HE3  H N N 248 
MET HXT  H N N 249 
MLY N    N N N 250 
MLY CA   C N S 251 
MLY CB   C N N 252 
MLY CG   C N N 253 
MLY CD   C N N 254 
MLY CE   C N N 255 
MLY NZ   N N N 256 
MLY CH1  C N N 257 
MLY CH2  C N N 258 
MLY C    C N N 259 
MLY O    O N N 260 
MLY OXT  O N N 261 
MLY H    H N N 262 
MLY H2   H N N 263 
MLY HA   H N N 264 
MLY HB2  H N N 265 
MLY HB3  H N N 266 
MLY HG2  H N N 267 
MLY HG3  H N N 268 
MLY HD2  H N N 269 
MLY HD3  H N N 270 
MLY HE2  H N N 271 
MLY HE3  H N N 272 
MLY HH11 H N N 273 
MLY HH12 H N N 274 
MLY HH13 H N N 275 
MLY HH21 H N N 276 
MLY HH22 H N N 277 
MLY HH23 H N N 278 
MLY HXT  H N N 279 
PHE N    N N N 280 
PHE CA   C N S 281 
PHE C    C N N 282 
PHE O    O N N 283 
PHE CB   C N N 284 
PHE CG   C Y N 285 
PHE CD1  C Y N 286 
PHE CD2  C Y N 287 
PHE CE1  C Y N 288 
PHE CE2  C Y N 289 
PHE CZ   C Y N 290 
PHE OXT  O N N 291 
PHE H    H N N 292 
PHE H2   H N N 293 
PHE HA   H N N 294 
PHE HB2  H N N 295 
PHE HB3  H N N 296 
PHE HD1  H N N 297 
PHE HD2  H N N 298 
PHE HE1  H N N 299 
PHE HE2  H N N 300 
PHE HZ   H N N 301 
PHE HXT  H N N 302 
PRO N    N N N 303 
PRO CA   C N S 304 
PRO C    C N N 305 
PRO O    O N N 306 
PRO CB   C N N 307 
PRO CG   C N N 308 
PRO CD   C N N 309 
PRO OXT  O N N 310 
PRO H    H N N 311 
PRO HA   H N N 312 
PRO HB2  H N N 313 
PRO HB3  H N N 314 
PRO HG2  H N N 315 
PRO HG3  H N N 316 
PRO HD2  H N N 317 
PRO HD3  H N N 318 
PRO HXT  H N N 319 
SER N    N N N 320 
SER CA   C N S 321 
SER C    C N N 322 
SER O    O N N 323 
SER CB   C N N 324 
SER OG   O N N 325 
SER OXT  O N N 326 
SER H    H N N 327 
SER H2   H N N 328 
SER HA   H N N 329 
SER HB2  H N N 330 
SER HB3  H N N 331 
SER HG   H N N 332 
SER HXT  H N N 333 
SO4 S    S N N 334 
SO4 O1   O N N 335 
SO4 O2   O N N 336 
SO4 O3   O N N 337 
SO4 O4   O N N 338 
THR N    N N N 339 
THR CA   C N S 340 
THR C    C N N 341 
THR O    O N N 342 
THR CB   C N R 343 
THR OG1  O N N 344 
THR CG2  C N N 345 
THR OXT  O N N 346 
THR H    H N N 347 
THR H2   H N N 348 
THR HA   H N N 349 
THR HB   H N N 350 
THR HG1  H N N 351 
THR HG21 H N N 352 
THR HG22 H N N 353 
THR HG23 H N N 354 
THR HXT  H N N 355 
TRP N    N N N 356 
TRP CA   C N S 357 
TRP C    C N N 358 
TRP O    O N N 359 
TRP CB   C N N 360 
TRP CG   C Y N 361 
TRP CD1  C Y N 362 
TRP CD2  C Y N 363 
TRP NE1  N Y N 364 
TRP CE2  C Y N 365 
TRP CE3  C Y N 366 
TRP CZ2  C Y N 367 
TRP CZ3  C Y N 368 
TRP CH2  C Y N 369 
TRP OXT  O N N 370 
TRP H    H N N 371 
TRP H2   H N N 372 
TRP HA   H N N 373 
TRP HB2  H N N 374 
TRP HB3  H N N 375 
TRP HD1  H N N 376 
TRP HE1  H N N 377 
TRP HE3  H N N 378 
TRP HZ2  H N N 379 
TRP HZ3  H N N 380 
TRP HH2  H N N 381 
TRP HXT  H N N 382 
TYR N    N N N 383 
TYR CA   C N S 384 
TYR C    C N N 385 
TYR O    O N N 386 
TYR CB   C N N 387 
TYR CG   C Y N 388 
TYR CD1  C Y N 389 
TYR CD2  C Y N 390 
TYR CE1  C Y N 391 
TYR CE2  C Y N 392 
TYR CZ   C Y N 393 
TYR OH   O N N 394 
TYR OXT  O N N 395 
TYR H    H N N 396 
TYR H2   H N N 397 
TYR HA   H N N 398 
TYR HB2  H N N 399 
TYR HB3  H N N 400 
TYR HD1  H N N 401 
TYR HD2  H N N 402 
TYR HE1  H N N 403 
TYR HE2  H N N 404 
TYR HH   H N N 405 
TYR HXT  H N N 406 
VAL N    N N N 407 
VAL CA   C N S 408 
VAL C    C N N 409 
VAL O    O N N 410 
VAL CB   C N N 411 
VAL CG1  C N N 412 
VAL CG2  C N N 413 
VAL OXT  O N N 414 
VAL H    H N N 415 
VAL H2   H N N 416 
VAL HA   H N N 417 
VAL HB   H N N 418 
VAL HG11 H N N 419 
VAL HG12 H N N 420 
VAL HG13 H N N 421 
VAL HG21 H N N 422 
VAL HG22 H N N 423 
VAL HG23 H N N 424 
VAL HXT  H N N 425 
# 
loop_
_chem_comp_bond.comp_id 
_chem_comp_bond.atom_id_1 
_chem_comp_bond.atom_id_2 
_chem_comp_bond.value_order 
_chem_comp_bond.pdbx_aromatic_flag 
_chem_comp_bond.pdbx_stereo_config 
_chem_comp_bond.pdbx_ordinal 
ALA N   CA   sing N N 1   
ALA N   H    sing N N 2   
ALA N   H2   sing N N 3   
ALA CA  C    sing N N 4   
ALA CA  CB   sing N N 5   
ALA CA  HA   sing N N 6   
ALA C   O    doub N N 7   
ALA C   OXT  sing N N 8   
ALA CB  HB1  sing N N 9   
ALA CB  HB2  sing N N 10  
ALA CB  HB3  sing N N 11  
ALA OXT HXT  sing N N 12  
ARG N   CA   sing N N 13  
ARG N   H    sing N N 14  
ARG N   H2   sing N N 15  
ARG CA  C    sing N N 16  
ARG CA  CB   sing N N 17  
ARG CA  HA   sing N N 18  
ARG C   O    doub N N 19  
ARG C   OXT  sing N N 20  
ARG CB  CG   sing N N 21  
ARG CB  HB2  sing N N 22  
ARG CB  HB3  sing N N 23  
ARG CG  CD   sing N N 24  
ARG CG  HG2  sing N N 25  
ARG CG  HG3  sing N N 26  
ARG CD  NE   sing N N 27  
ARG CD  HD2  sing N N 28  
ARG CD  HD3  sing N N 29  
ARG NE  CZ   sing N N 30  
ARG NE  HE   sing N N 31  
ARG CZ  NH1  sing N N 32  
ARG CZ  NH2  doub N N 33  
ARG NH1 HH11 sing N N 34  
ARG NH1 HH12 sing N N 35  
ARG NH2 HH21 sing N N 36  
ARG NH2 HH22 sing N N 37  
ARG OXT HXT  sing N N 38  
ASN N   CA   sing N N 39  
ASN N   H    sing N N 40  
ASN N   H2   sing N N 41  
ASN CA  C    sing N N 42  
ASN CA  CB   sing N N 43  
ASN CA  HA   sing N N 44  
ASN C   O    doub N N 45  
ASN C   OXT  sing N N 46  
ASN CB  CG   sing N N 47  
ASN CB  HB2  sing N N 48  
ASN CB  HB3  sing N N 49  
ASN CG  OD1  doub N N 50  
ASN CG  ND2  sing N N 51  
ASN ND2 HD21 sing N N 52  
ASN ND2 HD22 sing N N 53  
ASN OXT HXT  sing N N 54  
ASP N   CA   sing N N 55  
ASP N   H    sing N N 56  
ASP N   H2   sing N N 57  
ASP CA  C    sing N N 58  
ASP CA  CB   sing N N 59  
ASP CA  HA   sing N N 60  
ASP C   O    doub N N 61  
ASP C   OXT  sing N N 62  
ASP CB  CG   sing N N 63  
ASP CB  HB2  sing N N 64  
ASP CB  HB3  sing N N 65  
ASP CG  OD1  doub N N 66  
ASP CG  OD2  sing N N 67  
ASP OD2 HD2  sing N N 68  
ASP OXT HXT  sing N N 69  
CYS N   CA   sing N N 70  
CYS N   H    sing N N 71  
CYS N   H2   sing N N 72  
CYS CA  C    sing N N 73  
CYS CA  CB   sing N N 74  
CYS CA  HA   sing N N 75  
CYS C   O    doub N N 76  
CYS C   OXT  sing N N 77  
CYS CB  SG   sing N N 78  
CYS CB  HB2  sing N N 79  
CYS CB  HB3  sing N N 80  
CYS SG  HG   sing N N 81  
CYS OXT HXT  sing N N 82  
GLN N   CA   sing N N 83  
GLN N   H    sing N N 84  
GLN N   H2   sing N N 85  
GLN CA  C    sing N N 86  
GLN CA  CB   sing N N 87  
GLN CA  HA   sing N N 88  
GLN C   O    doub N N 89  
GLN C   OXT  sing N N 90  
GLN CB  CG   sing N N 91  
GLN CB  HB2  sing N N 92  
GLN CB  HB3  sing N N 93  
GLN CG  CD   sing N N 94  
GLN CG  HG2  sing N N 95  
GLN CG  HG3  sing N N 96  
GLN CD  OE1  doub N N 97  
GLN CD  NE2  sing N N 98  
GLN NE2 HE21 sing N N 99  
GLN NE2 HE22 sing N N 100 
GLN OXT HXT  sing N N 101 
GLU N   CA   sing N N 102 
GLU N   H    sing N N 103 
GLU N   H2   sing N N 104 
GLU CA  C    sing N N 105 
GLU CA  CB   sing N N 106 
GLU CA  HA   sing N N 107 
GLU C   O    doub N N 108 
GLU C   OXT  sing N N 109 
GLU CB  CG   sing N N 110 
GLU CB  HB2  sing N N 111 
GLU CB  HB3  sing N N 112 
GLU CG  CD   sing N N 113 
GLU CG  HG2  sing N N 114 
GLU CG  HG3  sing N N 115 
GLU CD  OE1  doub N N 116 
GLU CD  OE2  sing N N 117 
GLU OE2 HE2  sing N N 118 
GLU OXT HXT  sing N N 119 
GLY N   CA   sing N N 120 
GLY N   H    sing N N 121 
GLY N   H2   sing N N 122 
GLY CA  C    sing N N 123 
GLY CA  HA2  sing N N 124 
GLY CA  HA3  sing N N 125 
GLY C   O    doub N N 126 
GLY C   OXT  sing N N 127 
GLY OXT HXT  sing N N 128 
HIS N   CA   sing N N 129 
HIS N   H    sing N N 130 
HIS N   H2   sing N N 131 
HIS CA  C    sing N N 132 
HIS CA  CB   sing N N 133 
HIS CA  HA   sing N N 134 
HIS C   O    doub N N 135 
HIS C   OXT  sing N N 136 
HIS CB  CG   sing N N 137 
HIS CB  HB2  sing N N 138 
HIS CB  HB3  sing N N 139 
HIS CG  ND1  sing Y N 140 
HIS CG  CD2  doub Y N 141 
HIS ND1 CE1  doub Y N 142 
HIS ND1 HD1  sing N N 143 
HIS CD2 NE2  sing Y N 144 
HIS CD2 HD2  sing N N 145 
HIS CE1 NE2  sing Y N 146 
HIS CE1 HE1  sing N N 147 
HIS NE2 HE2  sing N N 148 
HIS OXT HXT  sing N N 149 
HOH O   H1   sing N N 150 
HOH O   H2   sing N N 151 
ILE N   CA   sing N N 152 
ILE N   H    sing N N 153 
ILE N   H2   sing N N 154 
ILE CA  C    sing N N 155 
ILE CA  CB   sing N N 156 
ILE CA  HA   sing N N 157 
ILE C   O    doub N N 158 
ILE C   OXT  sing N N 159 
ILE CB  CG1  sing N N 160 
ILE CB  CG2  sing N N 161 
ILE CB  HB   sing N N 162 
ILE CG1 CD1  sing N N 163 
ILE CG1 HG12 sing N N 164 
ILE CG1 HG13 sing N N 165 
ILE CG2 HG21 sing N N 166 
ILE CG2 HG22 sing N N 167 
ILE CG2 HG23 sing N N 168 
ILE CD1 HD11 sing N N 169 
ILE CD1 HD12 sing N N 170 
ILE CD1 HD13 sing N N 171 
ILE OXT HXT  sing N N 172 
LEU N   CA   sing N N 173 
LEU N   H    sing N N 174 
LEU N   H2   sing N N 175 
LEU CA  C    sing N N 176 
LEU CA  CB   sing N N 177 
LEU CA  HA   sing N N 178 
LEU C   O    doub N N 179 
LEU C   OXT  sing N N 180 
LEU CB  CG   sing N N 181 
LEU CB  HB2  sing N N 182 
LEU CB  HB3  sing N N 183 
LEU CG  CD1  sing N N 184 
LEU CG  CD2  sing N N 185 
LEU CG  HG   sing N N 186 
LEU CD1 HD11 sing N N 187 
LEU CD1 HD12 sing N N 188 
LEU CD1 HD13 sing N N 189 
LEU CD2 HD21 sing N N 190 
LEU CD2 HD22 sing N N 191 
LEU CD2 HD23 sing N N 192 
LEU OXT HXT  sing N N 193 
LYS N   CA   sing N N 194 
LYS N   H    sing N N 195 
LYS N   H2   sing N N 196 
LYS CA  C    sing N N 197 
LYS CA  CB   sing N N 198 
LYS CA  HA   sing N N 199 
LYS C   O    doub N N 200 
LYS C   OXT  sing N N 201 
LYS CB  CG   sing N N 202 
LYS CB  HB2  sing N N 203 
LYS CB  HB3  sing N N 204 
LYS CG  CD   sing N N 205 
LYS CG  HG2  sing N N 206 
LYS CG  HG3  sing N N 207 
LYS CD  CE   sing N N 208 
LYS CD  HD2  sing N N 209 
LYS CD  HD3  sing N N 210 
LYS CE  NZ   sing N N 211 
LYS CE  HE2  sing N N 212 
LYS CE  HE3  sing N N 213 
LYS NZ  HZ1  sing N N 214 
LYS NZ  HZ2  sing N N 215 
LYS NZ  HZ3  sing N N 216 
LYS OXT HXT  sing N N 217 
MET N   CA   sing N N 218 
MET N   H    sing N N 219 
MET N   H2   sing N N 220 
MET CA  C    sing N N 221 
MET CA  CB   sing N N 222 
MET CA  HA   sing N N 223 
MET C   O    doub N N 224 
MET C   OXT  sing N N 225 
MET CB  CG   sing N N 226 
MET CB  HB2  sing N N 227 
MET CB  HB3  sing N N 228 
MET CG  SD   sing N N 229 
MET CG  HG2  sing N N 230 
MET CG  HG3  sing N N 231 
MET SD  CE   sing N N 232 
MET CE  HE1  sing N N 233 
MET CE  HE2  sing N N 234 
MET CE  HE3  sing N N 235 
MET OXT HXT  sing N N 236 
MLY N   CA   sing N N 237 
MLY N   H    sing N N 238 
MLY N   H2   sing N N 239 
MLY CA  CB   sing N N 240 
MLY CA  C    sing N N 241 
MLY CA  HA   sing N N 242 
MLY CB  CG   sing N N 243 
MLY CB  HB2  sing N N 244 
MLY CB  HB3  sing N N 245 
MLY CG  CD   sing N N 246 
MLY CG  HG2  sing N N 247 
MLY CG  HG3  sing N N 248 
MLY CD  CE   sing N N 249 
MLY CD  HD2  sing N N 250 
MLY CD  HD3  sing N N 251 
MLY CE  NZ   sing N N 252 
MLY CE  HE2  sing N N 253 
MLY CE  HE3  sing N N 254 
MLY NZ  CH1  sing N N 255 
MLY NZ  CH2  sing N N 256 
MLY CH1 HH11 sing N N 257 
MLY CH1 HH12 sing N N 258 
MLY CH1 HH13 sing N N 259 
MLY CH2 HH21 sing N N 260 
MLY CH2 HH22 sing N N 261 
MLY CH2 HH23 sing N N 262 
MLY C   O    doub N N 263 
MLY C   OXT  sing N N 264 
MLY OXT HXT  sing N N 265 
PHE N   CA   sing N N 266 
PHE N   H    sing N N 267 
PHE N   H2   sing N N 268 
PHE CA  C    sing N N 269 
PHE CA  CB   sing N N 270 
PHE CA  HA   sing N N 271 
PHE C   O    doub N N 272 
PHE C   OXT  sing N N 273 
PHE CB  CG   sing N N 274 
PHE CB  HB2  sing N N 275 
PHE CB  HB3  sing N N 276 
PHE CG  CD1  doub Y N 277 
PHE CG  CD2  sing Y N 278 
PHE CD1 CE1  sing Y N 279 
PHE CD1 HD1  sing N N 280 
PHE CD2 CE2  doub Y N 281 
PHE CD2 HD2  sing N N 282 
PHE CE1 CZ   doub Y N 283 
PHE CE1 HE1  sing N N 284 
PHE CE2 CZ   sing Y N 285 
PHE CE2 HE2  sing N N 286 
PHE CZ  HZ   sing N N 287 
PHE OXT HXT  sing N N 288 
PRO N   CA   sing N N 289 
PRO N   CD   sing N N 290 
PRO N   H    sing N N 291 
PRO CA  C    sing N N 292 
PRO CA  CB   sing N N 293 
PRO CA  HA   sing N N 294 
PRO C   O    doub N N 295 
PRO C   OXT  sing N N 296 
PRO CB  CG   sing N N 297 
PRO CB  HB2  sing N N 298 
PRO CB  HB3  sing N N 299 
PRO CG  CD   sing N N 300 
PRO CG  HG2  sing N N 301 
PRO CG  HG3  sing N N 302 
PRO CD  HD2  sing N N 303 
PRO CD  HD3  sing N N 304 
PRO OXT HXT  sing N N 305 
SER N   CA   sing N N 306 
SER N   H    sing N N 307 
SER N   H2   sing N N 308 
SER CA  C    sing N N 309 
SER CA  CB   sing N N 310 
SER CA  HA   sing N N 311 
SER C   O    doub N N 312 
SER C   OXT  sing N N 313 
SER CB  OG   sing N N 314 
SER CB  HB2  sing N N 315 
SER CB  HB3  sing N N 316 
SER OG  HG   sing N N 317 
SER OXT HXT  sing N N 318 
SO4 S   O1   doub N N 319 
SO4 S   O2   doub N N 320 
SO4 S   O3   sing N N 321 
SO4 S   O4   sing N N 322 
THR N   CA   sing N N 323 
THR N   H    sing N N 324 
THR N   H2   sing N N 325 
THR CA  C    sing N N 326 
THR CA  CB   sing N N 327 
THR CA  HA   sing N N 328 
THR C   O    doub N N 329 
THR C   OXT  sing N N 330 
THR CB  OG1  sing N N 331 
THR CB  CG2  sing N N 332 
THR CB  HB   sing N N 333 
THR OG1 HG1  sing N N 334 
THR CG2 HG21 sing N N 335 
THR CG2 HG22 sing N N 336 
THR CG2 HG23 sing N N 337 
THR OXT HXT  sing N N 338 
TRP N   CA   sing N N 339 
TRP N   H    sing N N 340 
TRP N   H2   sing N N 341 
TRP CA  C    sing N N 342 
TRP CA  CB   sing N N 343 
TRP CA  HA   sing N N 344 
TRP C   O    doub N N 345 
TRP C   OXT  sing N N 346 
TRP CB  CG   sing N N 347 
TRP CB  HB2  sing N N 348 
TRP CB  HB3  sing N N 349 
TRP CG  CD1  doub Y N 350 
TRP CG  CD2  sing Y N 351 
TRP CD1 NE1  sing Y N 352 
TRP CD1 HD1  sing N N 353 
TRP CD2 CE2  doub Y N 354 
TRP CD2 CE3  sing Y N 355 
TRP NE1 CE2  sing Y N 356 
TRP NE1 HE1  sing N N 357 
TRP CE2 CZ2  sing Y N 358 
TRP CE3 CZ3  doub Y N 359 
TRP CE3 HE3  sing N N 360 
TRP CZ2 CH2  doub Y N 361 
TRP CZ2 HZ2  sing N N 362 
TRP CZ3 CH2  sing Y N 363 
TRP CZ3 HZ3  sing N N 364 
TRP CH2 HH2  sing N N 365 
TRP OXT HXT  sing N N 366 
TYR N   CA   sing N N 367 
TYR N   H    sing N N 368 
TYR N   H2   sing N N 369 
TYR CA  C    sing N N 370 
TYR CA  CB   sing N N 371 
TYR CA  HA   sing N N 372 
TYR C   O    doub N N 373 
TYR C   OXT  sing N N 374 
TYR CB  CG   sing N N 375 
TYR CB  HB2  sing N N 376 
TYR CB  HB3  sing N N 377 
TYR CG  CD1  doub Y N 378 
TYR CG  CD2  sing Y N 379 
TYR CD1 CE1  sing Y N 380 
TYR CD1 HD1  sing N N 381 
TYR CD2 CE2  doub Y N 382 
TYR CD2 HD2  sing N N 383 
TYR CE1 CZ   doub Y N 384 
TYR CE1 HE1  sing N N 385 
TYR CE2 CZ   sing Y N 386 
TYR CE2 HE2  sing N N 387 
TYR CZ  OH   sing N N 388 
TYR OH  HH   sing N N 389 
TYR OXT HXT  sing N N 390 
VAL N   CA   sing N N 391 
VAL N   H    sing N N 392 
VAL N   H2   sing N N 393 
VAL CA  C    sing N N 394 
VAL CA  CB   sing N N 395 
VAL CA  HA   sing N N 396 
VAL C   O    doub N N 397 
VAL C   OXT  sing N N 398 
VAL CB  CG1  sing N N 399 
VAL CB  CG2  sing N N 400 
VAL CB  HB   sing N N 401 
VAL CG1 HG11 sing N N 402 
VAL CG1 HG12 sing N N 403 
VAL CG1 HG13 sing N N 404 
VAL CG2 HG21 sing N N 405 
VAL CG2 HG22 sing N N 406 
VAL CG2 HG23 sing N N 407 
VAL OXT HXT  sing N N 408 
# 
_atom_sites.entry_id                    2IG0 
_atom_sites.fract_transf_matrix[1][1]   0.00914521 
_atom_sites.fract_transf_matrix[1][2]   -0.01648889 
_atom_sites.fract_transf_matrix[1][3]   0.00863515 
_atom_sites.fract_transf_matrix[2][1]   0.00334017 
_atom_sites.fract_transf_matrix[2][2]   -0.00419541 
_atom_sites.fract_transf_matrix[2][3]   -0.01154864 
_atom_sites.fract_transf_matrix[3][1]   0.03087895 
_atom_sites.fract_transf_matrix[3][2]   0.00075925 
_atom_sites.fract_transf_matrix[3][3]   0.00865518 
_atom_sites.fract_transf_vector[1]      0.242090 
_atom_sites.fract_transf_vector[2]      0.010210 
_atom_sites.fract_transf_vector[3]      0.367665 
# 
loop_
_atom_type.symbol 
C 
N 
O 
S 
# 
loop_
_atom_site.group_PDB 
_atom_site.id 
_atom_site.type_symbol 
_atom_site.label_atom_id 
_atom_site.label_alt_id 
_atom_site.label_comp_id 
_atom_site.label_asym_id 
_atom_site.label_entity_id 
_atom_site.label_seq_id 
_atom_site.pdbx_PDB_ins_code 
_atom_site.Cartn_x 
_atom_site.Cartn_y 
_atom_site.Cartn_z 
_atom_site.occupancy 
_atom_site.B_iso_or_equiv 
_atom_site.pdbx_formal_charge 
_atom_site.auth_seq_id 
_atom_site.auth_comp_id 
_atom_site.auth_asym_id 
_atom_site.auth_atom_id 
_atom_site.pdbx_PDB_model_num 
ATOM   1    N N   . SER A 1 5   ? 9.323   0.778   19.305  1.00 52.84 ? 1485 SER A N   1 
ATOM   2    C CA  . SER A 1 5   ? 8.765   1.873   18.477  1.00 52.61 ? 1485 SER A CA  1 
ATOM   3    C C   . SER A 1 5   ? 8.387   1.490   17.021  1.00 52.36 ? 1485 SER A C   1 
ATOM   4    O O   . SER A 1 5   ? 8.824   0.458   16.460  1.00 52.17 ? 1485 SER A O   1 
ATOM   5    C CB  . SER A 1 5   ? 9.651   3.114   18.513  1.00 52.49 ? 1485 SER A CB  1 
ATOM   6    O OG  . SER A 1 5   ? 10.907  2.905   17.896  1.00 53.89 ? 1485 SER A OG  1 
ATOM   7    N N   . PHE A 1 6   ? 7.526   2.330   16.448  1.00 50.30 ? 1486 PHE A N   1 
ATOM   8    C CA  . PHE A 1 6   ? 7.112   2.186   15.087  1.00 48.94 ? 1486 PHE A CA  1 
ATOM   9    C C   . PHE A 1 6   ? 8.032   2.900   14.102  1.00 47.18 ? 1486 PHE A C   1 
ATOM   10   O O   . PHE A 1 6   ? 7.895   2.730   12.899  1.00 44.78 ? 1486 PHE A O   1 
ATOM   11   C CB  . PHE A 1 6   ? 5.659   2.628   14.948  1.00 49.82 ? 1486 PHE A CB  1 
ATOM   12   C CG  . PHE A 1 6   ? 4.675   1.710   15.670  1.00 51.89 ? 1486 PHE A CG  1 
ATOM   13   C CD1 . PHE A 1 6   ? 3.626   2.236   16.421  1.00 53.94 ? 1486 PHE A CD1 1 
ATOM   14   C CD2 . PHE A 1 6   ? 4.804   0.316   15.592  1.00 55.01 ? 1486 PHE A CD2 1 
ATOM   15   C CE1 . PHE A 1 6   ? 2.729   1.401   17.104  1.00 56.77 ? 1486 PHE A CE1 1 
ATOM   16   C CE2 . PHE A 1 6   ? 3.918   -0.539  16.263  1.00 57.21 ? 1486 PHE A CE2 1 
ATOM   17   C CZ  . PHE A 1 6   ? 2.872   0.006   17.031  1.00 54.68 ? 1486 PHE A CZ  1 
ATOM   18   N N   . VAL A 1 7   ? 8.982   3.702   14.595  1.00 45.37 ? 1487 VAL A N   1 
ATOM   19   C CA  . VAL A 1 7   ? 9.839   4.479   13.688  1.00 43.26 ? 1487 VAL A CA  1 
ATOM   20   C C   . VAL A 1 7   ? 10.713  3.602   12.777  1.00 42.42 ? 1487 VAL A C   1 
ATOM   21   O O   . VAL A 1 7   ? 11.453  2.765   13.277  1.00 41.37 ? 1487 VAL A O   1 
ATOM   22   C CB  . VAL A 1 7   ? 10.693  5.523   14.493  1.00 44.62 ? 1487 VAL A CB  1 
ATOM   23   C CG1 . VAL A 1 7   ? 11.565  6.332   13.579  1.00 43.24 ? 1487 VAL A CG1 1 
ATOM   24   C CG2 . VAL A 1 7   ? 9.763   6.435   15.301  1.00 44.24 ? 1487 VAL A CG2 1 
ATOM   25   N N   . GLY A 1 8   ? 10.623  3.804   11.446  1.00 39.32 ? 1488 GLY A N   1 
ATOM   26   C CA  . GLY A 1 8   ? 11.390  3.039   10.478  1.00 37.20 ? 1488 GLY A CA  1 
ATOM   27   C C   . GLY A 1 8   ? 10.643  1.827   9.935   1.00 35.60 ? 1488 GLY A C   1 
ATOM   28   O O   . GLY A 1 8   ? 11.134  1.138   9.053   1.00 35.59 ? 1488 GLY A O   1 
ATOM   29   N N   . LEU A 1 9   ? 9.474   1.560   10.489  1.00 32.01 ? 1489 LEU A N   1 
ATOM   30   C CA  . LEU A 1 9   ? 8.612   0.469   9.953   1.00 32.35 ? 1489 LEU A CA  1 
ATOM   31   C C   . LEU A 1 9   ? 8.001   0.846   8.633   1.00 29.27 ? 1489 LEU A C   1 
ATOM   32   O O   . LEU A 1 9   ? 7.544   1.948   8.444   1.00 27.45 ? 1489 LEU A O   1 
ATOM   33   C CB  . LEU A 1 9   ? 7.505   0.128   10.903  1.00 31.65 ? 1489 LEU A CB  1 
ATOM   34   C CG  . LEU A 1 9   ? 7.864   -0.375  12.299  1.00 37.33 ? 1489 LEU A CG  1 
ATOM   35   C CD1 . LEU A 1 9   ? 6.530   -0.639  12.914  1.00 39.35 ? 1489 LEU A CD1 1 
ATOM   36   C CD2 . LEU A 1 9   ? 8.686   -1.633  12.219  1.00 40.43 ? 1489 LEU A CD2 1 
ATOM   37   N N   . ARG A 1 10  ? 8.089   -0.071  7.694   1.00 29.50 ? 1490 ARG A N   1 
ATOM   38   C CA  . ARG A 1 10  ? 7.362   0.108   6.436   1.00 28.91 ? 1490 ARG A CA  1 
ATOM   39   C C   . ARG A 1 10  ? 5.888   -0.235  6.581   1.00 27.64 ? 1490 ARG A C   1 
ATOM   40   O O   . ARG A 1 10  ? 5.516   -1.259  7.179   1.00 27.88 ? 1490 ARG A O   1 
ATOM   41   C CB  . ARG A 1 10  ? 8.008   -0.717  5.323   1.00 29.99 ? 1490 ARG A CB  1 
ATOM   42   C CG  . ARG A 1 10  ? 9.340   -0.124  4.793   1.00 31.50 ? 1490 ARG A CG  1 
ATOM   43   C CD  . ARG A 1 10  ? 9.405   -0.892  3.464   1.00 41.66 ? 1490 ARG A CD  1 
ATOM   44   N NE  . ARG A 1 10  ? 9.854   -0.299  2.224   1.00 36.52 ? 1490 ARG A NE  1 
ATOM   45   C CZ  . ARG A 1 10  ? 9.316   0.714   1.567   1.00 44.16 ? 1490 ARG A CZ  1 
ATOM   46   N NH1 . ARG A 1 10  ? 8.276   1.422   2.078   1.00 42.59 ? 1490 ARG A NH1 1 
ATOM   47   N NH2 . ARG A 1 10  ? 9.872   1.037   0.385   1.00 38.03 ? 1490 ARG A NH2 1 
ATOM   48   N N   . VAL A 1 11  ? 5.046   0.609   5.967   1.00 24.20 ? 1491 VAL A N   1 
ATOM   49   C CA  . VAL A 1 11  ? 3.611   0.512   6.205   1.00 22.39 ? 1491 VAL A CA  1 
ATOM   50   C C   . VAL A 1 11  ? 2.925   0.936   4.912   1.00 20.96 ? 1491 VAL A C   1 
ATOM   51   O O   . VAL A 1 11  ? 3.596   1.362   3.935   1.00 22.03 ? 1491 VAL A O   1 
ATOM   52   C CB  . VAL A 1 11  ? 3.098   1.461   7.400   1.00 23.59 ? 1491 VAL A CB  1 
ATOM   53   C CG1 . VAL A 1 11  ? 3.708   1.062   8.767   1.00 23.84 ? 1491 VAL A CG1 1 
ATOM   54   C CG2 . VAL A 1 11  ? 3.493   2.969   7.155   1.00 18.13 ? 1491 VAL A CG2 1 
ATOM   55   N N   . VAL A 1 12  ? 1.607   0.934   4.958   1.00 22.00 ? 1492 VAL A N   1 
ATOM   56   C CA  . VAL A 1 12  ? 0.802   1.402   3.802   1.00 22.94 ? 1492 VAL A CA  1 
ATOM   57   C C   . VAL A 1 12  ? -0.220  2.297   4.510   1.00 23.50 ? 1492 VAL A C   1 
ATOM   58   O O   . VAL A 1 12  ? -0.960  1.839   5.417   1.00 25.41 ? 1492 VAL A O   1 
ATOM   59   C CB  . VAL A 1 12  ? 0.053   0.200   3.079   1.00 24.08 ? 1492 VAL A CB  1 
ATOM   60   C CG1 . VAL A 1 12  ? -0.540  0.686   1.700   1.00 21.81 ? 1492 VAL A CG1 1 
ATOM   61   C CG2 . VAL A 1 12  ? 1.113   -0.910  2.727   1.00 25.72 ? 1492 VAL A CG2 1 
ATOM   62   N N   . ALA A 1 13  ? -0.149  3.590   4.231   1.00 23.94 ? 1493 ALA A N   1 
ATOM   63   C CA  . ALA A 1 13  ? -0.852  4.594   5.064   1.00 25.02 ? 1493 ALA A CA  1 
ATOM   64   C C   . ALA A 1 13  ? -1.803  5.463   4.185   1.00 25.67 ? 1493 ALA A C   1 
ATOM   65   O O   . ALA A 1 13  ? -1.508  5.722   3.027   1.00 24.08 ? 1493 ALA A O   1 
ATOM   66   C CB  . ALA A 1 13  ? 0.121   5.489   5.797   1.00 26.11 ? 1493 ALA A CB  1 
ATOM   67   N N   . LYS A 1 14  ? -2.865  5.963   4.784   1.00 23.67 ? 1494 LYS A N   1 
ATOM   68   C CA  . LYS A 1 14  ? -3.882  6.665   3.987   1.00 25.52 ? 1494 LYS A CA  1 
ATOM   69   C C   . LYS A 1 14  ? -3.443  8.082   3.732   1.00 25.27 ? 1494 LYS A C   1 
ATOM   70   O O   . LYS A 1 14  ? -2.952  8.793   4.676   1.00 26.86 ? 1494 LYS A O   1 
ATOM   71   C CB  . LYS A 1 14  ? -5.211  6.715   4.723   1.00 24.85 ? 1494 LYS A CB  1 
ATOM   72   C CG  . LYS A 1 14  ? -6.322  7.412   3.904   1.00 25.13 ? 1494 LYS A CG  1 
ATOM   73   C CD  . LYS A 1 14  ? -7.392  7.903   4.912   1.00 34.24 ? 1494 LYS A CD  1 
ATOM   74   C CE  . LYS A 1 14  ? -8.228  6.784   5.308   1.00 38.20 ? 1494 LYS A CE  1 
ATOM   75   N NZ  . LYS A 1 14  ? -9.608  7.362   5.568   1.00 43.05 ? 1494 LYS A NZ  1 
ATOM   76   N N   . TRP A 1 15  ? -3.601  8.515   2.490   1.00 23.60 ? 1495 TRP A N   1 
ATOM   77   C CA  . TRP A 1 15  ? -3.346  9.895   2.108   1.00 26.79 ? 1495 TRP A CA  1 
ATOM   78   C C   . TRP A 1 15  ? -4.685  10.607  2.203   1.00 27.30 ? 1495 TRP A C   1 
ATOM   79   O O   . TRP A 1 15  ? -5.546  10.317  1.455   1.00 28.14 ? 1495 TRP A O   1 
ATOM   80   C CB  . TRP A 1 15  ? -2.876  9.921   0.670   1.00 27.91 ? 1495 TRP A CB  1 
ATOM   81   C CG  . TRP A 1 15  ? -2.541  11.271  0.154   1.00 29.88 ? 1495 TRP A CG  1 
ATOM   82   C CD1 . TRP A 1 15  ? -3.134  11.950  -0.884  1.00 35.29 ? 1495 TRP A CD1 1 
ATOM   83   C CD2 . TRP A 1 15  ? -1.440  12.066  0.588   1.00 33.42 ? 1495 TRP A CD2 1 
ATOM   84   N NE1 . TRP A 1 15  ? -2.479  13.177  -1.079  1.00 37.40 ? 1495 TRP A NE1 1 
ATOM   85   C CE2 . TRP A 1 15  ? -1.425  13.245  -0.193  1.00 36.51 ? 1495 TRP A CE2 1 
ATOM   86   C CE3 . TRP A 1 15  ? -0.453  11.883  1.556   1.00 32.93 ? 1495 TRP A CE3 1 
ATOM   87   C CZ2 . TRP A 1 15  ? -0.456  14.254  -0.006  1.00 37.59 ? 1495 TRP A CZ2 1 
ATOM   88   C CZ3 . TRP A 1 15  ? 0.522   12.897  1.737   1.00 35.92 ? 1495 TRP A CZ3 1 
ATOM   89   C CH2 . TRP A 1 15  ? 0.500   14.049  0.945   1.00 33.43 ? 1495 TRP A CH2 1 
ATOM   90   N N   . SER A 1 16  ? -4.859  11.596  3.069   1.00 28.61 ? 1496 SER A N   1 
ATOM   91   C CA  . SER A 1 16  ? -6.224  12.091  3.309   1.00 33.03 ? 1496 SER A CA  1 
ATOM   92   C C   . SER A 1 16  ? -6.980  12.755  2.140   1.00 31.88 ? 1496 SER A C   1 
ATOM   93   O O   . SER A 1 16  ? -8.216  12.615  2.054   1.00 32.39 ? 1496 SER A O   1 
ATOM   94   C CB  . SER A 1 16  ? -6.302  13.025  4.557   1.00 34.18 ? 1496 SER A CB  1 
ATOM   95   O OG  . SER A 1 16  ? -5.293  14.026  4.468   1.00 42.58 ? 1496 SER A OG  1 
ATOM   96   N N   A SER A 1 17  ? -6.217  13.445  1.300   0.50 32.41 ? 1497 SER A N   1 
ATOM   97   N N   B SER A 1 17  ? -6.301  13.521  1.293   0.50 32.53 ? 1497 SER A N   1 
ATOM   98   C CA  A SER A 1 17  ? -6.688  14.213  0.164   0.50 31.65 ? 1497 SER A CA  1 
ATOM   99   C CA  B SER A 1 17  ? -7.016  14.219  0.231   0.50 31.70 ? 1497 SER A CA  1 
ATOM   100  C C   A SER A 1 17  ? -7.479  13.362  -0.822  0.50 31.01 ? 1497 SER A C   1 
ATOM   101  C C   B SER A 1 17  ? -7.801  13.209  -0.577  0.50 31.36 ? 1497 SER A C   1 
ATOM   102  O O   A SER A 1 17  ? -8.371  13.881  -1.520  0.50 31.31 ? 1497 SER A O   1 
ATOM   103  O O   B SER A 1 17  ? -8.975  13.466  -0.940  0.50 30.88 ? 1497 SER A O   1 
ATOM   104  C CB  A SER A 1 17  ? -5.479  14.842  -0.550  0.50 32.33 ? 1497 SER A CB  1 
ATOM   105  C CB  B SER A 1 17  ? -6.089  15.034  -0.699  0.50 32.85 ? 1497 SER A CB  1 
ATOM   106  O OG  A SER A 1 17  ? -5.145  16.118  -0.009  0.50 32.79 ? 1497 SER A OG  1 
ATOM   107  O OG  B SER A 1 17  ? -5.166  14.228  -1.425  0.50 33.21 ? 1497 SER A OG  1 
ATOM   108  N N   . ASN A 1 18  ? -7.185  12.056  -0.852  1.00 29.57 ? 1498 ASN A N   1 
ATOM   109  C CA  . ASN A 1 18  ? -7.830  11.148  -1.780  1.00 28.89 ? 1498 ASN A CA  1 
ATOM   110  C C   . ASN A 1 18  ? -8.345  9.813   -1.220  1.00 27.12 ? 1498 ASN A C   1 
ATOM   111  O O   . ASN A 1 18  ? -9.007  9.105   -1.935  1.00 28.09 ? 1498 ASN A O   1 
ATOM   112  C CB  . ASN A 1 18  ? -7.054  11.032  -3.073  1.00 29.05 ? 1498 ASN A CB  1 
ATOM   113  C CG  . ASN A 1 18  ? -5.847  10.110  -2.990  1.00 30.14 ? 1498 ASN A CG  1 
ATOM   114  O OD1 . ASN A 1 18  ? -5.113  9.981   -3.976  1.00 34.19 ? 1498 ASN A OD1 1 
ATOM   115  N ND2 . ASN A 1 18  ? -5.633  9.478   -1.839  1.00 21.15 ? 1498 ASN A ND2 1 
ATOM   116  N N   . GLY A 1 19  ? -8.067  9.514   0.050   1.00 23.75 ? 1499 GLY A N   1 
ATOM   117  C CA  . GLY A 1 19  ? -8.571  8.264   0.715   1.00 25.05 ? 1499 GLY A CA  1 
ATOM   118  C C   . GLY A 1 19  ? -7.788  6.990   0.368   1.00 23.67 ? 1499 GLY A C   1 
ATOM   119  O O   . GLY A 1 19  ? -8.087  5.900   0.947   1.00 26.29 ? 1499 GLY A O   1 
ATOM   120  N N   . TYR A 1 20  ? -6.875  7.066   -0.599  1.00 22.57 ? 1500 TYR A N   1 
ATOM   121  C CA  . TYR A 1 20  ? -6.081  5.858   -0.971  1.00 22.06 ? 1500 TYR A CA  1 
ATOM   122  C C   . TYR A 1 20  ? -4.923  5.691   0.029   1.00 21.78 ? 1500 TYR A C   1 
ATOM   123  O O   . TYR A 1 20  ? -4.473  6.690   0.629   1.00 23.35 ? 1500 TYR A O   1 
ATOM   124  C CB  . TYR A 1 20  ? -5.531  5.976   -2.383  1.00 22.16 ? 1500 TYR A CB  1 
ATOM   125  C CG  . TYR A 1 20  ? -6.510  5.664   -3.493  1.00 21.61 ? 1500 TYR A CG  1 
ATOM   126  C CD1 . TYR A 1 20  ? -7.611  6.501   -3.751  1.00 26.45 ? 1500 TYR A CD1 1 
ATOM   127  C CD2 . TYR A 1 20  ? -6.403  4.488   -4.212  1.00 25.57 ? 1500 TYR A CD2 1 
ATOM   128  C CE1 . TYR A 1 20  ? -8.515  6.189   -4.804  1.00 31.01 ? 1500 TYR A CE1 1 
ATOM   129  C CE2 . TYR A 1 20  ? -7.282  4.168   -5.234  1.00 28.45 ? 1500 TYR A CE2 1 
ATOM   130  C CZ  . TYR A 1 20  ? -8.363  4.974   -5.483  1.00 30.09 ? 1500 TYR A CZ  1 
ATOM   131  O OH  . TYR A 1 20  ? -9.215  4.628   -6.523  1.00 27.71 ? 1500 TYR A OH  1 
ATOM   132  N N   . PHE A 1 21  ? -4.394  4.487   0.148   1.00 20.51 ? 1501 PHE A N   1 
ATOM   133  C CA  . PHE A 1 21  ? -3.301  4.099   1.056   1.00 21.52 ? 1501 PHE A CA  1 
ATOM   134  C C   . PHE A 1 21  ? -2.110  3.782   0.157   1.00 22.22 ? 1501 PHE A C   1 
ATOM   135  O O   . PHE A 1 21  ? -2.208  3.064   -0.866  1.00 21.97 ? 1501 PHE A O   1 
ATOM   136  C CB  . PHE A 1 21  ? -3.623  2.817   1.854   1.00 21.95 ? 1501 PHE A CB  1 
ATOM   137  C CG  . PHE A 1 21  ? -4.774  2.939   2.864   1.00 21.67 ? 1501 PHE A CG  1 
ATOM   138  C CD1 . PHE A 1 21  ? -6.127  3.100   2.430   1.00 21.93 ? 1501 PHE A CD1 1 
ATOM   139  C CD2 . PHE A 1 21  ? -4.520  2.844   4.265   1.00 23.80 ? 1501 PHE A CD2 1 
ATOM   140  C CE1 . PHE A 1 21  ? -7.212  3.153   3.335   1.00 24.95 ? 1501 PHE A CE1 1 
ATOM   141  C CE2 . PHE A 1 21  ? -5.643  2.864   5.187   1.00 23.50 ? 1501 PHE A CE2 1 
ATOM   142  C CZ  . PHE A 1 21  ? -6.976  3.073   4.707   1.00 26.61 ? 1501 PHE A CZ  1 
ATOM   143  N N   . TYR A 1 22  ? -0.949  4.335   0.547   1.00 21.03 ? 1502 TYR A N   1 
ATOM   144  C CA  . TYR A 1 22  ? 0.272   4.275   -0.237  1.00 20.90 ? 1502 TYR A CA  1 
ATOM   145  C C   . TYR A 1 22  ? 1.370   3.693   0.666   1.00 20.20 ? 1502 TYR A C   1 
ATOM   146  O O   . TYR A 1 22  ? 1.326   3.910   1.849   1.00 21.06 ? 1502 TYR A O   1 
ATOM   147  C CB  . TYR A 1 22  ? 0.656   5.693   -0.700  1.00 22.91 ? 1502 TYR A CB  1 
ATOM   148  C CG  . TYR A 1 22  ? -0.336  6.281   -1.683  1.00 20.22 ? 1502 TYR A CG  1 
ATOM   149  C CD1 . TYR A 1 22  ? -1.447  6.954   -1.251  1.00 23.68 ? 1502 TYR A CD1 1 
ATOM   150  C CD2 . TYR A 1 22  ? -0.128  6.147   -3.061  1.00 22.53 ? 1502 TYR A CD2 1 
ATOM   151  C CE1 . TYR A 1 22  ? -2.403  7.452   -2.178  1.00 25.11 ? 1502 TYR A CE1 1 
ATOM   152  C CE2 . TYR A 1 22  ? -1.084  6.637   -3.978  1.00 25.30 ? 1502 TYR A CE2 1 
ATOM   153  C CZ  . TYR A 1 22  ? -2.178  7.306   -3.506  1.00 23.16 ? 1502 TYR A CZ  1 
ATOM   154  O OH  . TYR A 1 22  ? -3.103  7.810   -4.381  1.00 27.09 ? 1502 TYR A OH  1 
ATOM   155  N N   . SER A 1 23  ? 2.405   3.092   0.055   1.00 23.75 ? 1503 SER A N   1 
ATOM   156  C CA  A SER A 1 23  ? 3.530   2.557   0.812   0.50 22.38 ? 1503 SER A CA  1 
ATOM   157  C CA  B SER A 1 23  ? 3.566   2.548   0.781   0.50 21.71 ? 1503 SER A CA  1 
ATOM   158  C C   . SER A 1 23  ? 4.434   3.686   1.304   1.00 23.41 ? 1503 SER A C   1 
ATOM   159  O O   . SER A 1 23  ? 4.703   4.630   0.577   1.00 22.90 ? 1503 SER A O   1 
ATOM   160  C CB  A SER A 1 23  ? 4.322   1.622   -0.066  0.50 23.37 ? 1503 SER A CB  1 
ATOM   161  C CB  B SER A 1 23  ? 4.401   1.668   -0.140  0.50 22.59 ? 1503 SER A CB  1 
ATOM   162  O OG  A SER A 1 23  ? 4.704   2.278   -1.254  0.50 23.36 ? 1503 SER A OG  1 
ATOM   163  O OG  B SER A 1 23  ? 5.568   1.143   0.507   0.50 18.97 ? 1503 SER A OG  1 
ATOM   164  N N   . GLY A 1 24  ? 4.935   3.541   2.544   1.00 23.08 ? 1504 GLY A N   1 
ATOM   165  C CA  . GLY A 1 24  ? 5.826   4.600   3.082   1.00 24.10 ? 1504 GLY A CA  1 
ATOM   166  C C   . GLY A 1 24  ? 6.479   4.069   4.340   1.00 25.01 ? 1504 GLY A C   1 
ATOM   167  O O   . GLY A 1 24  ? 6.342   2.887   4.676   1.00 22.96 ? 1504 GLY A O   1 
ATOM   168  N N   . LYS A 1 25  ? 7.050   4.993   5.100   1.00 25.89 ? 1505 LYS A N   1 
ATOM   169  C CA  . LYS A 1 25  ? 7.743   4.649   6.356   1.00 27.40 ? 1505 LYS A CA  1 
ATOM   170  C C   . LYS A 1 25  ? 7.371   5.647   7.435   1.00 25.50 ? 1505 LYS A C   1 
ATOM   171  O O   . LYS A 1 25  ? 7.268   6.834   7.147   1.00 25.36 ? 1505 LYS A O   1 
ATOM   172  C CB  . LYS A 1 25  ? 9.317   4.675   6.167   1.00 27.94 ? 1505 LYS A CB  1 
ATOM   173  C CG  . LYS A 1 25  ? 9.804   3.307   5.573   1.00 34.00 ? 1505 LYS A CG  1 
ATOM   174  C CD  . LYS A 1 25  ? 11.320  3.092   5.723   1.00 35.18 ? 1505 LYS A CD  1 
ATOM   175  C CE  . LYS A 1 25  ? 11.985  2.768   4.375   1.00 45.41 ? 1505 LYS A CE  1 
ATOM   176  N NZ  . LYS A 1 25  ? 13.386  2.201   4.644   1.00 48.64 ? 1505 LYS A NZ  1 
ATOM   177  N N   . ILE A 1 26  ? 7.168   5.168   8.664   1.00 26.88 ? 1506 ILE A N   1 
ATOM   178  C CA  . ILE A 1 26  ? 6.939   6.069   9.772   1.00 26.64 ? 1506 ILE A CA  1 
ATOM   179  C C   . ILE A 1 26  ? 8.309   6.684   10.102  1.00 29.24 ? 1506 ILE A C   1 
ATOM   180  O O   . ILE A 1 26  ? 9.295   5.962   10.267  1.00 29.07 ? 1506 ILE A O   1 
ATOM   181  C CB  . ILE A 1 26  ? 6.389   5.316   10.996  1.00 27.01 ? 1506 ILE A CB  1 
ATOM   182  C CG1 . ILE A 1 26  ? 4.960   4.833   10.649  1.00 28.37 ? 1506 ILE A CG1 1 
ATOM   183  C CG2 . ILE A 1 26  ? 6.411   6.231   12.225  1.00 24.65 ? 1506 ILE A CG2 1 
ATOM   184  C CD1 . ILE A 1 26  ? 4.348   3.920   11.638  1.00 30.44 ? 1506 ILE A CD1 1 
ATOM   185  N N   . THR A 1 27  ? 8.345   8.009   10.163  1.00 30.00 ? 1507 THR A N   1 
ATOM   186  C CA  . THR A 1 27  ? 9.571   8.718   10.523  1.00 32.09 ? 1507 THR A CA  1 
ATOM   187  C C   . THR A 1 27  ? 9.542   9.292   11.940  1.00 33.93 ? 1507 THR A C   1 
ATOM   188  O O   . THR A 1 27  ? 10.621  9.641   12.496  1.00 33.37 ? 1507 THR A O   1 
ATOM   189  C CB  . THR A 1 27  ? 9.927   9.788   9.486   1.00 31.25 ? 1507 THR A CB  1 
ATOM   190  O OG1 . THR A 1 27  ? 8.926   10.818  9.467   1.00 36.42 ? 1507 THR A OG1 1 
ATOM   191  C CG2 . THR A 1 27  ? 10.005  9.207   8.124   1.00 32.45 ? 1507 THR A CG2 1 
ATOM   192  N N   . ARG A 1 28  ? 8.361   9.419   12.553  1.00 33.50 ? 1508 ARG A N   1 
ATOM   193  C CA  . ARG A 1 28  ? 8.317   10.038  13.901  1.00 34.61 ? 1508 ARG A CA  1 
ATOM   194  C C   . ARG A 1 28  ? 7.023   9.752   14.562  1.00 33.77 ? 1508 ARG A C   1 
ATOM   195  O O   . ARG A 1 28  ? 6.011   9.772   13.897  1.00 34.06 ? 1508 ARG A O   1 
ATOM   196  C CB  . ARG A 1 28  ? 8.397   11.556  13.778  1.00 34.85 ? 1508 ARG A CB  1 
ATOM   197  C CG  . ARG A 1 28  ? 8.527   12.203  15.110  1.00 39.46 ? 1508 ARG A CG  1 
ATOM   198  C CD  . ARG A 1 28  ? 9.101   13.565  14.943  1.00 43.39 ? 1508 ARG A CD  1 
ATOM   199  N NE  . ARG A 1 28  ? 8.030   14.460  14.592  1.00 46.86 ? 1508 ARG A NE  1 
ATOM   200  C CZ  . ARG A 1 28  ? 7.477   15.283  15.462  1.00 47.94 ? 1508 ARG A CZ  1 
ATOM   201  N NH1 . ARG A 1 28  ? 7.948   15.317  16.698  1.00 49.14 ? 1508 ARG A NH1 1 
ATOM   202  N NH2 . ARG A 1 28  ? 6.483   16.073  15.083  1.00 49.79 ? 1508 ARG A NH2 1 
ATOM   203  N N   . ASP A 1 29  ? 7.043   9.524   15.865  1.00 32.98 ? 1509 ASP A N   1 
ATOM   204  C CA  . ASP A 1 29  ? 5.853   9.405   16.636  1.00 33.04 ? 1509 ASP A CA  1 
ATOM   205  C C   . ASP A 1 29  ? 5.514   10.840  17.047  1.00 34.10 ? 1509 ASP A C   1 
ATOM   206  O O   . ASP A 1 29  ? 6.206   11.432  17.884  1.00 34.31 ? 1509 ASP A O   1 
ATOM   207  C CB  . ASP A 1 29  ? 6.111   8.538   17.888  1.00 33.90 ? 1509 ASP A CB  1 
ATOM   208  C CG  . ASP A 1 29  ? 4.871   8.425   18.813  1.00 37.96 ? 1509 ASP A CG  1 
ATOM   209  O OD1 . ASP A 1 29  ? 3.794   9.019   18.555  1.00 34.85 ? 1509 ASP A OD1 1 
ATOM   210  O OD2 . ASP A 1 29  ? 4.985   7.712   19.821  1.00 42.59 ? 1509 ASP A OD2 1 
ATOM   211  N N   . VAL A 1 30  ? 4.487   11.416  16.440  1.00 32.91 ? 1510 VAL A N   1 
ATOM   212  C CA  . VAL A 1 30  ? 4.080   12.800  16.713  1.00 33.81 ? 1510 VAL A CA  1 
ATOM   213  C C   . VAL A 1 30  ? 3.388   12.904  18.096  1.00 32.29 ? 1510 VAL A C   1 
ATOM   214  O O   . VAL A 1 30  ? 3.177   14.004  18.613  1.00 31.45 ? 1510 VAL A O   1 
ATOM   215  C CB  . VAL A 1 30  ? 3.151   13.267  15.555  1.00 33.94 ? 1510 VAL A CB  1 
ATOM   216  C CG1 . VAL A 1 30  ? 2.289   14.574  15.827  1.00 37.08 ? 1510 VAL A CG1 1 
ATOM   217  C CG2 . VAL A 1 30  ? 3.982   13.437  14.248  1.00 34.58 ? 1510 VAL A CG2 1 
ATOM   218  N N   . GLY A 1 31  ? 3.048   11.744  18.645  1.00 31.03 ? 1511 GLY A N   1 
ATOM   219  C CA  . GLY A 1 31  ? 2.287   11.537  19.919  1.00 30.52 ? 1511 GLY A CA  1 
ATOM   220  C C   . GLY A 1 31  ? 0.792   11.461  19.796  1.00 30.13 ? 1511 GLY A C   1 
ATOM   221  O O   . GLY A 1 31  ? 0.211   11.925  18.819  1.00 30.44 ? 1511 GLY A O   1 
ATOM   222  N N   . ALA A 1 32  ? 0.136   10.896  20.811  1.00 30.81 ? 1512 ALA A N   1 
ATOM   223  C CA  . ALA A 1 32  ? -1.334  10.910  20.898  1.00 32.02 ? 1512 ALA A CA  1 
ATOM   224  C C   . ALA A 1 32  ? -2.006  10.180  19.733  1.00 33.60 ? 1512 ALA A C   1 
ATOM   225  O O   . ALA A 1 32  ? -3.138  10.529  19.303  1.00 35.05 ? 1512 ALA A O   1 
ATOM   226  C CB  . ALA A 1 32  ? -1.873  12.315  21.083  1.00 32.72 ? 1512 ALA A CB  1 
ATOM   227  N N   . GLY A 1 33  ? -1.293  9.139   19.292  1.00 34.63 ? 1513 GLY A N   1 
ATOM   228  C CA  . GLY A 1 33  ? -1.715  8.228   18.215  1.00 35.72 ? 1513 GLY A CA  1 
ATOM   229  C C   . GLY A 1 33  ? -1.560  8.776   16.797  1.00 36.31 ? 1513 GLY A C   1 
ATOM   230  O O   . GLY A 1 33  ? -2.257  8.307   15.882  1.00 38.36 ? 1513 GLY A O   1 
ATOM   231  N N   . LYS A 1 34  ? -0.726  9.796   16.621  1.00 36.58 ? 1514 LYS A N   1 
ATOM   232  C CA  . LYS A 1 34  ? -0.385  10.363  15.294  1.00 36.14 ? 1514 LYS A CA  1 
ATOM   233  C C   . LYS A 1 34  ? 1.069   10.103  14.944  1.00 33.93 ? 1514 LYS A C   1 
ATOM   234  O O   . LYS A 1 34  ? 1.873   10.000  15.819  1.00 31.12 ? 1514 LYS A O   1 
ATOM   235  C CB  . LYS A 1 34  ? -0.674  11.857  15.226  1.00 35.17 ? 1514 LYS A CB  1 
ATOM   236  C CG  . LYS A 1 34  ? -2.108  12.114  14.713  1.00 41.93 ? 1514 LYS A CG  1 
ATOM   237  C CD  . LYS A 1 34  ? -2.365  13.634  14.455  1.00 40.90 ? 1514 LYS A CD  1 
ATOM   238  C CE  . LYS A 1 34  ? -3.869  13.876  14.324  1.00 46.23 ? 1514 LYS A CE  1 
ATOM   239  N NZ  . LYS A 1 34  ? -4.338  15.033  15.167  1.00 45.48 ? 1514 LYS A NZ  1 
ATOM   240  N N   . TYR A 1 35  ? 1.373   9.895   13.646  1.00 32.07 ? 1515 TYR A N   1 
ATOM   241  C CA  . TYR A 1 35  ? 2.684   9.434   13.207  1.00 31.04 ? 1515 TYR A CA  1 
ATOM   242  C C   . TYR A 1 35  ? 3.076   10.250  12.035  1.00 31.07 ? 1515 TYR A C   1 
ATOM   243  O O   . TYR A 1 35  ? 2.198   10.523  11.204  1.00 32.75 ? 1515 TYR A O   1 
ATOM   244  C CB  . TYR A 1 35  ? 2.606   7.934   12.804  1.00 30.76 ? 1515 TYR A CB  1 
ATOM   245  C CG  . TYR A 1 35  ? 2.388   7.099   14.042  1.00 31.36 ? 1515 TYR A CG  1 
ATOM   246  C CD1 . TYR A 1 35  ? 1.090   6.768   14.460  1.00 30.13 ? 1515 TYR A CD1 1 
ATOM   247  C CD2 . TYR A 1 35  ? 3.479   6.753   14.856  1.00 32.88 ? 1515 TYR A CD2 1 
ATOM   248  C CE1 . TYR A 1 35  ? 0.888   6.035   15.644  1.00 37.20 ? 1515 TYR A CE1 1 
ATOM   249  C CE2 . TYR A 1 35  ? 3.279   6.068   16.056  1.00 37.91 ? 1515 TYR A CE2 1 
ATOM   250  C CZ  . TYR A 1 35  ? 1.992   5.710   16.437  1.00 36.06 ? 1515 TYR A CZ  1 
ATOM   251  O OH  . TYR A 1 35  ? 1.826   5.022   17.627  1.00 38.00 ? 1515 TYR A OH  1 
ATOM   252  N N   . LYS A 1 36  ? 4.333   10.694  11.960  1.00 28.18 ? 1516 LYS A N   1 
ATOM   253  C CA  . LYS A 1 36  ? 4.819   11.305  10.706  1.00 28.98 ? 1516 LYS A CA  1 
ATOM   254  C C   . LYS A 1 36  ? 5.173   10.238  9.678   1.00 28.42 ? 1516 LYS A C   1 
ATOM   255  O O   . LYS A 1 36  ? 5.935   9.329   9.978   1.00 27.89 ? 1516 LYS A O   1 
ATOM   256  C CB  . LYS A 1 36  ? 6.042   12.222  10.921  1.00 28.36 ? 1516 LYS A CB  1 
ATOM   257  C CG  . LYS A 1 36  ? 6.211   13.086  9.744   1.00 29.75 ? 1516 LYS A CG  1 
ATOM   258  C CD  . LYS A 1 36  ? 7.075   14.324  10.029  1.00 42.46 ? 1516 LYS A CD  1 
ATOM   259  C CE  . LYS A 1 36  ? 6.475   15.227  11.135  1.00 44.24 ? 1516 LYS A CE  1 
ATOM   260  N NZ  . LYS A 1 36  ? 5.203   15.942  10.714  1.00 45.53 ? 1516 LYS A NZ  1 
ATOM   261  N N   A LEU A 1 37  ? 4.583   10.372  8.485   0.50 29.04 ? 1517 LEU A N   1 
ATOM   262  N N   B LEU A 1 37  ? 4.600   10.369  8.467   0.50 28.89 ? 1517 LEU A N   1 
ATOM   263  C CA  A LEU A 1 37  ? 4.886   9.488   7.373   0.50 28.84 ? 1517 LEU A CA  1 
ATOM   264  C CA  B LEU A 1 37  ? 4.738   9.395   7.371   0.50 28.46 ? 1517 LEU A CA  1 
ATOM   265  C C   A LEU A 1 37  ? 5.833   10.125  6.374   0.50 28.94 ? 1517 LEU A C   1 
ATOM   266  C C   B LEU A 1 37  ? 5.586   9.951   6.212   0.50 28.80 ? 1517 LEU A C   1 
ATOM   267  O O   A LEU A 1 37  ? 5.789   11.341  6.092   0.50 29.07 ? 1517 LEU A O   1 
ATOM   268  O O   B LEU A 1 37  ? 5.214   11.003  5.659   0.50 28.99 ? 1517 LEU A O   1 
ATOM   269  C CB  A LEU A 1 37  ? 3.597   9.079   6.643   0.50 28.85 ? 1517 LEU A CB  1 
ATOM   270  C CB  B LEU A 1 37  ? 3.326   9.107   6.819   0.50 28.50 ? 1517 LEU A CB  1 
ATOM   271  C CG  A LEU A 1 37  ? 2.694   7.993   7.281   0.50 29.14 ? 1517 LEU A CG  1 
ATOM   272  C CG  B LEU A 1 37  ? 2.754   7.677   6.653   0.50 25.83 ? 1517 LEU A CG  1 
ATOM   273  C CD1 A LEU A 1 37  ? 3.167   6.598   6.940   0.50 25.62 ? 1517 LEU A CD1 1 
ATOM   274  C CD1 B LEU A 1 37  ? 3.648   6.831   5.764   0.50 28.78 ? 1517 LEU A CD1 1 
ATOM   275  C CD2 A LEU A 1 37  ? 2.674   8.158   8.795   0.50 29.23 ? 1517 LEU A CD2 1 
ATOM   276  C CD2 B LEU A 1 37  ? 2.559   6.983   7.983   0.50 25.67 ? 1517 LEU A CD2 1 
ATOM   277  N N   . LEU A 1 38  ? 6.702   9.284   5.851   1.00 28.17 ? 1518 LEU A N   1 
ATOM   278  C CA  . LEU A 1 38  ? 7.403   9.602   4.620   1.00 27.70 ? 1518 LEU A CA  1 
ATOM   279  C C   . LEU A 1 38  ? 7.038   8.544   3.581   1.00 28.00 ? 1518 LEU A C   1 
ATOM   280  O O   . LEU A 1 38  ? 7.427   7.382   3.660   1.00 27.03 ? 1518 LEU A O   1 
ATOM   281  C CB  . LEU A 1 38  ? 8.931   9.743   4.811   1.00 29.52 ? 1518 LEU A CB  1 
ATOM   282  C CG  . LEU A 1 38  ? 9.684   9.851   3.479   1.00 29.52 ? 1518 LEU A CG  1 
ATOM   283  C CD1 . LEU A 1 38  ? 9.491   11.188  2.787   1.00 28.34 ? 1518 LEU A CD1 1 
ATOM   284  C CD2 . LEU A 1 38  ? 11.104  9.581   3.750   1.00 35.58 ? 1518 LEU A CD2 1 
ATOM   285  N N   . PHE A 1 39  ? 6.207   8.949   2.637   1.00 28.02 ? 1519 PHE A N   1 
ATOM   286  C CA  . PHE A 1 39  ? 5.840   8.048   1.620   1.00 25.85 ? 1519 PHE A CA  1 
ATOM   287  C C   . PHE A 1 39  ? 6.982   7.800   0.654   1.00 26.50 ? 1519 PHE A C   1 
ATOM   288  O O   . PHE A 1 39  ? 7.921   8.637   0.461   1.00 25.89 ? 1519 PHE A O   1 
ATOM   289  C CB  . PHE A 1 39  ? 4.639   8.668   0.910   1.00 26.16 ? 1519 PHE A CB  1 
ATOM   290  C CG  . PHE A 1 39  ? 3.407   8.706   1.783   1.00 23.92 ? 1519 PHE A CG  1 
ATOM   291  C CD1 . PHE A 1 39  ? 3.036   9.838   2.451   1.00 25.69 ? 1519 PHE A CD1 1 
ATOM   292  C CD2 . PHE A 1 39  ? 2.590   7.534   1.884   1.00 24.25 ? 1519 PHE A CD2 1 
ATOM   293  C CE1 . PHE A 1 39  ? 1.884   9.870   3.238   1.00 22.65 ? 1519 PHE A CE1 1 
ATOM   294  C CE2 . PHE A 1 39  ? 1.446   7.539   2.614   1.00 23.05 ? 1519 PHE A CE2 1 
ATOM   295  C CZ  . PHE A 1 39  ? 1.059   8.684   3.301   1.00 23.59 ? 1519 PHE A CZ  1 
ATOM   296  N N   . ASP A 1 40  ? 6.917   6.675   -0.018  1.00 25.53 ? 1520 ASP A N   1 
ATOM   297  C CA  . ASP A 1 40  ? 7.982   6.313   -0.925  1.00 25.87 ? 1520 ASP A CA  1 
ATOM   298  C C   . ASP A 1 40  ? 8.072   7.223   -2.119  1.00 27.78 ? 1520 ASP A C   1 
ATOM   299  O O   . ASP A 1 40  ? 9.121   7.161   -2.779  1.00 31.02 ? 1520 ASP A O   1 
ATOM   300  C CB  . ASP A 1 40  ? 7.791   4.909   -1.488  1.00 24.45 ? 1520 ASP A CB  1 
ATOM   301  C CG  . ASP A 1 40  ? 7.860   3.845   -0.406  1.00 28.15 ? 1520 ASP A CG  1 
ATOM   302  O OD1 . ASP A 1 40  ? 8.216   4.167   0.751   1.00 31.10 ? 1520 ASP A OD1 1 
ATOM   303  O OD2 . ASP A 1 40  ? 7.484   2.701   -0.674  1.00 29.05 ? 1520 ASP A OD2 1 
ATOM   304  N N   . ASP A 1 41  ? 6.991   7.985   -2.419  1.00 29.85 ? 1521 ASP A N   1 
ATOM   305  C CA  . ASP A 1 41  ? 7.051   8.897   -3.581  1.00 33.25 ? 1521 ASP A CA  1 
ATOM   306  C C   . ASP A 1 41  ? 7.544   10.265  -3.145  1.00 34.33 ? 1521 ASP A C   1 
ATOM   307  O O   . ASP A 1 41  ? 7.582   11.203  -3.950  1.00 35.78 ? 1521 ASP A O   1 
ATOM   308  C CB  . ASP A 1 41  ? 5.710   8.949   -4.336  1.00 33.53 ? 1521 ASP A CB  1 
ATOM   309  C CG  . ASP A 1 41  ? 4.551   9.534   -3.528  1.00 34.18 ? 1521 ASP A CG  1 
ATOM   310  O OD1 . ASP A 1 41  ? 4.627   9.731   -2.293  1.00 31.75 ? 1521 ASP A OD1 1 
ATOM   311  O OD2 . ASP A 1 41  ? 3.487   9.763   -4.163  1.00 33.08 ? 1521 ASP A OD2 1 
ATOM   312  N N   . GLY A 1 42  ? 7.909   10.361  -1.864  1.00 34.26 ? 1522 GLY A N   1 
ATOM   313  C CA  . GLY A 1 42  ? 8.642   11.521  -1.302  1.00 33.24 ? 1522 GLY A CA  1 
ATOM   314  C C   . GLY A 1 42  ? 7.772   12.540  -0.590  1.00 33.57 ? 1522 GLY A C   1 
ATOM   315  O O   . GLY A 1 42  ? 8.292   13.482  0.024   1.00 32.67 ? 1522 GLY A O   1 
ATOM   316  N N   . TYR A 1 43  ? 6.457   12.315  -0.594  1.00 33.73 ? 1523 TYR A N   1 
ATOM   317  C CA  . TYR A 1 43  ? 5.496   13.189  0.077   1.00 34.98 ? 1523 TYR A CA  1 
ATOM   318  C C   . TYR A 1 43  ? 5.524   12.879  1.586   1.00 36.83 ? 1523 TYR A C   1 
ATOM   319  O O   . TYR A 1 43  ? 5.848   11.757  1.998   1.00 34.39 ? 1523 TYR A O   1 
ATOM   320  C CB  . TYR A 1 43  ? 4.100   12.947  -0.507  1.00 35.35 ? 1523 TYR A CB  1 
ATOM   321  C CG  . TYR A 1 43  ? 3.795   13.576  -1.868  1.00 35.40 ? 1523 TYR A CG  1 
ATOM   322  C CD1 . TYR A 1 43  ? 2.823   14.587  -1.984  1.00 39.49 ? 1523 TYR A CD1 1 
ATOM   323  C CD2 . TYR A 1 43  ? 4.457   13.177  -3.003  1.00 36.10 ? 1523 TYR A CD2 1 
ATOM   324  C CE1 . TYR A 1 43  ? 2.536   15.207  -3.232  1.00 37.03 ? 1523 TYR A CE1 1 
ATOM   325  C CE2 . TYR A 1 43  ? 4.172   13.796  -4.306  1.00 35.41 ? 1523 TYR A CE2 1 
ATOM   326  C CZ  . TYR A 1 43  ? 3.207   14.786  -4.381  1.00 38.87 ? 1523 TYR A CZ  1 
ATOM   327  O OH  . TYR A 1 43  ? 2.877   15.375  -5.606  1.00 39.85 ? 1523 TYR A OH  1 
ATOM   328  N N   . GLU A 1 44  ? 5.279   13.884  2.422   1.00 38.17 ? 1524 GLU A N   1 
ATOM   329  C CA  . GLU A 1 44  ? 5.176   13.628  3.873   1.00 42.03 ? 1524 GLU A CA  1 
ATOM   330  C C   . GLU A 1 44  ? 3.937   14.313  4.466   1.00 42.36 ? 1524 GLU A C   1 
ATOM   331  O O   . GLU A 1 44  ? 3.466   15.332  3.952   1.00 44.33 ? 1524 GLU A O   1 
ATOM   332  C CB  . GLU A 1 44  ? 6.432   14.040  4.658   1.00 41.03 ? 1524 GLU A CB  1 
ATOM   333  C CG  . GLU A 1 44  ? 7.762   14.008  3.878   1.00 47.01 ? 1524 GLU A CG  1 
ATOM   334  C CD  . GLU A 1 44  ? 9.020   14.505  4.661   1.00 45.86 ? 1524 GLU A CD  1 
ATOM   335  O OE1 . GLU A 1 44  ? 8.951   14.763  5.899   1.00 53.32 ? 1524 GLU A OE1 1 
ATOM   336  O OE2 . GLU A 1 44  ? 10.117  14.612  4.026   1.00 51.68 ? 1524 GLU A OE2 1 
ATOM   337  N N   . CYS A 1 45  ? 3.409   13.729  5.540   1.00 40.60 ? 1525 CYS A N   1 
ATOM   338  C CA  . CYS A 1 45  ? 2.287   14.262  6.279   1.00 40.30 ? 1525 CYS A CA  1 
ATOM   339  C C   . CYS A 1 45  ? 2.164   13.401  7.549   1.00 38.79 ? 1525 CYS A C   1 
ATOM   340  O O   . CYS A 1 45  ? 2.822   12.341  7.678   1.00 37.60 ? 1525 CYS A O   1 
ATOM   341  C CB  . CYS A 1 45  ? 0.998   14.176  5.467   1.00 40.40 ? 1525 CYS A CB  1 
ATOM   342  S SG  . CYS A 1 45  ? 0.260   12.548  5.255   1.00 46.74 ? 1525 CYS A SG  1 
ATOM   343  N N   . ASP A 1 46  ? 1.353   13.887  8.487   1.00 37.09 ? 1526 ASP A N   1 
ATOM   344  C CA  . ASP A 1 46  ? 0.973   13.119  9.675   1.00 35.37 ? 1526 ASP A CA  1 
ATOM   345  C C   . ASP A 1 46  ? -0.304  12.348  9.404   1.00 34.82 ? 1526 ASP A C   1 
ATOM   346  O O   . ASP A 1 46  ? -1.215  12.892  8.778   1.00 35.97 ? 1526 ASP A O   1 
ATOM   347  C CB  . ASP A 1 46  ? 0.699   14.099  10.834  1.00 36.14 ? 1526 ASP A CB  1 
ATOM   348  C CG  . ASP A 1 46  ? 1.917   14.902  11.251  1.00 37.10 ? 1526 ASP A CG  1 
ATOM   349  O OD1 . ASP A 1 46  ? 3.074   14.526  10.969  1.00 39.27 ? 1526 ASP A OD1 1 
ATOM   350  O OD2 . ASP A 1 46  ? 1.710   15.925  11.938  1.00 41.14 ? 1526 ASP A OD2 1 
ATOM   351  N N   . VAL A 1 47  ? -0.382  11.097  9.886   1.00 30.37 ? 1527 VAL A N   1 
ATOM   352  C CA  . VAL A 1 47  ? -1.506  10.223  9.727   1.00 30.70 ? 1527 VAL A CA  1 
ATOM   353  C C   . VAL A 1 47  ? -1.868  9.670   11.093  1.00 29.11 ? 1527 VAL A C   1 
ATOM   354  O O   . VAL A 1 47  ? -0.991  9.356   11.897  1.00 31.16 ? 1527 VAL A O   1 
ATOM   355  C CB  . VAL A 1 47  ? -1.059  9.033   8.755   1.00 29.10 ? 1527 VAL A CB  1 
ATOM   356  C CG1 . VAL A 1 47  ? -2.200  8.100   8.495   1.00 29.29 ? 1527 VAL A CG1 1 
ATOM   357  C CG2 . VAL A 1 47  ? -0.508  9.613   7.452   1.00 28.80 ? 1527 VAL A CG2 1 
ATOM   358  N N   . LEU A 1 48  ? -3.155  9.454   11.365  1.00 31.59 ? 1528 LEU A N   1 
ATOM   359  C CA  . LEU A 1 48  ? -3.577  8.767   12.583  1.00 31.53 ? 1528 LEU A CA  1 
ATOM   360  C C   . LEU A 1 48  ? -3.239  7.283   12.508  1.00 30.87 ? 1528 LEU A C   1 
ATOM   361  O O   . LEU A 1 48  ? -3.325  6.682   11.431  1.00 29.13 ? 1528 LEU A O   1 
ATOM   362  C CB  . LEU A 1 48  ? -5.120  8.855   12.676  1.00 31.64 ? 1528 LEU A CB  1 
ATOM   363  C CG  . LEU A 1 48  ? -5.711  10.276  12.738  1.00 36.61 ? 1528 LEU A CG  1 
ATOM   364  C CD1 . LEU A 1 48  ? -7.141  10.230  12.160  1.00 36.27 ? 1528 LEU A CD1 1 
ATOM   365  C CD2 . LEU A 1 48  ? -5.749  10.781  14.140  1.00 41.17 ? 1528 LEU A CD2 1 
ATOM   366  N N   . GLY A 1 49  ? -2.833  6.692   13.617  1.00 29.91 ? 1529 GLY A N   1 
ATOM   367  C CA  . GLY A 1 49  ? -2.433  5.313   13.640  1.00 29.93 ? 1529 GLY A CA  1 
ATOM   368  C C   . GLY A 1 49  ? -3.540  4.455   13.082  1.00 30.74 ? 1529 GLY A C   1 
ATOM   369  O O   . GLY A 1 49  ? -3.274  3.423   12.484  1.00 28.91 ? 1529 GLY A O   1 
ATOM   370  N N   . LYS A 1 50  ? -4.799  4.858   13.251  1.00 30.81 ? 1530 LYS A N   1 
ATOM   371  C CA  . LYS A 1 50  ? -5.912  3.993   12.767  1.00 32.58 ? 1530 LYS A CA  1 
ATOM   372  C C   . LYS A 1 50  ? -5.897  3.908   11.238  1.00 32.69 ? 1530 LYS A C   1 
ATOM   373  O O   . LYS A 1 50  ? -6.428  2.975   10.647  1.00 34.61 ? 1530 LYS A O   1 
ATOM   374  C CB  . LYS A 1 50  ? -7.282  4.581   13.176  1.00 32.85 ? 1530 LYS A CB  1 
ATOM   375  C CG  . LYS A 1 50  ? -7.719  5.849   12.420  1.00 36.17 ? 1530 LYS A CG  1 
ATOM   376  C CD  . LYS A 1 50  ? -9.248  6.227   12.557  1.00 36.23 ? 1530 LYS A CD  1 
ATOM   377  C CE  . LYS A 1 50  ? -10.032 6.045   11.169  1.00 43.86 ? 1530 LYS A CE  1 
ATOM   378  N NZ  . LYS A 1 50  ? -9.952  7.183   10.123  1.00 45.83 ? 1530 LYS A NZ  1 
ATOM   379  N N   . ASP A 1 51  ? -5.279  4.887   10.608  1.00 29.92 ? 1531 ASP A N   1 
ATOM   380  C CA  . ASP A 1 51  ? -5.173  4.919   9.103   1.00 29.12 ? 1531 ASP A CA  1 
ATOM   381  C C   . ASP A 1 51  ? -3.811  4.378   8.528   1.00 27.58 ? 1531 ASP A C   1 
ATOM   382  O O   . ASP A 1 51  ? -3.502  4.564   7.336   1.00 25.44 ? 1531 ASP A O   1 
ATOM   383  C CB  . ASP A 1 51  ? -5.388  6.327   8.645   1.00 30.90 ? 1531 ASP A CB  1 
ATOM   384  C CG  . ASP A 1 51  ? -6.854  6.809   8.917   1.00 30.42 ? 1531 ASP A CG  1 
ATOM   385  O OD1 . ASP A 1 51  ? -7.718  5.984   8.878   1.00 35.28 ? 1531 ASP A OD1 1 
ATOM   386  O OD2 . ASP A 1 51  ? -7.058  7.979   9.178   1.00 35.77 ? 1531 ASP A OD2 1 
ATOM   387  N N   . ILE A 1 52  ? -3.042  3.701   9.390   1.00 26.34 ? 1532 ILE A N   1 
ATOM   388  C CA  . ILE A 1 52  ? -1.719  3.140   9.037   1.00 25.81 ? 1532 ILE A CA  1 
ATOM   389  C C   . ILE A 1 52  ? -1.812  1.641   9.095   1.00 26.99 ? 1532 ILE A C   1 
ATOM   390  O O   . ILE A 1 52  ? -2.305  1.115   10.094  1.00 29.19 ? 1532 ILE A O   1 
ATOM   391  C CB  . ILE A 1 52  ? -0.613  3.668   9.938   1.00 28.04 ? 1532 ILE A CB  1 
ATOM   392  C CG1 . ILE A 1 52  ? -0.521  5.180   9.812   1.00 26.39 ? 1532 ILE A CG1 1 
ATOM   393  C CG2 . ILE A 1 52  ? 0.756   3.013   9.611   1.00 25.44 ? 1532 ILE A CG2 1 
ATOM   394  C CD1 . ILE A 1 52  ? 0.382   5.744   10.868  1.00 29.05 ? 1532 ILE A CD1 1 
ATOM   395  N N   . LEU A 1 53  ? -1.444  0.962   8.018   1.00 23.99 ? 1533 LEU A N   1 
ATOM   396  C CA  . LEU A 1 53  ? -1.564  -0.522  7.994   1.00 24.13 ? 1533 LEU A CA  1 
ATOM   397  C C   . LEU A 1 53  ? -0.148  -1.106  8.086   1.00 24.78 ? 1533 LEU A C   1 
ATOM   398  O O   . LEU A 1 53  ? 0.768   -0.786  7.289   1.00 24.25 ? 1533 LEU A O   1 
ATOM   399  C CB  . LEU A 1 53  ? -2.246  -1.018  6.701   1.00 23.61 ? 1533 LEU A CB  1 
ATOM   400  C CG  . LEU A 1 53  ? -3.611  -0.358  6.344   1.00 23.94 ? 1533 LEU A CG  1 
ATOM   401  C CD1 . LEU A 1 53  ? -3.977  -0.711  4.945   1.00 26.50 ? 1533 LEU A CD1 1 
ATOM   402  C CD2 . LEU A 1 53  ? -4.724  -0.808  7.366   1.00 24.53 ? 1533 LEU A CD2 1 
ATOM   403  N N   . LEU A 1 54  ? 0.086   -1.892  9.123   1.00 26.87 ? 1534 LEU A N   1 
ATOM   404  C CA  . LEU A 1 54  ? 1.395   -2.499  9.319   1.00 30.37 ? 1534 LEU A CA  1 
ATOM   405  C C   . LEU A 1 54  ? 1.509   -3.718  8.447   1.00 31.69 ? 1534 LEU A C   1 
ATOM   406  O O   . LEU A 1 54  ? 1.519   -4.831  8.942   1.00 32.43 ? 1534 LEU A O   1 
ATOM   407  C CB  . LEU A 1 54  ? 1.568   -2.950  10.791  1.00 33.06 ? 1534 LEU A CB  1 
ATOM   408  C CG  . LEU A 1 54  ? 2.889   -2.666  11.501  1.00 36.82 ? 1534 LEU A CG  1 
ATOM   409  C CD1 . LEU A 1 54  ? 3.200   -3.671  12.652  1.00 34.38 ? 1534 LEU A CD1 1 
ATOM   410  C CD2 . LEU A 1 54  ? 4.129   -2.269  10.660  1.00 36.79 ? 1534 LEU A CD2 1 
ATOM   411  N N   A CYS A 1 55  ? 1.643   -3.512  7.130   0.50 29.88 ? 1535 CYS A N   1 
ATOM   412  N N   B CYS A 1 55  ? 1.487   -3.560  7.139   0.50 31.56 ? 1535 CYS A N   1 
ATOM   413  C CA  A CYS A 1 55  ? 1.886   -4.636  6.219   0.50 28.47 ? 1535 CYS A CA  1 
ATOM   414  C CA  B CYS A 1 55  ? 1.765   -4.734  6.375   0.50 31.31 ? 1535 CYS A CA  1 
ATOM   415  C C   A CYS A 1 55  ? 2.981   -4.407  5.202   0.50 27.79 ? 1535 CYS A C   1 
ATOM   416  C C   B CYS A 1 55  ? 2.692   -4.451  5.251   0.50 30.20 ? 1535 CYS A C   1 
ATOM   417  O O   A CYS A 1 55  ? 2.832   -3.628  4.258   0.50 29.29 ? 1535 CYS A O   1 
ATOM   418  O O   B CYS A 1 55  ? 2.371   -3.760  4.293   0.50 30.89 ? 1535 CYS A O   1 
ATOM   419  C CB  A CYS A 1 55  ? 0.637   -5.143  5.495   0.50 28.80 ? 1535 CYS A CB  1 
ATOM   420  C CB  B CYS A 1 55  ? 0.545   -5.575  5.979   0.50 32.36 ? 1535 CYS A CB  1 
ATOM   421  S SG  A CYS A 1 55  ? -0.437  -3.924  4.738   0.50 25.16 ? 1535 CYS A SG  1 
ATOM   422  S SG  B CYS A 1 55  ? -0.914  -4.748  5.341   0.50 34.23 ? 1535 CYS A SG  1 
ATOM   423  N N   A ASP A 1 56  ? 4.058   -5.169  5.331   0.50 25.83 ? 1536 ASP A N   1 
ATOM   424  N N   B ASP A 1 56  ? 3.873   -5.021  5.392   0.50 28.49 ? 1536 ASP A N   1 
ATOM   425  C CA  A ASP A 1 56  ? 5.057   -5.097  4.324   0.50 26.01 ? 1536 ASP A CA  1 
ATOM   426  C CA  B ASP A 1 56  ? 4.728   -5.087  4.283   0.50 27.60 ? 1536 ASP A CA  1 
ATOM   427  C C   A ASP A 1 56  ? 5.564   -6.495  4.057   0.50 24.87 ? 1536 ASP A C   1 
ATOM   428  C C   B ASP A 1 56  ? 5.219   -6.503  4.191   0.50 26.54 ? 1536 ASP A C   1 
ATOM   429  O O   A ASP A 1 56  ? 6.477   -6.933  4.746   0.50 22.81 ? 1536 ASP A O   1 
ATOM   430  O O   B ASP A 1 56  ? 5.676   -7.011  5.240   0.50 25.30 ? 1536 ASP A O   1 
ATOM   431  C CB  A ASP A 1 56  ? 6.221   -4.216  4.800   0.50 25.56 ? 1536 ASP A CB  1 
ATOM   432  C CB  B ASP A 1 56  ? 5.947   -4.195  4.480   0.50 28.38 ? 1536 ASP A CB  1 
ATOM   433  C CG  A ASP A 1 56  ? 7.411   -4.289  3.885   0.50 25.39 ? 1536 ASP A CG  1 
ATOM   434  C CG  B ASP A 1 56  ? 6.689   -4.035  3.215   0.50 30.00 ? 1536 ASP A CG  1 
ATOM   435  O OD1 A ASP A 1 56  ? 8.537   -3.979  4.350   0.50 24.18 ? 1536 ASP A OD1 1 
ATOM   436  O OD1 B ASP A 1 56  ? 6.000   -3.647  2.250   0.50 31.23 ? 1536 ASP A OD1 1 
ATOM   437  O OD2 A ASP A 1 56  ? 7.222   -4.551  2.662   0.50 24.03 ? 1536 ASP A OD2 1 
ATOM   438  O OD2 B ASP A 1 56  ? 7.917   -4.289  3.171   0.50 31.98 ? 1536 ASP A OD2 1 
ATOM   439  N N   . PRO A 1 57  ? 5.056   -7.141  2.998   1.00 25.36 ? 1537 PRO A N   1 
ATOM   440  C CA  . PRO A 1 57  ? 4.245   -6.561  1.848   1.00 24.39 ? 1537 PRO A CA  1 
ATOM   441  C C   . PRO A 1 57  ? 2.745   -6.590  2.105   1.00 24.07 ? 1537 PRO A C   1 
ATOM   442  O O   . PRO A 1 57  ? 2.302   -7.134  3.139   1.00 27.53 ? 1537 PRO A O   1 
ATOM   443  C CB  . PRO A 1 57  ? 4.561   -7.527  0.682   1.00 25.08 ? 1537 PRO A CB  1 
ATOM   444  C CG  . PRO A 1 57  ? 4.642   -8.891  1.416   1.00 26.36 ? 1537 PRO A CG  1 
ATOM   445  C CD  . PRO A 1 57  ? 5.466   -8.567  2.686   1.00 24.73 ? 1537 PRO A CD  1 
ATOM   446  N N   . ILE A 1 58  ? 1.942   -6.081  1.150   1.00 24.30 ? 1538 ILE A N   1 
ATOM   447  C CA  . ILE A 1 58  ? 0.462   -6.174  1.246   1.00 23.24 ? 1538 ILE A CA  1 
ATOM   448  C C   . ILE A 1 58  ? 0.180   -7.667  1.092   1.00 23.97 ? 1538 ILE A C   1 
ATOM   449  O O   . ILE A 1 58  ? 0.836   -8.384  0.325   1.00 22.98 ? 1538 ILE A O   1 
ATOM   450  C CB  . ILE A 1 58  ? -0.138  -5.359  0.061   1.00 23.52 ? 1538 ILE A CB  1 
ATOM   451  C CG1 . ILE A 1 58  ? 0.212   -3.861  0.344   1.00 24.46 ? 1538 ILE A CG1 1 
ATOM   452  C CG2 . ILE A 1 58  ? -1.609  -5.521  0.025   1.00 24.92 ? 1538 ILE A CG2 1 
ATOM   453  C CD1 . ILE A 1 58  ? -0.034  -2.957  -0.948  1.00 24.10 ? 1538 ILE A CD1 1 
ATOM   454  N N   . PRO A 1 59  ? -0.754  -8.176  1.882   1.00 23.76 ? 1539 PRO A N   1 
ATOM   455  C CA  . PRO A 1 59  ? -0.846  -9.674  1.901   1.00 25.21 ? 1539 PRO A CA  1 
ATOM   456  C C   . PRO A 1 59  ? -1.349  -10.391 0.661   1.00 26.25 ? 1539 PRO A C   1 
ATOM   457  O O   . PRO A 1 59  ? -2.147  -9.883  -0.132  1.00 23.52 ? 1539 PRO A O   1 
ATOM   458  C CB  . PRO A 1 59  ? -1.807  -9.926  3.074   1.00 25.23 ? 1539 PRO A CB  1 
ATOM   459  C CG  . PRO A 1 59  ? -1.750  -8.651  3.912   1.00 27.56 ? 1539 PRO A CG  1 
ATOM   460  C CD  . PRO A 1 59  ? -1.641  -7.543  2.849   1.00 23.90 ? 1539 PRO A CD  1 
ATOM   461  N N   . LEU A 1 60  ? -0.923  -11.632 0.510   1.00 25.14 ? 1540 LEU A N   1 
ATOM   462  C CA  . LEU A 1 60  ? -1.554  -12.485 -0.492  1.00 24.32 ? 1540 LEU A CA  1 
ATOM   463  C C   . LEU A 1 60  ? -3.102  -12.519 -0.330  1.00 25.40 ? 1540 LEU A C   1 
ATOM   464  O O   . LEU A 1 60  ? -3.646  -12.442 0.800   1.00 26.28 ? 1540 LEU A O   1 
ATOM   465  C CB  . LEU A 1 60  ? -1.009  -13.889 -0.249  1.00 24.24 ? 1540 LEU A CB  1 
ATOM   466  C CG  . LEU A 1 60  ? 0.455   -14.132 -0.523  1.00 25.27 ? 1540 LEU A CG  1 
ATOM   467  C CD1 . LEU A 1 60  ? 0.749   -15.668 -0.282  1.00 27.50 ? 1540 LEU A CD1 1 
ATOM   468  C CD2 . LEU A 1 60  ? 0.813   -13.817 -1.990  1.00 22.44 ? 1540 LEU A CD2 1 
ATOM   469  N N   . ASP A 1 61  ? -3.757  -12.610 -1.478  1.00 25.15 ? 1541 ASP A N   1 
ATOM   470  C CA  . ASP A 1 61  ? -5.140  -12.629 -1.704  1.00 29.38 ? 1541 ASP A CA  1 
ATOM   471  C C   . ASP A 1 61  ? -5.884  -11.316 -1.452  1.00 29.29 ? 1541 ASP A C   1 
ATOM   472  O O   . ASP A 1 61  ? -7.125  -11.285 -1.574  1.00 31.42 ? 1541 ASP A O   1 
ATOM   473  C CB  . ASP A 1 61  ? -5.754  -13.823 -0.936  1.00 31.08 ? 1541 ASP A CB  1 
ATOM   474  C CG  . ASP A 1 61  ? -5.275  -15.143 -1.498  1.00 35.54 ? 1541 ASP A CG  1 
ATOM   475  O OD1 . ASP A 1 61  ? -5.495  -15.449 -2.730  1.00 39.04 ? 1541 ASP A OD1 1 
ATOM   476  O OD2 . ASP A 1 61  ? -4.654  -15.872 -0.701  1.00 43.28 ? 1541 ASP A OD2 1 
ATOM   477  N N   A THR A 1 62  ? -5.197  -10.236 -1.125  0.50 29.95 ? 1542 THR A N   1 
ATOM   478  N N   B THR A 1 62  ? -5.134  -10.251 -1.140  0.50 27.38 ? 1542 THR A N   1 
ATOM   479  C CA  A THR A 1 62  ? -5.940  -8.971  -0.976  0.50 28.96 ? 1542 THR A CA  1 
ATOM   480  C CA  B THR A 1 62  ? -5.681  -8.866  -1.017  0.50 25.32 ? 1542 THR A CA  1 
ATOM   481  C C   A THR A 1 62  ? -6.143  -8.287  -2.300  0.50 26.83 ? 1542 THR A C   1 
ATOM   482  C C   B THR A 1 62  ? -6.210  -8.399  -2.404  0.50 24.36 ? 1542 THR A C   1 
ATOM   483  O O   A THR A 1 62  ? -5.243  -8.251  -3.131  0.50 25.72 ? 1542 THR A O   1 
ATOM   484  O O   B THR A 1 62  ? -5.652  -8.691  -3.431  0.50 23.89 ? 1542 THR A O   1 
ATOM   485  C CB  A THR A 1 62  ? -5.330  -8.015  0.065   0.50 29.16 ? 1542 THR A CB  1 
ATOM   486  C CB  B THR A 1 62  ? -4.630  -7.859  -0.372  0.50 22.55 ? 1542 THR A CB  1 
ATOM   487  O OG1 A THR A 1 62  ? -5.649  -6.607  -0.198  0.50 32.60 ? 1542 THR A OG1 1 
ATOM   488  O OG1 B THR A 1 62  ? -4.110  -8.400  0.876   0.50 22.88 ? 1542 THR A OG1 1 
ATOM   489  C CG2 A THR A 1 62  ? -3.878  -8.156  0.120   0.50 30.26 ? 1542 THR A CG2 1 
ATOM   490  C CG2 B THR A 1 62  ? -5.231  -6.340  -0.033  0.50 24.86 ? 1542 THR A CG2 1 
ATOM   491  N N   . GLU A 1 63  ? -7.327  -7.678  -2.434  1.00 24.78 ? 1543 GLU A N   1 
ATOM   492  C CA  . GLU A 1 63  ? -7.650  -6.919  -3.588  1.00 25.40 ? 1543 GLU A CA  1 
ATOM   493  C C   . GLU A 1 63  ? -6.954  -5.580  -3.451  1.00 21.23 ? 1543 GLU A C   1 
ATOM   494  O O   . GLU A 1 63  ? -7.082  -4.890  -2.478  1.00 23.04 ? 1543 GLU A O   1 
ATOM   495  C CB  . GLU A 1 63  ? -9.136  -6.646  -3.693  1.00 26.00 ? 1543 GLU A CB  1 
ATOM   496  C CG  . GLU A 1 63  ? -9.561  -6.034  -5.025  1.00 33.47 ? 1543 GLU A CG  1 
ATOM   497  C CD  . GLU A 1 63  ? -11.022 -5.541  -4.901  1.00 36.69 ? 1543 GLU A CD  1 
ATOM   498  O OE1 . GLU A 1 63  ? -11.244 -4.351  -4.758  1.00 33.47 ? 1543 GLU A OE1 1 
ATOM   499  O OE2 . GLU A 1 63  ? -11.936 -6.393  -4.889  1.00 39.27 ? 1543 GLU A OE2 1 
ATOM   500  N N   . VAL A 1 64  ? -6.282  -5.246  -4.509  1.00 22.81 ? 1544 VAL A N   1 
ATOM   501  C CA  . VAL A 1 64  ? -5.476  -3.977  -4.553  1.00 19.94 ? 1544 VAL A CA  1 
ATOM   502  C C   . VAL A 1 64  ? -5.848  -3.166  -5.809  1.00 19.92 ? 1544 VAL A C   1 
ATOM   503  O O   . VAL A 1 64  ? -6.625  -3.683  -6.660  1.00 23.04 ? 1544 VAL A O   1 
ATOM   504  C CB  . VAL A 1 64  ? -3.983  -4.299  -4.561  1.00 18.78 ? 1544 VAL A CB  1 
ATOM   505  C CG1 . VAL A 1 64  ? -3.543  -5.058  -3.279  1.00 21.03 ? 1544 VAL A CG1 1 
ATOM   506  C CG2 . VAL A 1 64  ? -3.543  -5.100  -5.782  1.00 20.90 ? 1544 VAL A CG2 1 
ATOM   507  N N   . THR A 1 65  ? -5.235  -1.983  -5.971  1.00 19.87 ? 1545 THR A N   1 
ATOM   508  C CA  . THR A 1 65  ? -5.383  -1.161  -7.160  1.00 20.67 ? 1545 THR A CA  1 
ATOM   509  C C   . THR A 1 65  ? -3.951  -1.117  -7.802  1.00 23.29 ? 1545 THR A C   1 
ATOM   510  O O   . THR A 1 65  ? -2.927  -0.806  -7.147  1.00 25.38 ? 1545 THR A O   1 
ATOM   511  C CB  . THR A 1 65  ? -5.962  0.262   -6.829  1.00 21.59 ? 1545 THR A CB  1 
ATOM   512  O OG1 . THR A 1 65  ? -7.217  0.117   -6.196  1.00 23.26 ? 1545 THR A OG1 1 
ATOM   513  C CG2 . THR A 1 65  ? -6.089  1.192   -8.101  1.00 20.48 ? 1545 THR A CG2 1 
ATOM   514  N N   . ALA A 1 66  ? -3.896  -1.457  -9.074  1.00 21.37 ? 1546 ALA A N   1 
ATOM   515  C CA  . ALA A 1 66  ? -2.612  -1.560  -9.844  1.00 23.66 ? 1546 ALA A CA  1 
ATOM   516  C C   . ALA A 1 66  ? -2.642  -0.422  -10.782 1.00 24.48 ? 1546 ALA A C   1 
ATOM   517  O O   . ALA A 1 66  ? -3.693  -0.177  -11.405 1.00 24.98 ? 1546 ALA A O   1 
ATOM   518  C CB  . ALA A 1 66  ? -2.533  -2.821  -10.670 1.00 24.16 ? 1546 ALA A CB  1 
ATOM   519  N N   . LEU A 1 67  ? -1.489  0.252   -10.900 1.00 23.88 ? 1547 LEU A N   1 
ATOM   520  C CA  . LEU A 1 67  ? -1.251  1.422   -11.737 1.00 26.18 ? 1547 LEU A CA  1 
ATOM   521  C C   . LEU A 1 67  ? -0.579  1.009   -13.016 1.00 29.73 ? 1547 LEU A C   1 
ATOM   522  O O   . LEU A 1 67  ? 0.522   0.370   -12.992 1.00 29.08 ? 1547 LEU A O   1 
ATOM   523  C CB  . LEU A 1 67  ? -0.381  2.436   -10.970 1.00 24.74 ? 1547 LEU A CB  1 
ATOM   524  C CG  . LEU A 1 67  ? -0.948  2.912   -9.617  1.00 30.11 ? 1547 LEU A CG  1 
ATOM   525  C CD1 . LEU A 1 67  ? -0.107  4.038   -9.014  1.00 32.66 ? 1547 LEU A CD1 1 
ATOM   526  C CD2 . LEU A 1 67  ? -2.392  3.412   -9.639  1.00 36.35 ? 1547 LEU A CD2 1 
ATOM   527  N N   A SER A 1 68  ? -1.235  1.300   -14.141 0.50 30.92 ? 1548 SER A N   1 
ATOM   528  N N   B SER A 1 68  ? -1.245  1.267   -14.142 0.50 30.80 ? 1548 SER A N   1 
ATOM   529  C CA  A SER A 1 68  ? -0.667  1.020   -15.467 0.50 32.99 ? 1548 SER A CA  1 
ATOM   530  C CA  B SER A 1 68  ? -0.646  0.986   -15.447 0.50 32.74 ? 1548 SER A CA  1 
ATOM   531  C C   A SER A 1 68  ? 0.056   2.236   -16.010 0.50 34.64 ? 1548 SER A C   1 
ATOM   532  C C   B SER A 1 68  ? 0.250   2.155   -15.840 0.50 34.43 ? 1548 SER A C   1 
ATOM   533  O O   A SER A 1 68  ? -0.179  3.352   -15.559 0.50 35.00 ? 1548 SER A O   1 
ATOM   534  O O   B SER A 1 68  ? 0.341   3.157   -15.108 0.50 33.94 ? 1548 SER A O   1 
ATOM   535  C CB  A SER A 1 68  ? -1.735  0.501   -16.419 0.50 32.32 ? 1548 SER A CB  1 
ATOM   536  C CB  B SER A 1 68  ? -1.711  0.672   -16.496 0.50 32.16 ? 1548 SER A CB  1 
ATOM   537  O OG  A SER A 1 68  ? -2.129  -0.793  -16.008 0.50 33.88 ? 1548 SER A OG  1 
ATOM   538  O OG  B SER A 1 68  ? -2.222  1.863   -17.050 0.50 33.24 ? 1548 SER A OG  1 
ATOM   539  N N   . GLU A 1 69  ? 0.979   2.024   -16.957 1.00 37.75 ? 1549 GLU A N   1 
ATOM   540  C CA  . GLU A 1 69  ? 2.013   3.075   -17.283 1.00 41.38 ? 1549 GLU A CA  1 
ATOM   541  C C   . GLU A 1 69  ? 1.495   4.375   -17.898 1.00 42.69 ? 1549 GLU A C   1 
ATOM   542  O O   . GLU A 1 69  ? 2.262   5.390   -17.973 1.00 44.74 ? 1549 GLU A O   1 
ATOM   543  C CB  . GLU A 1 69  ? 3.190   2.537   -18.161 1.00 43.62 ? 1549 GLU A CB  1 
ATOM   544  C CG  . GLU A 1 69  ? 4.038   1.404   -17.539 1.00 50.21 ? 1549 GLU A CG  1 
ATOM   545  C CD  . GLU A 1 69  ? 4.520   1.664   -16.081 1.00 60.31 ? 1549 GLU A CD  1 
ATOM   546  O OE1 . GLU A 1 69  ? 5.214   2.691   -15.802 1.00 61.10 ? 1549 GLU A OE1 1 
ATOM   547  O OE2 . GLU A 1 69  ? 4.212   0.806   -15.216 1.00 60.94 ? 1549 GLU A OE2 1 
ATOM   548  N N   . ASP A 1 70  ? 0.243   4.355   -18.350 1.00 40.69 ? 1550 ASP A N   1 
ATOM   549  C CA  . ASP A 1 70  ? -0.350  5.528   -19.046 1.00 40.39 ? 1550 ASP A CA  1 
ATOM   550  C C   . ASP A 1 70  ? -1.511  6.203   -18.231 1.00 38.31 ? 1550 ASP A C   1 
ATOM   551  O O   . ASP A 1 70  ? -2.462  6.786   -18.802 1.00 39.30 ? 1550 ASP A O   1 
ATOM   552  C CB  . ASP A 1 70  ? -0.870  5.021   -20.378 1.00 40.65 ? 1550 ASP A CB  1 
ATOM   553  C CG  . ASP A 1 70  ? -1.447  3.634   -20.243 1.00 46.05 ? 1550 ASP A CG  1 
ATOM   554  O OD1 . ASP A 1 70  ? -1.494  3.137   -19.070 1.00 47.96 ? 1550 ASP A OD1 1 
ATOM   555  O OD2 . ASP A 1 70  ? -1.850  3.041   -21.273 1.00 51.61 ? 1550 ASP A OD2 1 
ATOM   556  N N   A GLU A 1 71  ? -1.365  6.108   -16.905 0.50 36.51 ? 1551 GLU A N   1 
ATOM   557  N N   B GLU A 1 71  ? -1.432  6.161   -16.905 0.50 36.12 ? 1551 GLU A N   1 
ATOM   558  C CA  A GLU A 1 71  ? -2.232  6.673   -15.858 0.50 34.64 ? 1551 GLU A CA  1 
ATOM   559  C CA  B GLU A 1 71  ? -2.434  6.802   -16.050 0.50 33.90 ? 1551 GLU A CA  1 
ATOM   560  C C   A GLU A 1 71  ? -3.607  6.026   -15.758 0.50 32.93 ? 1551 GLU A C   1 
ATOM   561  C C   B GLU A 1 71  ? -3.780  6.088   -16.138 0.50 32.19 ? 1551 GLU A C   1 
ATOM   562  O O   A GLU A 1 71  ? -4.541  6.679   -15.265 0.50 31.31 ? 1551 GLU A O   1 
ATOM   563  O O   B GLU A 1 71  ? -4.834  6.706   -16.140 0.50 30.38 ? 1551 GLU A O   1 
ATOM   564  C CB  A GLU A 1 71  ? -2.357  8.211   -15.919 0.50 35.18 ? 1551 GLU A CB  1 
ATOM   565  C CB  B GLU A 1 71  ? -2.605  8.291   -16.382 0.50 34.90 ? 1551 GLU A CB  1 
ATOM   566  C CG  A GLU A 1 71  ? -1.017  8.962   -15.893 0.50 35.69 ? 1551 GLU A CG  1 
ATOM   567  C CG  B GLU A 1 71  ? -1.295  9.092   -16.413 0.50 34.84 ? 1551 GLU A CG  1 
ATOM   568  C CD  A GLU A 1 71  ? -1.158  10.430  -16.233 0.50 36.36 ? 1551 GLU A CD  1 
ATOM   569  C CD  B GLU A 1 71  ? -0.722  9.284   -15.035 0.50 36.52 ? 1551 GLU A CD  1 
ATOM   570  O OE1 A GLU A 1 71  ? -1.121  11.259  -15.303 0.50 42.63 ? 1551 GLU A OE1 1 
ATOM   571  O OE1 B GLU A 1 71  ? -1.301  10.071  -14.264 0.50 37.33 ? 1551 GLU A OE1 1 
ATOM   572  O OE2 A GLU A 1 71  ? -1.318  10.757  -17.426 0.50 40.54 ? 1551 GLU A OE2 1 
ATOM   573  O OE2 B GLU A 1 71  ? 0.287   8.628   -14.707 0.50 38.21 ? 1551 GLU A OE2 1 
ATOM   574  N N   . TYR A 1 72  ? -3.731  4.779   -16.228 1.00 30.49 ? 1552 TYR A N   1 
ATOM   575  C CA  . TYR A 1 72  ? -4.952  3.960   -15.941 1.00 28.41 ? 1552 TYR A CA  1 
ATOM   576  C C   . TYR A 1 72  ? -4.753  3.183   -14.660 1.00 26.60 ? 1552 TYR A C   1 
ATOM   577  O O   . TYR A 1 72  ? -3.572  2.899   -14.248 1.00 28.82 ? 1552 TYR A O   1 
ATOM   578  C CB  . TYR A 1 72  ? -5.362  2.984   -17.075 1.00 27.31 ? 1552 TYR A CB  1 
ATOM   579  C CG  . TYR A 1 72  ? -5.862  3.707   -18.323 1.00 31.65 ? 1552 TYR A CG  1 
ATOM   580  C CD1 . TYR A 1 72  ? -4.956  4.156   -19.300 1.00 35.57 ? 1552 TYR A CD1 1 
ATOM   581  C CD2 . TYR A 1 72  ? -7.215  3.962   -18.505 1.00 30.80 ? 1552 TYR A CD2 1 
ATOM   582  C CE1 . TYR A 1 72  ? -5.387  4.841   -20.428 1.00 33.49 ? 1552 TYR A CE1 1 
ATOM   583  C CE2 . TYR A 1 72  ? -7.670  4.688   -19.666 1.00 31.35 ? 1552 TYR A CE2 1 
ATOM   584  C CZ  . TYR A 1 72  ? -6.709  5.153   -20.577 1.00 32.59 ? 1552 TYR A CZ  1 
ATOM   585  O OH  . TYR A 1 72  ? -7.040  5.843   -21.755 1.00 35.47 ? 1552 TYR A OH  1 
ATOM   586  N N   A PHE A 1 73  ? -5.866  2.884   -13.988 0.50 25.79 ? 1553 PHE A N   1 
ATOM   587  N N   B PHE A 1 73  ? -5.872  2.833   -14.028 0.50 25.32 ? 1553 PHE A N   1 
ATOM   588  C CA  A PHE A 1 73  ? -5.822  1.950   -12.833 0.50 23.64 ? 1553 PHE A CA  1 
ATOM   589  C CA  B PHE A 1 73  ? -5.877  2.077   -12.748 0.50 23.40 ? 1553 PHE A CA  1 
ATOM   590  C C   A PHE A 1 73  ? -6.938  0.942   -12.848 0.50 25.09 ? 1553 PHE A C   1 
ATOM   591  C C   B PHE A 1 73  ? -6.839  0.921   -12.947 0.50 24.52 ? 1553 PHE A C   1 
ATOM   592  O O   A PHE A 1 73  ? -8.025  1.165   -13.423 0.50 23.66 ? 1553 PHE A O   1 
ATOM   593  O O   B PHE A 1 73  ? -7.759  1.042   -13.790 0.50 23.77 ? 1553 PHE A O   1 
ATOM   594  C CB  A PHE A 1 73  ? -5.800  2.649   -11.477 0.50 26.09 ? 1553 PHE A CB  1 
ATOM   595  C CB  B PHE A 1 73  ? -6.430  2.985   -11.635 0.50 23.82 ? 1553 PHE A CB  1 
ATOM   596  C CG  A PHE A 1 73  ? -6.959  3.542   -11.204 0.50 22.12 ? 1553 PHE A CG  1 
ATOM   597  C CG  B PHE A 1 73  ? -5.630  4.262   -11.424 0.50 25.54 ? 1553 PHE A CG  1 
ATOM   598  C CD1 A PHE A 1 73  ? -7.062  4.815   -11.814 0.50 24.71 ? 1553 PHE A CD1 1 
ATOM   599  C CD1 B PHE A 1 73  ? -5.727  5.320   -12.312 0.50 26.60 ? 1553 PHE A CD1 1 
ATOM   600  C CD2 A PHE A 1 73  ? -7.871  3.223   -10.225 0.50 21.00 ? 1553 PHE A CD2 1 
ATOM   601  C CD2 B PHE A 1 73  ? -4.869  4.417   -10.271 0.50 31.56 ? 1553 PHE A CD2 1 
ATOM   602  C CE1 A PHE A 1 73  ? -8.141  5.665   -11.489 0.50 21.82 ? 1553 PHE A CE1 1 
ATOM   603  C CE1 B PHE A 1 73  ? -4.984  6.513   -12.101 0.50 29.42 ? 1553 PHE A CE1 1 
ATOM   604  C CE2 A PHE A 1 73  ? -8.928  4.098   -9.887  0.50 27.15 ? 1553 PHE A CE2 1 
ATOM   605  C CE2 B PHE A 1 73  ? -4.155  5.618   -10.028 0.50 31.61 ? 1553 PHE A CE2 1 
ATOM   606  C CZ  A PHE A 1 73  ? -9.049  5.304   -10.541 0.50 28.07 ? 1553 PHE A CZ  1 
ATOM   607  C CZ  B PHE A 1 73  ? -4.200  6.649   -10.963 0.50 28.69 ? 1553 PHE A CZ  1 
ATOM   608  N N   . SER A 1 74  ? -6.702  -0.169  -12.157 1.00 23.08 ? 1554 SER A N   1 
ATOM   609  C CA  . SER A 1 74  ? -7.684  -1.247  -12.187 1.00 24.27 ? 1554 SER A CA  1 
ATOM   610  C C   . SER A 1 74  ? -7.633  -1.995  -10.868 1.00 25.81 ? 1554 SER A C   1 
ATOM   611  O O   . SER A 1 74  ? -6.613  -1.900  -10.219 1.00 28.35 ? 1554 SER A O   1 
ATOM   612  C CB  . SER A 1 74  ? -7.387  -2.211  -13.386 1.00 25.79 ? 1554 SER A CB  1 
ATOM   613  O OG  . SER A 1 74  ? -6.013  -2.629  -13.330 1.00 27.83 ? 1554 SER A OG  1 
ATOM   614  N N   . ALA A 1 75  ? -8.655  -2.759  -10.489 1.00 26.03 ? 1555 ALA A N   1 
ATOM   615  C CA  . ALA A 1 75  ? -8.463  -3.650  -9.351  1.00 24.75 ? 1555 ALA A CA  1 
ATOM   616  C C   . ALA A 1 75  ? -7.845  -4.991  -9.759  1.00 24.74 ? 1555 ALA A C   1 
ATOM   617  O O   . ALA A 1 75  ? -7.961  -5.440  -10.907 1.00 25.90 ? 1555 ALA A O   1 
ATOM   618  C CB  . ALA A 1 75  ? -9.726  -3.849  -8.673  1.00 25.22 ? 1555 ALA A CB  1 
ATOM   619  N N   . GLY A 1 76  ? -7.109  -5.610  -8.845  1.00 27.26 ? 1556 GLY A N   1 
ATOM   620  C CA  . GLY A 1 76  ? -6.482  -6.923  -9.109  1.00 25.11 ? 1556 GLY A CA  1 
ATOM   621  C C   . GLY A 1 76  ? -6.339  -7.634  -7.752  1.00 24.87 ? 1556 GLY A C   1 
ATOM   622  O O   . GLY A 1 76  ? -6.569  -7.030  -6.714  1.00 24.39 ? 1556 GLY A O   1 
ATOM   623  N N   . VAL A 1 77  ? -6.020  -8.937  -7.738  1.00 24.80 ? 1557 VAL A N   1 
ATOM   624  C CA  . VAL A 1 77  ? -5.808  -9.627  -6.443  1.00 24.11 ? 1557 VAL A CA  1 
ATOM   625  C C   . VAL A 1 77  ? -4.332  -10.093 -6.340  1.00 21.18 ? 1557 VAL A C   1 
ATOM   626  O O   . VAL A 1 77  ? -3.777  -10.541 -7.335  1.00 21.35 ? 1557 VAL A O   1 
ATOM   627  C CB  . VAL A 1 77  ? -6.742  -10.915 -6.361  1.00 26.23 ? 1557 VAL A CB  1 
ATOM   628  C CG1 . VAL A 1 77  ? -6.346  -11.706 -5.122  1.00 24.12 ? 1557 VAL A CG1 1 
ATOM   629  C CG2 . VAL A 1 77  ? -8.251  -10.482 -6.253  1.00 26.80 ? 1557 VAL A CG2 1 
ATOM   630  N N   . VAL A 1 78  ? -3.698  -9.931  -5.198  1.00 24.20 ? 1558 VAL A N   1 
ATOM   631  C CA  . VAL A 1 78  ? -2.290  -10.303 -5.022  1.00 22.08 ? 1558 VAL A CA  1 
ATOM   632  C C   . VAL A 1 78  ? -2.172  -11.814 -5.001  1.00 23.62 ? 1558 VAL A C   1 
ATOM   633  O O   . VAL A 1 78  ? -2.866  -12.456 -4.192  1.00 22.17 ? 1558 VAL A O   1 
ATOM   634  C CB  . VAL A 1 78  ? -1.749  -9.783  -3.689  1.00 22.27 ? 1558 VAL A CB  1 
ATOM   635  C CG1 . VAL A 1 78  ? -0.173  -10.175 -3.527  1.00 21.82 ? 1558 VAL A CG1 1 
ATOM   636  C CG2 . VAL A 1 78  ? -1.883  -8.163  -3.656  1.00 24.77 ? 1558 VAL A CG2 1 
ATOM   637  N N   . LYS A 1 79  ? -1.363  -12.383 -5.898  1.00 22.69 ? 1559 LYS A N   1 
ATOM   638  C CA  . LYS A 1 79  ? -1.179  -13.851 -5.899  1.00 24.78 ? 1559 LYS A CA  1 
ATOM   639  C C   . LYS A 1 79  ? 0.277   -14.249 -5.656  1.00 24.84 ? 1559 LYS A C   1 
ATOM   640  O O   . LYS A 1 79  ? 0.550   -15.399 -5.534  1.00 25.78 ? 1559 LYS A O   1 
ATOM   641  C CB  . LYS A 1 79  ? -1.642  -14.441 -7.206  1.00 26.16 ? 1559 LYS A CB  1 
ATOM   642  C CG  . LYS A 1 79  ? -3.148  -14.352 -7.430  1.00 29.18 ? 1559 LYS A CG  1 
ATOM   643  C CD  . LYS A 1 79  ? -3.965  -15.159 -6.338  1.00 33.21 ? 1559 LYS A CD  1 
ATOM   644  C CE  . LYS A 1 79  ? -5.372  -15.426 -6.862  1.00 42.08 ? 1559 LYS A CE  1 
ATOM   645  N NZ  . LYS A 1 79  ? -6.260  -15.892 -5.736  1.00 42.25 ? 1559 LYS A NZ  1 
ATOM   646  N N   . GLY A 1 80  ? 1.199   -13.290 -5.559  1.00 22.41 ? 1560 GLY A N   1 
ATOM   647  C CA  . GLY A 1 80  ? 2.566   -13.714 -5.220  1.00 21.08 ? 1560 GLY A CA  1 
ATOM   648  C C   . GLY A 1 80  ? 3.348   -12.456 -4.891  1.00 22.00 ? 1560 GLY A C   1 
ATOM   649  O O   . GLY A 1 80  ? 2.856   -11.323 -5.155  1.00 21.76 ? 1560 GLY A O   1 
ATOM   650  N N   . HIS A 1 81  ? 4.438   -12.702 -4.183  1.00 20.44 ? 1561 HIS A N   1 
ATOM   651  C CA  . HIS A 1 81  ? 5.444   -11.678 -3.754  1.00 22.99 ? 1561 HIS A CA  1 
ATOM   652  C C   . HIS A 1 81  ? 6.785   -12.240 -4.214  1.00 25.11 ? 1561 HIS A C   1 
ATOM   653  O O   . HIS A 1 81  ? 7.016   -13.447 -4.143  1.00 24.94 ? 1561 HIS A O   1 
ATOM   654  C CB  . HIS A 1 81  ? 5.554   -11.572 -2.252  1.00 19.98 ? 1561 HIS A CB  1 
ATOM   655  C CG  . HIS A 1 81  ? 4.312   -11.267 -1.532  1.00 23.18 ? 1561 HIS A CG  1 
ATOM   656  N ND1 . HIS A 1 81  ? 3.421   -10.266 -1.872  1.00 27.33 ? 1561 HIS A ND1 1 
ATOM   657  C CD2 . HIS A 1 81  ? 3.785   -11.885 -0.457  1.00 20.82 ? 1561 HIS A CD2 1 
ATOM   658  C CE1 . HIS A 1 81  ? 2.427   -10.253 -0.994  1.00 23.91 ? 1561 HIS A CE1 1 
ATOM   659  N NE2 . HIS A 1 81  ? 2.618   -11.222 -0.132  1.00 28.80 ? 1561 HIS A NE2 1 
ATOM   660  N N   A ARG A 1 82  ? 7.679   -11.363 -4.675  0.50 24.77 ? 1562 ARG A N   1 
ATOM   661  N N   B ARG A 1 82  ? 7.692   -11.401 -4.729  0.50 24.56 ? 1562 ARG A N   1 
ATOM   662  C CA  A ARG A 1 82  ? 8.967   -11.809 -5.100  0.50 25.72 ? 1562 ARG A CA  1 
ATOM   663  C CA  B ARG A 1 82  ? 8.996   -11.926 -5.076  0.50 25.15 ? 1562 ARG A CA  1 
ATOM   664  C C   A ARG A 1 82  ? 9.915   -10.785 -4.543  0.50 25.53 ? 1562 ARG A C   1 
ATOM   665  C C   B ARG A 1 82  ? 10.003  -10.850 -4.783  0.50 25.63 ? 1562 ARG A C   1 
ATOM   666  O O   A ARG A 1 82  ? 9.608   -9.592  -4.572  0.50 23.46 ? 1562 ARG A O   1 
ATOM   667  O O   B ARG A 1 82  ? 9.817   -9.691  -5.202  0.50 23.06 ? 1562 ARG A O   1 
ATOM   668  C CB  A ARG A 1 82  ? 9.050   -11.751 -6.638  0.50 26.00 ? 1562 ARG A CB  1 
ATOM   669  C CB  B ARG A 1 82  ? 9.094   -12.282 -6.572  0.50 25.48 ? 1562 ARG A CB  1 
ATOM   670  C CG  A ARG A 1 82  ? 10.450  -11.988 -7.206  0.50 30.29 ? 1562 ARG A CG  1 
ATOM   671  C CG  B ARG A 1 82  ? 10.535  -12.664 -6.989  0.50 27.88 ? 1562 ARG A CG  1 
ATOM   672  C CD  A ARG A 1 82  ? 10.488  -13.368 -7.769  0.50 31.21 ? 1562 ARG A CD  1 
ATOM   673  C CD  B ARG A 1 82  ? 10.736  -12.547 -8.504  0.50 30.20 ? 1562 ARG A CD  1 
ATOM   674  N NE  A ARG A 1 82  ? 9.683   -14.241 -6.923  0.50 32.29 ? 1562 ARG A NE  1 
ATOM   675  N NE  B ARG A 1 82  ? 11.803  -13.471 -8.921  0.50 36.64 ? 1562 ARG A NE  1 
ATOM   676  C CZ  A ARG A 1 82  ? 9.035   -15.305 -7.354  0.50 23.39 ? 1562 ARG A CZ  1 
ATOM   677  C CZ  B ARG A 1 82  ? 13.061  -13.142 -9.174  0.50 36.76 ? 1562 ARG A CZ  1 
ATOM   678  N NH1 A ARG A 1 82  ? 9.119   -15.660 -8.614  0.50 28.41 ? 1562 ARG A NH1 1 
ATOM   679  N NH1 B ARG A 1 82  ? 13.472  -11.882 -9.093  0.50 37.91 ? 1562 ARG A NH1 1 
ATOM   680  N NH2 A ARG A 1 82  ? 8.338   -16.000 -6.501  0.50 27.60 ? 1562 ARG A NH2 1 
ATOM   681  N NH2 B ARG A 1 82  ? 13.915  -14.094 -9.528  0.50 36.17 ? 1562 ARG A NH2 1 
ATOM   682  N N   . LYS A 1 83  ? 11.090  -11.231 -4.116  1.00 26.91 ? 1563 LYS A N   1 
ATOM   683  C CA  . LYS A 1 83  ? 12.166  -10.271 -3.926  1.00 30.26 ? 1563 LYS A CA  1 
ATOM   684  C C   . LYS A 1 83  ? 13.272  -10.503 -4.962  1.00 35.13 ? 1563 LYS A C   1 
ATOM   685  O O   . LYS A 1 83  ? 13.651  -11.670 -5.214  1.00 35.09 ? 1563 LYS A O   1 
ATOM   686  C CB  . LYS A 1 83  ? 12.787  -10.474 -2.535  1.00 32.36 ? 1563 LYS A CB  1 
ATOM   687  C CG  . LYS A 1 83  ? 11.879  -10.049 -1.396  1.00 32.64 ? 1563 LYS A CG  1 
ATOM   688  C CD  . LYS A 1 83  ? 11.670  -8.539  -1.195  1.00 38.96 ? 1563 LYS A CD  1 
ATOM   689  C CE  . LYS A 1 83  ? 12.922  -7.792  -0.694  1.00 39.92 ? 1563 LYS A CE  1 
ATOM   690  N NZ  . LYS A 1 83  ? 13.032  -7.706  0.810   1.00 39.96 ? 1563 LYS A NZ  1 
ATOM   691  N N   A GLU A 1 84  ? 13.893  -9.421  -5.428  0.50 35.97 ? 1564 GLU A N   1 
ATOM   692  N N   B GLU A 1 84  ? 13.702  -9.422  -5.643  0.50 36.92 ? 1564 GLU A N   1 
ATOM   693  C CA  A GLU A 1 84  ? 15.042  -9.570  -6.296  0.50 38.22 ? 1564 GLU A CA  1 
ATOM   694  C CA  B GLU A 1 84  ? 14.982  -9.384  -6.386  0.50 38.96 ? 1564 GLU A CA  1 
ATOM   695  C C   A GLU A 1 84  ? 15.842  -8.273  -6.310  0.50 38.99 ? 1564 GLU A C   1 
ATOM   696  C C   B GLU A 1 84  ? 15.804  -8.151  -5.999  0.50 39.27 ? 1564 GLU A C   1 
ATOM   697  O O   A GLU A 1 84  ? 15.316  -7.252  -6.764  0.50 37.69 ? 1564 GLU A O   1 
ATOM   698  O O   B GLU A 1 84  ? 15.288  -7.041  -5.861  0.50 38.65 ? 1564 GLU A O   1 
ATOM   699  C CB  A GLU A 1 84  ? 14.591  -9.918  -7.702  0.50 37.81 ? 1564 GLU A CB  1 
ATOM   700  C CB  B GLU A 1 84  ? 14.846  -9.387  -7.919  0.50 38.36 ? 1564 GLU A CB  1 
ATOM   701  C CG  A GLU A 1 84  ? 15.690  -10.535 -8.516  0.50 40.06 ? 1564 GLU A CG  1 
ATOM   702  C CG  B GLU A 1 84  ? 16.206  -9.798  -8.643  0.50 39.52 ? 1564 GLU A CG  1 
ATOM   703  C CD  A GLU A 1 84  ? 15.312  -10.716 -9.946  0.50 39.19 ? 1564 GLU A CD  1 
ATOM   704  C CD  B GLU A 1 84  ? 16.565  -9.030  -9.957  0.50 40.42 ? 1564 GLU A CD  1 
ATOM   705  O OE1 A GLU A 1 84  ? 14.103  -10.663 -10.277 0.50 37.26 ? 1564 GLU A OE1 1 
ATOM   706  O OE1 B GLU A 1 84  ? 17.743  -8.608  -10.132 0.50 41.99 ? 1564 GLU A OE1 1 
ATOM   707  O OE2 A GLU A 1 84  ? 16.235  -10.938 -10.750 0.50 42.42 ? 1564 GLU A OE2 1 
ATOM   708  O OE2 B GLU A 1 84  ? 15.694  -8.853  -10.834 0.50 45.05 ? 1564 GLU A OE2 1 
ATOM   709  N N   . SER A 1 85  ? 17.095  -8.381  -5.825  1.00 40.28 ? 1565 SER A N   1 
ATOM   710  C CA  . SER A 1 85  ? 18.048  -7.304  -5.598  1.00 42.71 ? 1565 SER A CA  1 
ATOM   711  C C   . SER A 1 85  ? 17.463  -6.326  -4.625  1.00 42.46 ? 1565 SER A C   1 
ATOM   712  O O   . SER A 1 85  ? 17.531  -5.112  -4.803  1.00 44.21 ? 1565 SER A O   1 
ATOM   713  C CB  . SER A 1 85  ? 18.440  -6.664  -6.940  1.00 43.73 ? 1565 SER A CB  1 
ATOM   714  O OG  . SER A 1 85  ? 18.871  -7.714  -7.815  1.00 46.83 ? 1565 SER A OG  1 
ATOM   715  N N   . GLY A 1 86  ? 16.855  -6.884  -3.590  1.00 41.93 ? 1566 GLY A N   1 
ATOM   716  C CA  . GLY A 1 86  ? 16.392  -6.087  -2.488  1.00 40.48 ? 1566 GLY A CA  1 
ATOM   717  C C   . GLY A 1 86  ? 15.132  -5.327  -2.823  1.00 38.64 ? 1566 GLY A C   1 
ATOM   718  O O   . GLY A 1 86  ? 14.639  -4.588  -1.984  1.00 41.18 ? 1566 GLY A O   1 
ATOM   719  N N   . GLU A 1 87  ? 14.588  -5.512  -4.021  1.00 37.45 ? 1567 GLU A N   1 
ATOM   720  C CA  . GLU A 1 87  ? 13.271  -4.896  -4.376  1.00 35.20 ? 1567 GLU A CA  1 
ATOM   721  C C   . GLU A 1 87  ? 12.110  -5.892  -4.337  1.00 33.13 ? 1567 GLU A C   1 
ATOM   722  O O   . GLU A 1 87  ? 12.294  -7.042  -4.675  1.00 32.10 ? 1567 GLU A O   1 
ATOM   723  C CB  . GLU A 1 87  ? 13.381  -4.282  -5.756  1.00 37.73 ? 1567 GLU A CB  1 
ATOM   724  C CG  . GLU A 1 87  ? 14.594  -3.355  -5.620  1.00 41.30 ? 1567 GLU A CG  1 
ATOM   725  C CD  . GLU A 1 87  ? 14.906  -2.506  -6.782  1.00 48.89 ? 1567 GLU A CD  1 
ATOM   726  O OE1 . GLU A 1 87  ? 14.644  -2.922  -7.932  1.00 49.98 ? 1567 GLU A OE1 1 
ATOM   727  O OE2 . GLU A 1 87  ? 15.492  -1.433  -6.509  1.00 49.76 ? 1567 GLU A OE2 1 
ATOM   728  N N   . LEU A 1 88  ? 10.935  -5.392  -3.963  1.00 30.54 ? 1568 LEU A N   1 
ATOM   729  C CA  . LEU A 1 88  ? 9.667   -6.183  -3.892  1.00 27.20 ? 1568 LEU A CA  1 
ATOM   730  C C   . LEU A 1 88  ? 8.831   -6.043  -5.162  1.00 25.67 ? 1568 LEU A C   1 
ATOM   731  O O   . LEU A 1 88  ? 8.609   -4.891  -5.646  1.00 26.20 ? 1568 LEU A O   1 
ATOM   732  C CB  . LEU A 1 88  ? 8.848   -5.658  -2.719  1.00 27.45 ? 1568 LEU A CB  1 
ATOM   733  C CG  . LEU A 1 88  ? 7.447   -6.275  -2.553  1.00 25.69 ? 1568 LEU A CG  1 
ATOM   734  C CD1 . LEU A 1 88  ? 7.527   -7.837  -2.181  1.00 31.27 ? 1568 LEU A CD1 1 
ATOM   735  C CD2 . LEU A 1 88  ? 6.657   -5.552  -1.513  1.00 27.65 ? 1568 LEU A CD2 1 
ATOM   736  N N   . TYR A 1 89  ? 8.356   -7.179  -5.706  1.00 25.61 ? 1569 TYR A N   1 
ATOM   737  C CA  . TYR A 1 89  ? 7.424   -7.217  -6.843  1.00 24.39 ? 1569 TYR A CA  1 
ATOM   738  C C   . TYR A 1 89  ? 6.193   -8.000  -6.423  1.00 24.78 ? 1569 TYR A C   1 
ATOM   739  O O   . TYR A 1 89  ? 6.302   -8.921  -5.641  1.00 24.39 ? 1569 TYR A O   1 
ATOM   740  C CB  . TYR A 1 89  ? 8.005   -7.955  -8.042  1.00 27.01 ? 1569 TYR A CB  1 
ATOM   741  C CG  . TYR A 1 89  ? 9.296   -7.233  -8.509  1.00 27.96 ? 1569 TYR A CG  1 
ATOM   742  C CD1 . TYR A 1 89  ? 10.534  -7.565  -7.979  1.00 34.30 ? 1569 TYR A CD1 1 
ATOM   743  C CD2 . TYR A 1 89  ? 9.188   -6.213  -9.417  1.00 31.90 ? 1569 TYR A CD2 1 
ATOM   744  C CE1 . TYR A 1 89  ? 11.693  -6.831  -8.371  1.00 36.10 ? 1569 TYR A CE1 1 
ATOM   745  C CE2 . TYR A 1 89  ? 10.267  -5.489  -9.825  1.00 34.09 ? 1569 TYR A CE2 1 
ATOM   746  C CZ  . TYR A 1 89  ? 11.511  -5.805  -9.314  1.00 36.40 ? 1569 TYR A CZ  1 
ATOM   747  O OH  . TYR A 1 89  ? 12.605  -5.073  -9.783  1.00 34.48 ? 1569 TYR A OH  1 
ATOM   748  N N   . TYR A 1 90  ? 5.044   -7.503  -6.855  1.00 23.09 ? 1570 TYR A N   1 
ATOM   749  C CA  . TYR A 1 90  ? 3.741   -8.208  -6.621  1.00 22.02 ? 1570 TYR A CA  1 
ATOM   750  C C   . TYR A 1 90  ? 3.329   -8.833  -7.891  1.00 23.40 ? 1570 TYR A C   1 
ATOM   751  O O   . TYR A 1 90  ? 3.457   -8.230  -8.998  1.00 24.77 ? 1570 TYR A O   1 
ATOM   752  C CB  . TYR A 1 90  ? 2.720   -7.115  -6.344  1.00 23.84 ? 1570 TYR A CB  1 
ATOM   753  C CG  . TYR A 1 90  ? 2.872   -6.529  -4.961  1.00 22.71 ? 1570 TYR A CG  1 
ATOM   754  C CD1 . TYR A 1 90  ? 3.556   -5.286  -4.731  1.00 23.28 ? 1570 TYR A CD1 1 
ATOM   755  C CD2 . TYR A 1 90  ? 2.275   -7.182  -3.836  1.00 21.38 ? 1570 TYR A CD2 1 
ATOM   756  C CE1 . TYR A 1 90  ? 3.653   -4.753  -3.460  1.00 23.78 ? 1570 TYR A CE1 1 
ATOM   757  C CE2 . TYR A 1 90  ? 2.332   -6.614  -2.565  1.00 21.29 ? 1570 TYR A CE2 1 
ATOM   758  C CZ  . TYR A 1 90  ? 3.073   -5.426  -2.353  1.00 20.37 ? 1570 TYR A CZ  1 
ATOM   759  O OH  . TYR A 1 90  ? 3.101   -4.922  -1.104  1.00 23.64 ? 1570 TYR A OH  1 
ATOM   760  N N   . SER A 1 91  ? 2.790   -10.049 -7.827  1.00 22.79 ? 1571 SER A N   1 
ATOM   761  C CA  . SER A 1 91  ? 2.128   -10.653 -8.964  1.00 22.34 ? 1571 SER A CA  1 
ATOM   762  C C   . SER A 1 91  ? 0.629   -10.446 -8.730  1.00 22.72 ? 1571 SER A C   1 
ATOM   763  O O   . SER A 1 91  ? 0.081   -10.897 -7.708  1.00 20.65 ? 1571 SER A O   1 
ATOM   764  C CB  . SER A 1 91  ? 2.469   -12.159 -8.986  1.00 24.63 ? 1571 SER A CB  1 
ATOM   765  O OG  . SER A 1 91  ? 1.688   -12.884 -9.938  1.00 28.27 ? 1571 SER A OG  1 
ATOM   766  N N   A ILE A 1 92  ? -0.018  -9.797  -9.695  0.50 22.09 ? 1572 ILE A N   1 
ATOM   767  N N   B ILE A 1 92  ? -0.025  -9.711  -9.611  0.50 22.51 ? 1572 ILE A N   1 
ATOM   768  C CA  A ILE A 1 92  ? -1.406  -9.315  -9.524  0.50 23.06 ? 1572 ILE A CA  1 
ATOM   769  C CA  B ILE A 1 92  ? -1.434  -9.360  -9.360  0.50 23.64 ? 1572 ILE A CA  1 
ATOM   770  C C   A ILE A 1 92  ? -2.299  -9.921  -10.597 0.50 23.34 ? 1572 ILE A C   1 
ATOM   771  C C   B ILE A 1 92  ? -2.241  -9.963  -10.508 0.50 23.52 ? 1572 ILE A C   1 
ATOM   772  O O   A ILE A 1 92  ? -2.006  -9.815  -11.829 0.50 24.56 ? 1572 ILE A O   1 
ATOM   773  O O   B ILE A 1 92  ? -1.800  -9.927  -11.692 0.50 24.62 ? 1572 ILE A O   1 
ATOM   774  C CB  A ILE A 1 92  ? -1.463  -7.765  -9.709  0.50 22.97 ? 1572 ILE A CB  1 
ATOM   775  C CB  B ILE A 1 92  ? -1.649  -7.807  -9.301  0.50 23.55 ? 1572 ILE A CB  1 
ATOM   776  C CG1 A ILE A 1 92  ? -0.538  -7.055  -8.701  0.50 20.43 ? 1572 ILE A CG1 1 
ATOM   777  C CG1 B ILE A 1 92  ? -0.853  -7.202  -8.138  0.50 22.88 ? 1572 ILE A CG1 1 
ATOM   778  C CG2 A ILE A 1 92  ? -2.894  -7.262  -9.706  0.50 22.96 ? 1572 ILE A CG2 1 
ATOM   779  C CG2 B ILE A 1 92  ? -3.137  -7.493  -9.229  0.50 23.69 ? 1572 ILE A CG2 1 
ATOM   780  C CD1 A ILE A 1 92  ? -0.846  -7.181  -7.227  0.50 25.59 ? 1572 ILE A CD1 1 
ATOM   781  C CD1 B ILE A 1 92  ? -0.551  -5.736  -8.197  0.50 25.56 ? 1572 ILE A CD1 1 
ATOM   782  N N   . GLU A 1 93  ? -3.398  -10.553 -10.161 1.00 25.33 ? 1573 GLU A N   1 
ATOM   783  C CA  . GLU A 1 93  ? -4.240  -11.257 -11.139 1.00 26.96 ? 1573 GLU A CA  1 
ATOM   784  C C   . GLU A 1 93  ? -5.454  -10.397 -11.435 1.00 27.47 ? 1573 GLU A C   1 
ATOM   785  O O   . GLU A 1 93  ? -6.021  -9.797  -10.549 1.00 29.09 ? 1573 GLU A O   1 
ATOM   786  C CB  . GLU A 1 93  ? -4.709  -12.600 -10.542 1.00 25.80 ? 1573 GLU A CB  1 
ATOM   787  C CG  . GLU A 1 93  ? -5.236  -13.532 -11.616 1.00 34.69 ? 1573 GLU A CG  1 
ATOM   788  C CD  . GLU A 1 93  ? -5.634  -14.846 -10.957 1.00 39.31 ? 1573 GLU A CD  1 
ATOM   789  O OE1 . GLU A 1 93  ? -6.749  -14.884 -10.489 1.00 41.55 ? 1573 GLU A OE1 1 
ATOM   790  O OE2 . GLU A 1 93  ? -4.792  -15.737 -10.752 1.00 40.47 ? 1573 GLU A OE2 1 
ATOM   791  N N   . LYS A 1 94  ? -5.825  -10.301 -12.701 1.00 29.31 ? 1574 LYS A N   1 
ATOM   792  C CA  . LYS A 1 94  ? -7.022  -9.584  -13.079 1.00 30.66 ? 1574 LYS A CA  1 
ATOM   793  C C   . LYS A 1 94  ? -7.615  -10.411 -14.205 1.00 34.51 ? 1574 LYS A C   1 
ATOM   794  O O   . LYS A 1 94  ? -6.927  -10.667 -15.186 1.00 34.01 ? 1574 LYS A O   1 
ATOM   795  C CB  . LYS A 1 94  ? -6.643  -8.238  -13.672 1.00 31.71 ? 1574 LYS A CB  1 
ATOM   796  C CG  . LYS A 1 94  ? -7.869  -7.308  -14.114 1.00 30.40 ? 1574 LYS A CG  1 
ATOM   797  C CD  . LYS A 1 94  ? -7.308  -6.106  -14.815 1.00 36.03 ? 1574 LYS A CD  1 
ATOM   798  C CE  . LYS A 1 94  ? -8.434  -5.081  -15.155 1.00 37.94 ? 1574 LYS A CE  1 
ATOM   799  N NZ  . LYS A 1 94  ? -9.281  -5.621  -16.240 1.00 37.37 ? 1574 LYS A NZ  1 
ATOM   800  N N   A GLU A 1 95  ? -8.860  -10.863 -13.996 0.50 34.31 ? 1575 GLU A N   1 
ATOM   801  N N   B GLU A 1 95  ? -8.866  -10.858 -14.082 0.50 34.27 ? 1575 GLU A N   1 
ATOM   802  C CA  A GLU A 1 95  ? -9.540  -11.674 -14.997 0.50 37.47 ? 1575 GLU A CA  1 
ATOM   803  C CA  B GLU A 1 95  ? -9.441  -11.601 -15.216 0.50 37.32 ? 1575 GLU A CA  1 
ATOM   804  C C   A GLU A 1 95  ? -8.635  -12.831 -15.390 0.50 37.84 ? 1575 GLU A C   1 
ATOM   805  C C   B GLU A 1 95  ? -8.717  -12.940 -15.435 0.50 37.67 ? 1575 GLU A C   1 
ATOM   806  O O   A GLU A 1 95  ? -8.302  -13.022 -16.563 0.50 38.37 ? 1575 GLU A O   1 
ATOM   807  O O   B GLU A 1 95  ? -8.601  -13.395 -16.577 0.50 38.13 ? 1575 GLU A O   1 
ATOM   808  C CB  A GLU A 1 95  ? -9.924  -10.818 -16.202 0.50 36.80 ? 1575 GLU A CB  1 
ATOM   809  C CB  B GLU A 1 95  ? -9.322  -10.781 -16.519 0.50 35.86 ? 1575 GLU A CB  1 
ATOM   810  C CG  A GLU A 1 95  ? -10.999 -9.804  -15.866 0.50 38.17 ? 1575 GLU A CG  1 
ATOM   811  C CG  B GLU A 1 95  ? -10.224 -9.581  -16.666 0.50 37.70 ? 1575 GLU A CG  1 
ATOM   812  C CD  A GLU A 1 95  ? -11.256 -8.895  -17.011 0.50 39.69 ? 1575 GLU A CD  1 
ATOM   813  C CD  B GLU A 1 95  ? -10.039 -8.897  -18.003 0.50 38.69 ? 1575 GLU A CD  1 
ATOM   814  O OE1 A GLU A 1 95  ? -11.567 -9.421  -18.103 0.50 41.10 ? 1575 GLU A OE1 1 
ATOM   815  O OE1 B GLU A 1 95  ? -10.086 -9.584  -19.045 0.50 42.26 ? 1575 GLU A OE1 1 
ATOM   816  O OE2 A GLU A 1 95  ? -11.140 -7.661  -16.832 0.50 37.99 ? 1575 GLU A OE2 1 
ATOM   817  O OE2 B GLU A 1 95  ? -9.833  -7.667  -18.025 0.50 40.77 ? 1575 GLU A OE2 1 
ATOM   818  N N   . GLY A 1 96  ? -8.213  -13.568 -14.365 1.00 38.93 ? 1576 GLY A N   1 
ATOM   819  C CA  . GLY A 1 96  ? -7.502  -14.848 -14.540 1.00 38.84 ? 1576 GLY A CA  1 
ATOM   820  C C   . GLY A 1 96  ? -6.072  -14.784 -15.088 1.00 39.04 ? 1576 GLY A C   1 
ATOM   821  O O   . GLY A 1 96  ? -5.396  -15.810 -15.194 1.00 39.61 ? 1576 GLY A O   1 
ATOM   822  N N   A GLN A 1 97  ? -5.606  -13.568 -15.404 0.50 37.85 ? 1577 GLN A N   1 
ATOM   823  N N   B GLN A 1 97  ? -5.577  -13.597 -15.414 0.50 37.92 ? 1577 GLN A N   1 
ATOM   824  C CA  A GLN A 1 97  ? -4.246  -13.320 -15.915 0.50 36.36 ? 1577 GLN A CA  1 
ATOM   825  C CA  B GLN A 1 97  ? -4.174  -13.552 -15.771 0.50 36.36 ? 1577 GLN A CA  1 
ATOM   826  C C   A GLN A 1 97  ? -3.361  -12.635 -14.859 0.50 34.43 ? 1577 GLN A C   1 
ATOM   827  C C   B GLN A 1 97  ? -3.330  -12.627 -14.916 0.50 34.48 ? 1577 GLN A C   1 
ATOM   828  O O   A GLN A 1 97  ? -3.821  -11.689 -14.213 0.50 33.64 ? 1577 GLN A O   1 
ATOM   829  O O   B GLN A 1 97  ? -3.770  -11.559 -14.454 0.50 33.65 ? 1577 GLN A O   1 
ATOM   830  C CB  A GLN A 1 97  ? -4.313  -12.399 -17.130 0.50 36.04 ? 1577 GLN A CB  1 
ATOM   831  C CB  B GLN A 1 97  ? -3.954  -13.320 -17.267 0.50 36.42 ? 1577 GLN A CB  1 
ATOM   832  C CG  A GLN A 1 97  ? -4.606  -13.093 -18.474 0.50 39.53 ? 1577 GLN A CG  1 
ATOM   833  C CG  B GLN A 1 97  ? -3.483  -11.926 -17.647 0.50 38.83 ? 1577 GLN A CG  1 
ATOM   834  C CD  A GLN A 1 97  ? -3.357  -13.540 -19.215 0.50 40.94 ? 1577 GLN A CD  1 
ATOM   835  C CD  B GLN A 1 97  ? -1.993  -11.850 -17.858 0.50 38.52 ? 1577 GLN A CD  1 
ATOM   836  O OE1 A GLN A 1 97  ? -2.967  -14.697 -19.119 0.50 39.73 ? 1577 GLN A OE1 1 
ATOM   837  O OE1 B GLN A 1 97  ? -1.282  -12.862 -17.754 0.50 41.37 ? 1577 GLN A OE1 1 
ATOM   838  N NE2 A GLN A 1 97  ? -2.726  -12.622 -19.962 0.50 42.09 ? 1577 GLN A NE2 1 
ATOM   839  N NE2 B GLN A 1 97  ? -1.498  -10.652 -18.183 0.50 39.92 ? 1577 GLN A NE2 1 
ATOM   840  N N   . ARG A 1 98  ? -2.102  -13.064 -14.710 1.00 33.23 ? 1578 ARG A N   1 
ATOM   841  C CA  . ARG A 1 98  ? -1.220  -12.426 -13.710 1.00 29.78 ? 1578 ARG A CA  1 
ATOM   842  C C   . ARG A 1 98  ? -0.188  -11.574 -14.350 1.00 30.40 ? 1578 ARG A C   1 
ATOM   843  O O   . ARG A 1 98  ? 0.385   -11.933 -15.383 1.00 31.59 ? 1578 ARG A O   1 
ATOM   844  C CB  . ARG A 1 98  ? -0.536  -13.451 -12.819 1.00 30.65 ? 1578 ARG A CB  1 
ATOM   845  C CG  . ARG A 1 98  ? -1.482  -14.430 -12.104 1.00 27.79 ? 1578 ARG A CG  1 
ATOM   846  C CD  . ARG A 1 98  ? -0.704  -15.300 -11.131 1.00 28.35 ? 1578 ARG A CD  1 
ATOM   847  N NE  . ARG A 1 98  ? -1.636  -16.211 -10.461 1.00 30.36 ? 1578 ARG A NE  1 
ATOM   848  C CZ  . ARG A 1 98  ? -1.311  -17.034 -9.459  1.00 32.79 ? 1578 ARG A CZ  1 
ATOM   849  N NH1 . ARG A 1 98  ? -0.066  -17.026 -8.922  1.00 32.39 ? 1578 ARG A NH1 1 
ATOM   850  N NH2 . ARG A 1 98  ? -2.255  -17.811 -8.954  1.00 34.16 ? 1578 ARG A NH2 1 
ATOM   851  N N   . LYS A 1 99  ? 0.087   -10.434 -13.745 1.00 25.99 ? 1579 LYS A N   1 
ATOM   852  C CA  . LYS A 1 99  ? 1.111   -9.538  -14.276 1.00 27.52 ? 1579 LYS A CA  1 
ATOM   853  C C   . LYS A 1 99  ? 1.961   -9.066  -13.126 1.00 24.77 ? 1579 LYS A C   1 
ATOM   854  O O   . LYS A 1 99  ? 1.438   -8.822  -12.037 1.00 24.01 ? 1579 LYS A O   1 
ATOM   855  C CB  . LYS A 1 99  ? 0.400   -8.342  -14.927 1.00 26.52 ? 1579 LYS A CB  1 
ATOM   856  C CG  . LYS A 1 99  ? 1.344   -7.363  -15.523 1.00 33.93 ? 1579 LYS A CG  1 
ATOM   857  C CD  . LYS A 1 99  ? 0.554   -6.468  -16.454 1.00 35.44 ? 1579 LYS A CD  1 
ATOM   858  C CE  . LYS A 1 99  ? 1.452   -5.455  -17.034 1.00 35.63 ? 1579 LYS A CE  1 
ATOM   859  N NZ  . LYS A 1 99  ? 0.582   -4.692  -17.980 1.00 38.41 ? 1579 LYS A NZ  1 
ATOM   860  N N   . TRP A 1 100 ? 3.280   -8.862  -13.305 1.00 24.86 ? 1580 TRP A N   1 
ATOM   861  C CA  . TRP A 1 100 ? 4.085   -8.279  -12.231 1.00 25.35 ? 1580 TRP A CA  1 
ATOM   862  C C   . TRP A 1 100 ? 4.038   -6.750  -12.138 1.00 27.60 ? 1580 TRP A C   1 
ATOM   863  O O   . TRP A 1 100 ? 3.941   -6.039  -13.149 1.00 26.98 ? 1580 TRP A O   1 
ATOM   864  C CB  . TRP A 1 100 ? 5.571   -8.720  -12.343 1.00 26.90 ? 1580 TRP A CB  1 
ATOM   865  C CG  . TRP A 1 100 ? 5.748   -10.166 -12.187 1.00 29.71 ? 1580 TRP A CG  1 
ATOM   866  C CD1 . TRP A 1 100 ? 5.727   -11.141 -13.182 1.00 30.91 ? 1580 TRP A CD1 1 
ATOM   867  C CD2 . TRP A 1 100 ? 5.912   -10.843 -10.947 1.00 28.01 ? 1580 TRP A CD2 1 
ATOM   868  N NE1 . TRP A 1 100 ? 5.897   -12.405 -12.601 1.00 30.79 ? 1580 TRP A NE1 1 
ATOM   869  C CE2 . TRP A 1 100 ? 6.011   -12.254 -11.237 1.00 31.74 ? 1580 TRP A CE2 1 
ATOM   870  C CE3 . TRP A 1 100 ? 5.994   -10.408 -9.612  1.00 30.25 ? 1580 TRP A CE3 1 
ATOM   871  C CZ2 . TRP A 1 100 ? 6.155   -13.229 -10.224 1.00 29.78 ? 1580 TRP A CZ2 1 
ATOM   872  C CZ3 . TRP A 1 100 ? 6.176   -11.386 -8.597  1.00 30.88 ? 1580 TRP A CZ3 1 
ATOM   873  C CH2 . TRP A 1 100 ? 6.242   -12.783 -8.922  1.00 29.86 ? 1580 TRP A CH2 1 
ATOM   874  N N   . TYR A 1 101 ? 4.091   -6.263  -10.895 1.00 27.96 ? 1581 TYR A N   1 
ATOM   875  C CA  . TYR A 1 101 ? 4.216   -4.882  -10.549 1.00 25.18 ? 1581 TYR A CA  1 
ATOM   876  C C   . TYR A 1 101 ? 5.239   -4.573  -9.503  1.00 26.05 ? 1581 TYR A C   1 
ATOM   877  O O   . TYR A 1 101 ? 5.387   -5.277  -8.488  1.00 25.05 ? 1581 TYR A O   1 
ATOM   878  C CB  . TYR A 1 101 ? 2.871   -4.318  -10.057 1.00 23.18 ? 1581 TYR A CB  1 
ATOM   879  C CG  . TYR A 1 101 ? 1.761   -4.341  -11.093 1.00 24.80 ? 1581 TYR A CG  1 
ATOM   880  C CD1 . TYR A 1 101 ? 0.989   -5.512  -11.337 1.00 24.24 ? 1581 TYR A CD1 1 
ATOM   881  C CD2 . TYR A 1 101 ? 1.425   -3.186  -11.782 1.00 29.12 ? 1581 TYR A CD2 1 
ATOM   882  C CE1 . TYR A 1 101 ? -0.091  -5.518  -12.283 1.00 24.44 ? 1581 TYR A CE1 1 
ATOM   883  C CE2 . TYR A 1 101 ? 0.396   -3.197  -12.756 1.00 24.18 ? 1581 TYR A CE2 1 
ATOM   884  C CZ  . TYR A 1 101 ? -0.338  -4.342  -12.984 1.00 26.45 ? 1581 TYR A CZ  1 
ATOM   885  O OH  . TYR A 1 101 ? -1.370  -4.310  -13.906 1.00 29.46 ? 1581 TYR A OH  1 
ATOM   886  N N   . LYS A 1 102 ? 5.985   -3.484  -9.748  1.00 26.74 ? 1582 LYS A N   1 
ATOM   887  C CA  . LYS A 1 102 ? 6.765   -2.854  -8.682  1.00 26.90 ? 1582 LYS A CA  1 
ATOM   888  C C   . LYS A 1 102 ? 5.940   -2.394  -7.503  1.00 25.62 ? 1582 LYS A C   1 
ATOM   889  O O   . LYS A 1 102 ? 4.807   -1.990  -7.625  1.00 25.84 ? 1582 LYS A O   1 
ATOM   890  C CB  . LYS A 1 102 ? 7.571   -1.636  -9.219  1.00 27.72 ? 1582 LYS A CB  1 
ATOM   891  C CG  . LYS A 1 102 ? 8.425   -2.040  -10.423 1.00 33.95 ? 1582 LYS A CG  1 
ATOM   892  C CD  . LYS A 1 102 ? 9.275   -0.855  -10.868 1.00 41.76 ? 1582 LYS A CD  1 
ATOM   893  C CE  . LYS A 1 102 ? 9.925   -1.137  -12.218 1.00 47.72 ? 1582 LYS A CE  1 
ATOM   894  N NZ  . LYS A 1 102 ? 10.825  -2.328  -12.089 1.00 53.22 ? 1582 LYS A NZ  1 
ATOM   895  N N   . ARG A 1 103 ? 6.527   -2.443  -6.331  1.00 26.88 ? 1583 ARG A N   1 
ATOM   896  C CA  . ARG A 1 103 ? 5.912   -1.870  -5.165  1.00 25.72 ? 1583 ARG A CA  1 
ATOM   897  C C   . ARG A 1 103 ? 5.190   -0.541  -5.349  1.00 27.97 ? 1583 ARG A C   1 
ATOM   898  O O   . ARG A 1 103 ? 4.053   -0.344  -4.862  1.00 27.72 ? 1583 ARG A O   1 
ATOM   899  C CB  . ARG A 1 103 ? 6.925   -1.787  -4.041  1.00 26.67 ? 1583 ARG A CB  1 
ATOM   900  C CG  . ARG A 1 103 ? 6.239   -1.351  -2.762  1.00 22.94 ? 1583 ARG A CG  1 
ATOM   901  C CD  . ARG A 1 103 ? 7.291   -0.789  -1.772  1.00 25.44 ? 1583 ARG A CD  1 
ATOM   902  N NE  . ARG A 1 103 ? 8.253   -1.780  -1.289  1.00 26.28 ? 1583 ARG A NE  1 
ATOM   903  C CZ  . ARG A 1 103 ? 8.055   -2.495  -0.192  1.00 27.02 ? 1583 ARG A CZ  1 
ATOM   904  N NH1 . ARG A 1 103 ? 6.853   -2.508  0.385   1.00 26.34 ? 1583 ARG A NH1 1 
ATOM   905  N NH2 . ARG A 1 103 ? 9.024   -3.273  0.277   1.00 27.82 ? 1583 ARG A NH2 1 
ATOM   906  N N   A MET A 1 104 ? 5.819   0.377   -6.075  0.30 25.81 ? 1584 MET A N   1 
ATOM   907  N N   B MET A 1 104 ? 5.812   0.387   -6.070  0.70 26.46 ? 1584 MET A N   1 
ATOM   908  C CA  A MET A 1 104 ? 5.224   1.699   -6.283  0.30 25.89 ? 1584 MET A CA  1 
ATOM   909  C CA  B MET A 1 104 ? 5.179   1.707   -6.203  0.70 29.55 ? 1584 MET A CA  1 
ATOM   910  C C   A MET A 1 104 ? 3.896   1.681   -7.075  0.30 25.51 ? 1584 MET A C   1 
ATOM   911  C C   B MET A 1 104 ? 3.977   1.748   -7.182  0.70 27.44 ? 1584 MET A C   1 
ATOM   912  O O   A MET A 1 104 ? 3.095   2.616   -6.982  0.30 25.76 ? 1584 MET A O   1 
ATOM   913  O O   B MET A 1 104 ? 3.356   2.823   -7.371  0.70 26.79 ? 1584 MET A O   1 
ATOM   914  C CB  A MET A 1 104 ? 6.277   2.659   -6.898  0.30 25.55 ? 1584 MET A CB  1 
ATOM   915  C CB  B MET A 1 104 ? 6.268   2.780   -6.502  0.70 28.58 ? 1584 MET A CB  1 
ATOM   916  C CG  A MET A 1 104 ? 6.630   2.407   -8.346  0.30 25.46 ? 1584 MET A CG  1 
ATOM   917  C CG  B MET A 1 104 ? 5.996   4.099   -5.750  0.70 33.36 ? 1584 MET A CG  1 
ATOM   918  S SD  A MET A 1 104 ? 7.891   3.583   -9.026  0.30 25.53 ? 1584 MET A SD  1 
ATOM   919  S SD  B MET A 1 104 ? 7.164   5.505   -5.471  0.70 37.42 ? 1584 MET A SD  1 
ATOM   920  C CE  A MET A 1 104 ? 9.374   2.832   -8.434  0.30 23.78 ? 1584 MET A CE  1 
ATOM   921  C CE  B MET A 1 104 ? 6.506   6.668   -6.642  0.70 39.71 ? 1584 MET A CE  1 
ATOM   922  N N   . ALA A 1 105 ? 3.662   0.615   -7.844  1.00 25.05 ? 1585 ALA A N   1 
ATOM   923  C CA  . ALA A 1 105 ? 2.547   0.584   -8.806  1.00 23.88 ? 1585 ALA A CA  1 
ATOM   924  C C   . ALA A 1 105 ? 1.370   -0.135  -8.135  1.00 24.25 ? 1585 ALA A C   1 
ATOM   925  O O   . ALA A 1 105 ? 0.384   -0.427  -8.799  1.00 25.66 ? 1585 ALA A O   1 
ATOM   926  C CB  . ALA A 1 105 ? 2.960   -0.164  -10.062 1.00 24.56 ? 1585 ALA A CB  1 
ATOM   927  N N   . VAL A 1 106 ? 1.457   -0.314  -6.802  1.00 22.21 ? 1586 VAL A N   1 
ATOM   928  C CA  . VAL A 1 106 ? 0.387   -1.030  -6.055  1.00 21.30 ? 1586 VAL A CA  1 
ATOM   929  C C   . VAL A 1 106 ? -0.045  -0.204  -4.868  1.00 20.70 ? 1586 VAL A C   1 
ATOM   930  O O   . VAL A 1 106 ? 0.773   0.089   -3.927  1.00 24.95 ? 1586 VAL A O   1 
ATOM   931  C CB  . VAL A 1 106 ? 0.871   -2.479  -5.570  1.00 22.53 ? 1586 VAL A CB  1 
ATOM   932  C CG1 . VAL A 1 106 ? -0.255  -3.144  -4.721  1.00 22.57 ? 1586 VAL A CG1 1 
ATOM   933  C CG2 . VAL A 1 106 ? 1.315   -3.341  -6.771  1.00 22.03 ? 1586 VAL A CG2 1 
ATOM   934  N N   . ILE A 1 107 ? -1.306  0.218   -4.895  1.00 21.64 ? 1587 ILE A N   1 
ATOM   935  C CA  . ILE A 1 107 ? -1.920  1.038   -3.832  1.00 20.73 ? 1587 ILE A CA  1 
ATOM   936  C C   . ILE A 1 107 ? -3.225  0.441   -3.396  1.00 21.27 ? 1587 ILE A C   1 
ATOM   937  O O   . ILE A 1 107 ? -3.643  -0.526  -4.006  1.00 22.88 ? 1587 ILE A O   1 
ATOM   938  C CB  . ILE A 1 107 ? -2.075  2.503   -4.310  1.00 21.49 ? 1587 ILE A CB  1 
ATOM   939  C CG1 . ILE A 1 107 ? -3.148  2.598   -5.402  1.00 20.62 ? 1587 ILE A CG1 1 
ATOM   940  C CG2 . ILE A 1 107 ? -0.769  2.984   -4.901  1.00 21.94 ? 1587 ILE A CG2 1 
ATOM   941  C CD1 . ILE A 1 107 ? -3.370  4.137   -5.988  1.00 22.64 ? 1587 ILE A CD1 1 
ATOM   942  N N   . LEU A 1 108 ? -3.874  1.000   -2.387  1.00 21.57 ? 1588 LEU A N   1 
ATOM   943  C CA  . LEU A 1 108 ? -5.154  0.444   -1.890  1.00 21.26 ? 1588 LEU A CA  1 
ATOM   944  C C   . LEU A 1 108 ? -6.159  1.592   -1.916  1.00 21.77 ? 1588 LEU A C   1 
ATOM   945  O O   . LEU A 1 108 ? -5.832  2.730   -1.466  1.00 21.89 ? 1588 LEU A O   1 
ATOM   946  C CB  . LEU A 1 108 ? -5.053  -0.071  -0.440  1.00 19.44 ? 1588 LEU A CB  1 
ATOM   947  C CG  . LEU A 1 108 ? -3.906  -1.044  -0.139  1.00 20.95 ? 1588 LEU A CG  1 
ATOM   948  C CD1 . LEU A 1 108 ? -3.919  -1.367  1.385   1.00 22.64 ? 1588 LEU A CD1 1 
ATOM   949  C CD2 . LEU A 1 108 ? -4.094  -2.302  -1.005  1.00 24.55 ? 1588 LEU A CD2 1 
ATOM   950  N N   . SER A 1 109 ? -7.321  1.368   -2.538  1.00 21.15 ? 1589 SER A N   1 
ATOM   951  C CA  . SER A 1 109 ? -8.386  2.365   -2.497  1.00 22.42 ? 1589 SER A CA  1 
ATOM   952  C C   . SER A 1 109 ? -8.906  2.455   -1.065  1.00 23.93 ? 1589 SER A C   1 
ATOM   953  O O   . SER A 1 109 ? -8.496  1.735   -0.198  1.00 24.65 ? 1589 SER A O   1 
ATOM   954  C CB  . SER A 1 109 ? -9.513  1.942   -3.455  1.00 24.01 ? 1589 SER A CB  1 
ATOM   955  O OG  . SER A 1 109 ? -10.155 0.794   -2.836  1.00 23.98 ? 1589 SER A OG  1 
ATOM   956  N N   . LEU A 1 110 ? -9.831  3.382   -0.767  1.00 24.78 ? 1590 LEU A N   1 
ATOM   957  C CA  . LEU A 1 110 ? -10.332 3.500   0.564   1.00 25.30 ? 1590 LEU A CA  1 
ATOM   958  C C   . LEU A 1 110 ? -11.005 2.217   0.960   1.00 24.64 ? 1590 LEU A C   1 
ATOM   959  O O   . LEU A 1 110 ? -10.833 1.745   2.091   1.00 24.50 ? 1590 LEU A O   1 
ATOM   960  C CB  . LEU A 1 110 ? -11.399 4.658   0.604   1.00 25.78 ? 1590 LEU A CB  1 
ATOM   961  C CG  . LEU A 1 110 ? -12.033 4.807   2.000   1.00 25.39 ? 1590 LEU A CG  1 
ATOM   962  C CD1 . LEU A 1 110 ? -10.989 5.339   3.006   1.00 31.81 ? 1590 LEU A CD1 1 
ATOM   963  C CD2 . LEU A 1 110 ? -13.190 5.759   1.857   1.00 27.91 ? 1590 LEU A CD2 1 
ATOM   964  N N   A GLU A 1 111 ? -11.806 1.624   0.073   0.50 25.30 ? 1591 GLU A N   1 
ATOM   965  N N   B GLU A 1 111 ? -11.813 1.665   0.046   0.50 25.19 ? 1591 GLU A N   1 
ATOM   966  C CA  A GLU A 1 111 ? -12.532 0.364   0.445   0.50 26.58 ? 1591 GLU A CA  1 
ATOM   967  C CA  B GLU A 1 111 ? -12.554 0.388   0.281   0.50 25.31 ? 1591 GLU A CA  1 
ATOM   968  C C   A GLU A 1 111 ? -11.587 -0.852  0.607   0.50 25.85 ? 1591 GLU A C   1 
ATOM   969  C C   B GLU A 1 111 ? -11.552 -0.737  0.639   0.50 25.23 ? 1591 GLU A C   1 
ATOM   970  O O   A GLU A 1 111 ? -11.806 -1.700  1.465   0.50 25.59 ? 1591 GLU A O   1 
ATOM   971  O O   B GLU A 1 111 ? -11.675 -1.372  1.686   0.50 23.66 ? 1591 GLU A O   1 
ATOM   972  C CB  A GLU A 1 111 ? -13.650 0.068   -0.543  0.50 25.93 ? 1591 GLU A CB  1 
ATOM   973  C CB  B GLU A 1 111 ? -13.386 0.040   -0.959  0.50 25.67 ? 1591 GLU A CB  1 
ATOM   974  C CG  A GLU A 1 111 ? -14.661 -1.024  -0.132  0.50 30.59 ? 1591 GLU A CG  1 
ATOM   975  C CG  B GLU A 1 111 ? -14.317 -1.198  -0.875  0.50 26.76 ? 1591 GLU A CG  1 
ATOM   976  C CD  A GLU A 1 111 ? -16.000 -0.966  -0.932  0.50 30.30 ? 1591 GLU A CD  1 
ATOM   977  C CD  B GLU A 1 111 ? -15.063 -1.474  -2.177  0.50 27.02 ? 1591 GLU A CD  1 
ATOM   978  O OE1 A GLU A 1 111 ? -16.047 -0.298  -1.999  0.50 36.42 ? 1591 GLU A OE1 1 
ATOM   979  O OE1 B GLU A 1 111 ? -14.445 -1.488  -3.249  0.50 30.50 ? 1591 GLU A OE1 1 
ATOM   980  O OE2 A GLU A 1 111 ? -17.026 -1.615  -0.500  0.50 35.36 ? 1591 GLU A OE2 1 
ATOM   981  O OE2 B GLU A 1 111 ? -16.289 -1.731  -2.170  0.50 37.24 ? 1591 GLU A OE2 1 
ATOM   982  N N   . GLN A 1 112 ? -10.553 -0.919  -0.223  1.00 25.02 ? 1592 GLN A N   1 
ATOM   983  C CA  . GLN A 1 112 ? -9.468  -1.939  -0.044  1.00 22.85 ? 1592 GLN A CA  1 
ATOM   984  C C   . GLN A 1 112 ? -8.628  -1.815  1.238   1.00 25.39 ? 1592 GLN A C   1 
ATOM   985  O O   . GLN A 1 112 ? -8.346  -2.825  1.929   1.00 26.30 ? 1592 GLN A O   1 
ATOM   986  C CB  . GLN A 1 112 ? -8.570  -2.008  -1.289  1.00 24.64 ? 1592 GLN A CB  1 
ATOM   987  C CG  . GLN A 1 112 ? -9.327  -2.431  -2.526  1.00 21.55 ? 1592 GLN A CG  1 
ATOM   988  C CD  . GLN A 1 112 ? -8.615  -2.127  -3.818  1.00 28.10 ? 1592 GLN A CD  1 
ATOM   989  O OE1 . GLN A 1 112 ? -7.639  -1.369  -3.819  1.00 23.29 ? 1592 GLN A OE1 1 
ATOM   990  N NE2 . GLN A 1 112 ? -9.118  -2.695  -4.937  1.00 23.26 ? 1592 GLN A NE2 1 
ATOM   991  N N   . GLY A 1 113 ? -8.186  -0.600  1.565   1.00 22.09 ? 1593 GLY A N   1 
ATOM   992  C CA  . GLY A 1 113 ? -7.462  -0.416  2.817   1.00 22.80 ? 1593 GLY A CA  1 
ATOM   993  C C   . GLY A 1 113 ? -8.319  -0.636  4.066   1.00 23.92 ? 1593 GLY A C   1 
ATOM   994  O O   . GLY A 1 113 ? -7.865  -1.160  5.043   1.00 25.46 ? 1593 GLY A O   1 
ATOM   995  N N   . ASN A 1 114 ? -9.572  -0.181  4.036   1.00 24.12 ? 1594 ASN A N   1 
ATOM   996  C CA  . ASN A 1 114 ? -10.402 -0.237  5.225   1.00 28.88 ? 1594 ASN A CA  1 
ATOM   997  C C   . ASN A 1 114 ? -10.618 -1.692  5.598   1.00 29.44 ? 1594 ASN A C   1 
ATOM   998  O O   . ASN A 1 114 ? -10.820 -2.028  6.778   1.00 32.56 ? 1594 ASN A O   1 
ATOM   999  C CB  . ASN A 1 114 ? -11.779 0.417   4.889   1.00 28.74 ? 1594 ASN A CB  1 
ATOM   1000 C CG  . ASN A 1 114 ? -11.777 1.920   5.161   1.00 28.28 ? 1594 ASN A CG  1 
ATOM   1001 O OD1 . ASN A 1 114 ? -10.802 2.455   5.652   1.00 34.57 ? 1594 ASN A OD1 1 
ATOM   1002 N ND2 . ASN A 1 114 ? -12.867 2.623   4.795   1.00 33.77 ? 1594 ASN A ND2 1 
ATOM   1003 N N   . ARG A 1 115 ? -10.548 -2.579  4.612   1.00 29.47 ? 1595 ARG A N   1 
ATOM   1004 C CA  . ARG A 1 115 ? -10.785 -4.012  4.852   1.00 28.72 ? 1595 ARG A CA  1 
ATOM   1005 C C   . ARG A 1 115 ? -9.635  -4.568  5.646   1.00 29.06 ? 1595 ARG A C   1 
ATOM   1006 O O   . ARG A 1 115 ? -9.752  -5.662  6.185   1.00 29.60 ? 1595 ARG A O   1 
ATOM   1007 C CB  . ARG A 1 115 ? -10.782 -4.834  3.563   1.00 27.61 ? 1595 ARG A CB  1 
ATOM   1008 C CG  . ARG A 1 115 ? -11.975 -4.683  2.755   1.00 36.37 ? 1595 ARG A CG  1 
ATOM   1009 C CD  . ARG A 1 115 ? -11.988 -5.738  1.727   1.00 36.63 ? 1595 ARG A CD  1 
ATOM   1010 N NE  . ARG A 1 115 ? -13.149 -5.468  0.931   1.00 41.91 ? 1595 ARG A NE  1 
ATOM   1011 C CZ  . ARG A 1 115 ? -13.075 -5.059  -0.325  1.00 42.93 ? 1595 ARG A CZ  1 
ATOM   1012 N NH1 . ARG A 1 115 ? -11.866 -4.941  -0.914  1.00 42.75 ? 1595 ARG A NH1 1 
ATOM   1013 N NH2 . ARG A 1 115 ? -14.207 -4.821  -0.996  1.00 45.55 ? 1595 ARG A NH2 1 
ATOM   1014 N N   A LEU A 1 116 ? -8.459  -3.942  5.592   0.50 26.30 ? 1596 LEU A N   1 
ATOM   1015 N N   B LEU A 1 116 ? -8.527  -3.817  5.783   0.50 27.19 ? 1596 LEU A N   1 
ATOM   1016 C CA  A LEU A 1 116 ? -7.317  -4.592  6.222   0.50 24.67 ? 1596 LEU A CA  1 
ATOM   1017 C CA  B LEU A 1 116 ? -7.319  -4.354  6.448   0.50 26.01 ? 1596 LEU A CA  1 
ATOM   1018 C C   A LEU A 1 116 ? -7.168  -4.086  7.616   0.50 24.82 ? 1596 LEU A C   1 
ATOM   1019 C C   B LEU A 1 116 ? -7.015  -3.716  7.824   0.50 26.41 ? 1596 LEU A C   1 
ATOM   1020 O O   A LEU A 1 116 ? -6.366  -4.606  8.355   0.50 23.77 ? 1596 LEU A O   1 
ATOM   1021 O O   B LEU A 1 116 ? -6.067  -4.103  8.517   0.50 25.35 ? 1596 LEU A O   1 
ATOM   1022 C CB  A LEU A 1 116 ? -5.980  -4.339  5.458   0.50 23.45 ? 1596 LEU A CB  1 
ATOM   1023 C CB  B LEU A 1 116 ? -6.081  -4.246  5.488   0.50 25.50 ? 1596 LEU A CB  1 
ATOM   1024 C CG  A LEU A 1 116 ? -5.702  -4.875  4.037   0.50 24.21 ? 1596 LEU A CG  1 
ATOM   1025 C CG  B LEU A 1 116 ? -5.927  -5.142  4.217   0.50 26.69 ? 1596 LEU A CG  1 
ATOM   1026 C CD1 A LEU A 1 116 ? -4.234  -4.604  3.644   0.50 23.45 ? 1596 LEU A CD1 1 
ATOM   1027 C CD1 B LEU A 1 116 ? -7.222  -5.599  3.547   0.50 26.56 ? 1596 LEU A CD1 1 
ATOM   1028 C CD2 A LEU A 1 116 ? -5.939  -6.347  3.865   0.50 20.70 ? 1596 LEU A CD2 1 
ATOM   1029 C CD2 B LEU A 1 116 ? -4.990  -4.553  3.127   0.50 26.11 ? 1596 LEU A CD2 1 
ATOM   1030 N N   A ARG A 1 117 ? -7.940  -3.059  7.972   0.50 24.75 ? 1597 ARG A N   1 
ATOM   1031 N N   B ARG A 1 117 ? -7.805  -2.728  8.234   0.50 25.42 ? 1597 ARG A N   1 
ATOM   1032 C CA  A ARG A 1 117 ? -7.669  -2.238  9.151   0.50 24.99 ? 1597 ARG A CA  1 
ATOM   1033 C CA  B ARG A 1 117 ? -7.528  -2.069  9.495   0.50 26.51 ? 1597 ARG A CA  1 
ATOM   1034 C C   A ARG A 1 117 ? -7.764  -2.918  10.522  0.50 27.02 ? 1597 ARG A C   1 
ATOM   1035 C C   B ARG A 1 117 ? -7.613  -3.091  10.611  0.50 27.81 ? 1597 ARG A C   1 
ATOM   1036 O O   A ARG A 1 117 ? -7.048  -2.536  11.432  0.50 24.61 ? 1597 ARG A O   1 
ATOM   1037 O O   B ARG A 1 117 ? -6.713  -3.203  11.408  0.50 27.45 ? 1597 ARG A O   1 
ATOM   1038 C CB  A ARG A 1 117 ? -8.591  -1.026  9.142   0.50 26.08 ? 1597 ARG A CB  1 
ATOM   1039 C CB  B ARG A 1 117 ? -8.510  -0.935  9.765   0.50 26.77 ? 1597 ARG A CB  1 
ATOM   1040 C CG  A ARG A 1 117 ? -8.061  0.074   8.181   0.50 27.63 ? 1597 ARG A CG  1 
ATOM   1041 C CG  B ARG A 1 117 ? -8.060  0.308   9.046   0.50 30.76 ? 1597 ARG A CG  1 
ATOM   1042 C CD  A ARG A 1 117 ? -7.864  1.417   8.902   0.50 34.44 ? 1597 ARG A CD  1 
ATOM   1043 C CD  B ARG A 1 117 ? -9.203  1.209   8.556   0.50 31.73 ? 1597 ARG A CD  1 
ATOM   1044 N NE  A ARG A 1 117 ? -9.038  1.902   9.664   0.50 32.37 ? 1597 ARG A NE  1 
ATOM   1045 N NE  B ARG A 1 117 ? -8.592  2.492   8.197   0.50 30.92 ? 1597 ARG A NE  1 
ATOM   1046 C CZ  A ARG A 1 117 ? -10.212 2.194   9.099   0.50 33.15 ? 1597 ARG A CZ  1 
ATOM   1047 C CZ  B ARG A 1 117 ? -9.163  3.657   8.415   0.50 32.34 ? 1597 ARG A CZ  1 
ATOM   1048 N NH1 A ARG A 1 117 ? -10.378 2.016   7.824   0.50 33.75 ? 1597 ARG A NH1 1 
ATOM   1049 N NH1 B ARG A 1 117 ? -10.356 3.728   8.979   0.50 30.48 ? 1597 ARG A NH1 1 
ATOM   1050 N NH2 A ARG A 1 117 ? -11.236 2.661   9.812   0.50 37.81 ? 1597 ARG A NH2 1 
ATOM   1051 N NH2 B ARG A 1 117 ? -8.536  4.750   8.073   0.50 35.31 ? 1597 ARG A NH2 1 
ATOM   1052 N N   . GLU A 1 118 ? -8.686  -3.872  10.655  1.00 28.43 ? 1598 GLU A N   1 
ATOM   1053 C CA  . GLU A 1 118 ? -8.869  -4.659  11.923  1.00 30.87 ? 1598 GLU A CA  1 
ATOM   1054 C C   . GLU A 1 118 ? -7.699  -5.559  12.183  1.00 31.84 ? 1598 GLU A C   1 
ATOM   1055 O O   . GLU A 1 118 ? -7.200  -5.591  13.314  1.00 33.48 ? 1598 GLU A O   1 
ATOM   1056 C CB  . GLU A 1 118 ? -10.132 -5.498  11.882  1.00 32.85 ? 1598 GLU A CB  1 
ATOM   1057 C CG  . GLU A 1 118 ? -10.150 -6.459  13.088  1.00 39.15 ? 1598 GLU A CG  1 
ATOM   1058 C CD  . GLU A 1 118 ? -11.569 -6.839  13.554  1.00 51.56 ? 1598 GLU A CD  1 
ATOM   1059 O OE1 . GLU A 1 118 ? -12.371 -5.926  13.888  1.00 53.63 ? 1598 GLU A OE1 1 
ATOM   1060 O OE2 . GLU A 1 118 ? -11.861 -8.063  13.613  1.00 57.50 ? 1598 GLU A OE2 1 
ATOM   1061 N N   . GLN A 1 119 ? -7.218  -6.247  11.140  1.00 30.24 ? 1599 GLN A N   1 
ATOM   1062 C CA  . GLN A 1 119 ? -5.982  -7.081  11.253  1.00 29.75 ? 1599 GLN A CA  1 
ATOM   1063 C C   . GLN A 1 119 ? -4.648  -6.350  11.310  1.00 29.90 ? 1599 GLN A C   1 
ATOM   1064 O O   . GLN A 1 119 ? -3.729  -6.748  12.089  1.00 28.50 ? 1599 GLN A O   1 
ATOM   1065 C CB  . GLN A 1 119 ? -5.986  -8.107  10.156  1.00 28.72 ? 1599 GLN A CB  1 
ATOM   1066 C CG  . GLN A 1 119 ? -5.016  -9.176  10.344  1.00 33.08 ? 1599 GLN A CG  1 
ATOM   1067 C CD  . GLN A 1 119 ? -5.056  -10.237 9.251   1.00 40.58 ? 1599 GLN A CD  1 
ATOM   1068 O OE1 . GLN A 1 119 ? -6.041  -10.376 8.496   1.00 42.06 ? 1599 GLN A OE1 1 
ATOM   1069 N NE2 . GLN A 1 119 ? -3.972  -11.032 9.185   1.00 43.48 ? 1599 GLN A NE2 1 
ATOM   1070 N N   . TYR A 1 120 ? -4.499  -5.269  10.498  1.00 27.75 ? 1600 TYR A N   1 
ATOM   1071 C CA  . TYR A 1 120 ? -3.204  -4.598  10.374  1.00 28.01 ? 1600 TYR A CA  1 
ATOM   1072 C C   . TYR A 1 120 ? -3.104  -3.150  10.855  1.00 27.33 ? 1600 TYR A C   1 
ATOM   1073 O O   . TYR A 1 120 ? -1.982  -2.571  10.845  1.00 29.28 ? 1600 TYR A O   1 
ATOM   1074 C CB  . TYR A 1 120 ? -2.705  -4.667  8.880   1.00 27.85 ? 1600 TYR A CB  1 
ATOM   1075 C CG  . TYR A 1 120 ? -2.597  -6.052  8.332   1.00 29.44 ? 1600 TYR A CG  1 
ATOM   1076 C CD1 . TYR A 1 120 ? -3.592  -6.592  7.574   1.00 28.75 ? 1600 TYR A CD1 1 
ATOM   1077 C CD2 . TYR A 1 120 ? -1.507  -6.848  8.644   1.00 30.54 ? 1600 TYR A CD2 1 
ATOM   1078 C CE1 . TYR A 1 120 ? -3.460  -7.902  7.053   1.00 35.26 ? 1600 TYR A CE1 1 
ATOM   1079 C CE2 . TYR A 1 120 ? -1.387  -8.094  8.171   1.00 34.14 ? 1600 TYR A CE2 1 
ATOM   1080 C CZ  . TYR A 1 120 ? -2.324  -8.627  7.411   1.00 31.85 ? 1600 TYR A CZ  1 
ATOM   1081 O OH  . TYR A 1 120 ? -2.116  -9.888  6.973   1.00 36.58 ? 1600 TYR A OH  1 
ATOM   1082 N N   . GLY A 1 121 ? -4.194  -2.522  11.269  1.00 26.75 ? 1601 GLY A N   1 
ATOM   1083 C CA  . GLY A 1 121 ? -4.097  -1.086  11.544  1.00 30.01 ? 1601 GLY A CA  1 
ATOM   1084 C C   . GLY A 1 121 ? -3.410  -0.834  12.864  1.00 32.82 ? 1601 GLY A C   1 
ATOM   1085 O O   . GLY A 1 121 ? -3.418  -1.731  13.752  1.00 33.98 ? 1601 GLY A O   1 
ATOM   1086 N N   . LEU A 1 122 ? -2.785  0.332   13.001  1.00 36.99 ? 1602 LEU A N   1 
ATOM   1087 C CA  . LEU A 1 122 ? -2.113  0.754   14.249  1.00 39.11 ? 1602 LEU A CA  1 
ATOM   1088 C C   . LEU A 1 122 ? -3.029  1.657   15.112  1.00 41.22 ? 1602 LEU A C   1 
ATOM   1089 O O   . LEU A 1 122 ? -2.581  2.586   15.828  1.00 40.98 ? 1602 LEU A O   1 
ATOM   1090 C CB  . LEU A 1 122 ? -0.808  1.461   13.889  1.00 39.38 ? 1602 LEU A CB  1 
ATOM   1091 C CG  . LEU A 1 122 ? 0.333   0.686   13.205  1.00 39.13 ? 1602 LEU A CG  1 
ATOM   1092 C CD1 . LEU A 1 122 ? -0.109  0.181   11.865  1.00 46.65 ? 1602 LEU A CD1 1 
ATOM   1093 C CD2 . LEU A 1 122 ? 1.640   1.587   13.039  1.00 40.86 ? 1602 LEU A CD2 1 
ATOM   1094 N N   . GLY A 1 123 ? -4.327  1.423   15.031  1.00 42.47 ? 1603 GLY A N   1 
ATOM   1095 C CA  . GLY A 1 123 ? -5.306  2.244   15.760  1.00 45.86 ? 1603 GLY A CA  1 
ATOM   1096 C C   . GLY A 1 123 ? -5.304  1.936   17.249  1.00 46.84 ? 1603 GLY A C   1 
ATOM   1097 O O   . GLY A 1 123 ? -4.897  0.852   17.617  1.00 47.96 ? 1603 GLY A O   1 
ATOM   1098 O OXT . GLY A 1 123 ? -5.659  2.731   18.131  1.00 47.71 ? 1603 GLY A OXT 1 
ATOM   1099 N N   . ARG B 2 4   ? -3.611  9.756   -8.260  1.00 65.20 ? 19   ARG B N   1 
ATOM   1100 C CA  . ARG B 2 4   ? -4.289  11.069  -8.185  1.00 66.07 ? 19   ARG B CA  1 
ATOM   1101 C C   . ARG B 2 4   ? -3.249  12.195  -8.379  1.00 66.76 ? 19   ARG B C   1 
ATOM   1102 O O   . ARG B 2 4   ? -3.591  13.326  -8.780  1.00 67.33 ? 19   ARG B O   1 
ATOM   1103 C CB  . ARG B 2 4   ? -5.054  11.210  -6.851  1.00 66.02 ? 19   ARG B CB  1 
ATOM   1104 C CG  . ARG B 2 4   ? -6.591  11.050  -6.945  1.00 66.07 ? 19   ARG B CG  1 
ATOM   1105 C CD  . ARG B 2 4   ? -7.222  9.777   -6.288  1.00 63.10 ? 19   ARG B CD  1 
ATOM   1106 N NE  . ARG B 2 4   ? -7.588  8.761   -7.262  1.00 64.44 ? 19   ARG B NE  1 
ATOM   1107 C CZ  . ARG B 2 4   ? -6.793  7.772   -7.648  1.00 64.71 ? 19   ARG B CZ  1 
ATOM   1108 N NH1 . ARG B 2 4   ? -5.584  7.643   -7.134  1.00 64.19 ? 19   ARG B NH1 1 
ATOM   1109 N NH2 . ARG B 2 4   ? -7.211  6.906   -8.550  1.00 63.94 ? 19   ARG B NH2 1 
HETATM 1110 N N   . MLY B 2 5   ? -1.986  11.861  -8.093  1.00 66.83 ? 20   MLY B N   1 
HETATM 1111 C CA  . MLY B 2 5   ? -0.828  12.707  -8.390  1.00 66.12 ? 20   MLY B CA  1 
HETATM 1112 C CB  . MLY B 2 5   ? 0.332   12.569  -7.371  1.00 66.14 ? 20   MLY B CB  1 
HETATM 1113 C CG  . MLY B 2 5   ? 0.285   11.497  -6.261  1.00 62.14 ? 20   MLY B CG  1 
HETATM 1114 C CD  . MLY B 2 5   ? 0.158   12.147  -4.880  1.00 57.11 ? 20   MLY B CD  1 
HETATM 1115 C CE  . MLY B 2 5   ? 1.210   11.927  -3.770  1.00 48.56 ? 20   MLY B CE  1 
HETATM 1116 N NZ  . MLY B 2 5   ? 1.131   10.627  -3.002  1.00 38.99 ? 20   MLY B NZ  1 
HETATM 1117 C CH1 . MLY B 2 5   ? 1.319   10.811  -1.550  1.00 39.49 ? 20   MLY B CH1 1 
HETATM 1118 C CH2 . MLY B 2 5   ? -0.078  9.824   -3.258  1.00 42.72 ? 20   MLY B CH2 1 
HETATM 1119 C C   . MLY B 2 5   ? -0.321  12.424  -9.787  1.00 66.34 ? 20   MLY B C   1 
HETATM 1120 S S   . SO4 C 3 .   ? -5.502  -19.463 -8.179  1.00 96.67 ? 201  SO4 A S   1 
HETATM 1121 O O1  . SO4 C 3 .   ? -6.457  -20.125 -7.290  1.00 96.50 ? 201  SO4 A O1  1 
HETATM 1122 O O2  . SO4 C 3 .   ? -6.179  -18.566 -9.119  1.00 96.06 ? 201  SO4 A O2  1 
HETATM 1123 O O3  . SO4 C 3 .   ? -4.542  -18.683 -7.405  1.00 95.84 ? 201  SO4 A O3  1 
HETATM 1124 O O4  . SO4 C 3 .   ? -4.794  -20.505 -8.920  1.00 96.22 ? 201  SO4 A O4  1 
HETATM 1125 O O   . HOH D 4 .   ? 2.206   2.503   -2.838  1.00 21.82 ? 1    HOH A O   1 
HETATM 1126 O O   . HOH D 4 .   ? 2.828   -0.796  -2.504  1.00 23.54 ? 2    HOH A O   1 
HETATM 1127 O O   . HOH D 4 .   ? -4.185  -0.962  -14.047 1.00 29.30 ? 3    HOH A O   1 
HETATM 1128 O O   . HOH D 4 .   ? 5.370   -0.284  2.690   1.00 26.04 ? 4    HOH A O   1 
HETATM 1129 O O   . HOH D 4 .   ? -2.970  -8.438  -14.048 1.00 32.00 ? 5    HOH A O   1 
HETATM 1130 O O   . HOH D 4 .   ? 4.232   6.012   -1.890  1.00 28.77 ? 6    HOH A O   1 
HETATM 1131 O O   . HOH D 4 .   ? -5.178  -4.798  -12.069 1.00 28.50 ? 7    HOH A O   1 
HETATM 1132 O O   . HOH D 4 .   ? 3.901   -3.698  -14.296 1.00 32.19 ? 8    HOH A O   1 
HETATM 1133 O O   . HOH D 4 .   ? -5.552  8.941   -14.571 1.00 31.74 ? 9    HOH A O   1 
HETATM 1134 O O   . HOH D 4 .   ? 4.084   -2.397  2.084   1.00 28.55 ? 10   HOH A O   1 
HETATM 1135 O O   . HOH D 4 .   ? 0.840   -12.471 2.658   1.00 27.59 ? 11   HOH A O   1 
HETATM 1136 O O   . HOH D 4 .   ? 9.837   -2.470  -6.253  1.00 29.26 ? 12   HOH A O   1 
HETATM 1137 O O   . HOH D 4 .   ? -8.532  -5.005  0.144   1.00 38.25 ? 13   HOH A O   1 
HETATM 1138 O O   . HOH D 4 .   ? 5.442   -1.873  -12.166 1.00 29.41 ? 14   HOH A O   1 
HETATM 1139 O O   . HOH D 4 .   ? 1.508   8.363   18.542  1.00 36.45 ? 15   HOH A O   1 
HETATM 1140 O O   . HOH D 4 .   ? -1.297  4.646   -13.450 1.00 35.80 ? 16   HOH A O   1 
HETATM 1141 O O   . HOH D 4 .   ? 0.010   6.619   -12.412 1.00 41.75 ? 17   HOH A O   1 
HETATM 1142 O O   . HOH D 4 .   ? 9.491   5.996   2.383   1.00 35.47 ? 18   HOH A O   1 
HETATM 1143 O O   . HOH D 4 .   ? 8.708   0.532   -6.552  1.00 33.15 ? 19   HOH A O   1 
HETATM 1144 O O   . HOH D 4 .   ? -9.787  15.911  -0.739  1.00 31.61 ? 20   HOH A O   1 
HETATM 1145 O O   . HOH D 4 .   ? -13.988 -1.674  2.908   1.00 35.74 ? 21   HOH A O   1 
HETATM 1146 O O   . HOH D 4 .   ? 8.464   -7.085  1.825   1.00 33.53 ? 22   HOH A O   1 
HETATM 1147 O O   . HOH D 4 .   ? -5.225  9.987   9.190   1.00 34.89 ? 23   HOH A O   1 
HETATM 1148 O O   . HOH D 4 .   ? 6.749   2.394   -3.277  1.00 34.77 ? 24   HOH A O   1 
HETATM 1149 O O   . HOH D 4 .   ? 2.263   -15.463 -9.345  1.00 39.68 ? 25   HOH A O   1 
HETATM 1150 O O   . HOH D 4 .   ? -5.896  -9.000  -17.314 1.00 42.84 ? 26   HOH A O   1 
HETATM 1151 O O   . HOH D 4 .   ? -5.519  6.395   15.771  1.00 43.65 ? 27   HOH A O   1 
HETATM 1152 O O   . HOH D 4 .   ? -4.532  10.203  6.515   1.00 36.69 ? 29   HOH A O   1 
HETATM 1153 O O   . HOH D 4 .   ? -8.646  -11.675 -9.632  1.00 50.87 ? 30   HOH A O   1 
HETATM 1154 O O   . HOH D 4 .   ? 3.981   -11.350 3.626   1.00 40.49 ? 31   HOH A O   1 
HETATM 1155 O O   . HOH D 4 .   ? 2.288   -9.081  4.950   1.00 31.33 ? 32   HOH A O   1 
HETATM 1156 O O   . HOH D 4 .   ? 5.960   -3.321  8.680   1.00 48.90 ? 33   HOH A O   1 
HETATM 1157 O O   . HOH D 4 .   ? -3.773  14.365  11.038  1.00 47.42 ? 34   HOH A O   1 
HETATM 1158 O O   . HOH D 4 .   ? 13.215  8.723   11.219  1.00 41.07 ? 35   HOH A O   1 
HETATM 1159 O O   . HOH D 4 .   ? -6.570  0.417   14.030  1.00 49.10 ? 36   HOH A O   1 
HETATM 1160 O O   . HOH D 4 .   ? -3.107  14.273  2.285   1.00 52.22 ? 37   HOH A O   1 
HETATM 1161 O O   . HOH D 4 .   ? -4.338  10.166  -12.402 1.00 46.55 ? 38   HOH A O   1 
HETATM 1162 O O   . HOH D 4 .   ? 11.786  -4.188  -0.608  1.00 44.85 ? 39   HOH A O   1 
HETATM 1163 O O   A HOH D 4 .   ? -1.491  -3.197  -16.884 0.50 29.32 ? 40   HOH A O   1 
HETATM 1164 O O   B HOH D 4 .   ? -2.354  -2.506  -15.580 0.50 33.92 ? 40   HOH A O   1 
HETATM 1165 O O   . HOH D 4 .   ? -10.195 5.003   6.350   1.00 42.91 ? 41   HOH A O   1 
HETATM 1166 O O   . HOH D 4 .   ? 3.157   -14.256 -14.092 1.00 35.91 ? 42   HOH A O   1 
HETATM 1167 O O   . HOH D 4 .   ? 12.300  -17.487 -9.273  1.00 52.90 ? 43   HOH A O   1 
HETATM 1168 O O   . HOH D 4 .   ? -4.555  -11.068 5.070   1.00 36.47 ? 44   HOH A O   1 
HETATM 1169 O O   . HOH D 4 .   ? 4.969   16.269  17.594  1.00 42.19 ? 45   HOH A O   1 
HETATM 1170 O O   . HOH D 4 .   ? 9.454   -2.595  8.432   1.00 40.29 ? 46   HOH A O   1 
HETATM 1171 O O   . HOH D 4 .   ? -7.893  -7.279  -18.058 1.00 38.69 ? 47   HOH A O   1 
HETATM 1172 O O   . HOH D 4 .   ? -10.532 -9.771  -12.259 1.00 44.00 ? 48   HOH A O   1 
HETATM 1173 O O   . HOH D 4 .   ? -7.132  -8.430  6.908   1.00 48.45 ? 49   HOH A O   1 
HETATM 1174 O O   . HOH D 4 .   ? 7.334   -9.195  5.470   1.00 36.78 ? 50   HOH A O   1 
HETATM 1175 O O   . HOH D 4 .   ? 10.875  -6.025  1.080   1.00 54.26 ? 51   HOH A O   1 
HETATM 1176 O O   . HOH D 4 .   ? 9.477   1.581   -4.213  1.00 41.47 ? 52   HOH A O   1 
HETATM 1177 O O   . HOH D 4 .   ? -10.734 8.983   3.309   1.00 37.77 ? 53   HOH A O   1 
HETATM 1178 O O   . HOH D 4 .   ? -11.502 -7.879  5.777   1.00 53.69 ? 54   HOH A O   1 
HETATM 1179 O O   . HOH D 4 .   ? -12.349 6.527   8.393   1.00 66.36 ? 55   HOH A O   1 
HETATM 1180 O O   . HOH D 4 .   ? 3.245   17.507  13.358  1.00 41.61 ? 56   HOH A O   1 
HETATM 1181 O O   . HOH D 4 .   ? -5.813  -9.571  2.736   1.00 39.09 ? 57   HOH A O   1 
HETATM 1182 O O   . HOH D 4 .   ? 1.041   16.790  8.769   1.00 64.15 ? 58   HOH A O   1 
HETATM 1183 O O   . HOH D 4 .   ? 0.550   -10.573 6.408   1.00 38.17 ? 59   HOH A O   1 
HETATM 1184 O O   . HOH D 4 .   ? 2.795   -7.307  9.678   1.00 43.39 ? 60   HOH A O   1 
HETATM 1185 O O   . HOH D 4 .   ? -8.967  -13.120 -11.827 1.00 52.64 ? 61   HOH A O   1 
HETATM 1186 O O   . HOH D 4 .   ? 10.998  -4.475  3.294   1.00 36.67 ? 62   HOH A O   1 
HETATM 1187 O O   . HOH D 4 .   ? -5.445  9.388   19.281  1.00 47.27 ? 63   HOH A O   1 
HETATM 1188 O O   . HOH D 4 .   ? -14.410 -6.067  -4.304  1.00 47.69 ? 64   HOH A O   1 
HETATM 1189 O O   . HOH D 4 .   ? -13.244 9.403   3.945   0.50 50.13 ? 65   HOH A O   1 
HETATM 1190 O O   . HOH D 4 .   ? 11.938  -0.868  1.097   1.00 54.41 ? 66   HOH A O   1 
HETATM 1191 O O   . HOH D 4 .   ? 12.559  -2.055  5.639   1.00 45.07 ? 67   HOH A O   1 
HETATM 1192 O O   . HOH D 4 .   ? -0.493  -5.294  13.616  1.00 43.05 ? 68   HOH A O   1 
HETATM 1193 O O   . HOH D 4 .   ? 4.525   16.630  1.389   1.00 42.58 ? 69   HOH A O   1 
HETATM 1194 O O   . HOH D 4 .   ? -7.268  0.504   -20.956 1.00 52.71 ? 70   HOH A O   1 
HETATM 1195 O O   . HOH D 4 .   ? -8.777  -6.691  8.675   1.00 32.70 ? 71   HOH A O   1 
HETATM 1196 O O   . HOH D 4 .   ? -10.934 -3.801  8.953   1.00 33.11 ? 72   HOH A O   1 
HETATM 1197 O O   . HOH D 4 .   ? -2.173  17.285  16.389  1.00 54.57 ? 73   HOH A O   1 
HETATM 1198 O O   A HOH D 4 .   ? 1.392   -0.477  -18.101 0.50 25.78 ? 74   HOH A O   1 
HETATM 1199 O O   B HOH D 4 .   ? 0.561   -0.779  -19.379 0.50 34.03 ? 74   HOH A O   1 
HETATM 1200 O O   . HOH D 4 .   ? 1.475   -16.009 -14.909 1.00 45.94 ? 75   HOH A O   1 
HETATM 1201 O O   . HOH D 4 .   ? 0.268   -7.418  12.522  1.00 51.38 ? 76   HOH A O   1 
HETATM 1202 O O   . HOH D 4 .   ? -6.501  12.400  9.672   1.00 56.23 ? 77   HOH A O   1 
HETATM 1203 O O   . HOH D 4 .   ? 3.874   -2.497  -0.623  1.00 23.87 ? 78   HOH A O   1 
HETATM 1204 O O   A HOH D 4 .   ? 9.339   -15.914 -9.949  0.50 30.06 ? 79   HOH A O   1 
HETATM 1205 O O   B HOH D 4 .   ? 11.469  -14.668 -9.228  0.50 39.65 ? 79   HOH A O   1 
HETATM 1206 O O   . HOH D 4 .   ? -13.801 4.598   8.323   1.00 53.43 ? 80   HOH A O   1 
HETATM 1207 O O   . HOH D 4 .   ? -8.294  -9.166  2.288   1.00 40.45 ? 81   HOH A O   1 
HETATM 1208 O O   . HOH D 4 .   ? -13.960 -2.623  5.502   1.00 48.56 ? 82   HOH A O   1 
HETATM 1209 O O   . HOH D 4 .   ? -3.154  15.731  17.939  1.00 44.72 ? 83   HOH A O   1 
HETATM 1210 O O   . HOH D 4 .   ? -15.768 -3.448  2.015   1.00 47.61 ? 84   HOH A O   1 
HETATM 1211 O O   . HOH D 4 .   ? 14.318  -14.435 -12.916 1.00 53.84 ? 85   HOH A O   1 
HETATM 1212 O O   A HOH D 4 .   ? 7.811   15.847  0.877   0.50 29.81 ? 86   HOH A O   1 
HETATM 1213 O O   B HOH D 4 .   ? 6.470   16.265  1.309   0.50 28.27 ? 86   HOH A O   1 
HETATM 1214 O O   . HOH D 4 .   ? -3.473  -5.836  -13.652 1.00 32.92 ? 87   HOH A O   1 
HETATM 1215 O O   . HOH D 4 .   ? -9.374  6.943   -22.426 1.00 35.38 ? 88   HOH A O   1 
HETATM 1216 O O   . HOH D 4 .   ? 2.673   -12.251 -12.342 1.00 32.10 ? 89   HOH A O   1 
HETATM 1217 O O   . HOH D 4 .   ? -14.253 -5.580  5.748   1.00 43.26 ? 90   HOH A O   1 
HETATM 1218 O O   . HOH D 4 .   ? 2.908   4.288   -4.676  1.00 37.48 ? 91   HOH A O   1 
HETATM 1219 O O   . HOH D 4 .   ? 11.636  -1.848  -8.394  1.00 49.72 ? 92   HOH A O   1 
HETATM 1220 O O   . HOH D 4 .   ? -1.887  -11.080 11.505  1.00 46.97 ? 93   HOH A O   1 
HETATM 1221 O O   . HOH D 4 .   ? -10.402 -5.524  -12.422 1.00 52.17 ? 94   HOH A O   1 
HETATM 1222 O O   . HOH D 4 .   ? 9.668   9.492   17.224  1.00 46.92 ? 95   HOH A O   1 
HETATM 1223 O O   A HOH D 4 .   ? -11.906 7.678   -2.693  0.50 27.67 ? 96   HOH A O   1 
HETATM 1224 O O   B HOH D 4 .   ? -11.778 8.166   -3.943  0.50 25.97 ? 96   HOH A O   1 
HETATM 1225 O O   . HOH D 4 .   ? -3.004  -13.729 8.140   1.00 42.54 ? 97   HOH A O   1 
HETATM 1226 O O   . HOH D 4 .   ? 2.825   2.390   -12.564 1.00 52.18 ? 98   HOH A O   1 
HETATM 1227 O O   . HOH D 4 .   ? 10.423  15.417  0.763   1.00 55.67 ? 99   HOH A O   1 
HETATM 1228 O O   . HOH D 4 .   ? -9.580  10.982  3.483   1.00 42.43 ? 100  HOH A O   1 
HETATM 1229 O O   . HOH D 4 .   ? -8.336  -15.040 -3.814  1.00 51.69 ? 101  HOH A O   1 
HETATM 1230 O O   . HOH D 4 .   ? 3.586   7.301   21.759  1.00 49.65 ? 102  HOH A O   1 
HETATM 1231 O O   . HOH D 4 .   ? 2.907   -0.265  -14.054 0.50 24.25 ? 103  HOH A O   1 
HETATM 1232 O O   . HOH D 4 .   ? -3.092  -9.226  13.101  1.00 39.46 ? 104  HOH A O   1 
HETATM 1233 O O   A HOH D 4 .   ? 11.708  7.300   1.315   0.50 32.16 ? 105  HOH A O   1 
HETATM 1234 O O   B HOH D 4 .   ? 10.826  8.921   -0.109  0.50 35.15 ? 105  HOH A O   1 
HETATM 1235 O O   . HOH D 4 .   ? -9.714  -0.415  -7.396  1.00 47.79 ? 106  HOH A O   1 
HETATM 1236 O O   . HOH D 4 .   ? 15.266  -5.645  -8.607  1.00 48.83 ? 107  HOH A O   1 
HETATM 1237 O O   . HOH D 4 .   ? -1.158  -15.443 -15.996 1.00 45.30 ? 108  HOH A O   1 
HETATM 1238 O O   . HOH D 4 .   ? -2.801  5.240   17.243  1.00 52.88 ? 109  HOH A O   1 
HETATM 1239 O O   . HOH D 4 .   ? 6.473   0.781   19.118  1.00 58.51 ? 110  HOH A O   1 
HETATM 1240 O O   . HOH D 4 .   ? -13.695 -6.812  -17.504 1.00 52.82 ? 111  HOH A O   1 
HETATM 1241 O O   A HOH D 4 .   ? -5.009  14.192  17.815  0.50 28.69 ? 112  HOH A O   1 
HETATM 1242 O O   B HOH D 4 .   ? -6.262  13.064  17.633  0.50 31.88 ? 112  HOH A O   1 
HETATM 1243 O O   . HOH D 4 .   ? -9.962  9.951   -4.226  1.00 34.36 ? 113  HOH A O   1 
HETATM 1244 O O   . HOH D 4 .   ? -10.130 -8.744  9.604   1.00 43.27 ? 114  HOH A O   1 
HETATM 1245 O O   . HOH D 4 .   ? 3.824   8.357   -23.751 1.00 54.49 ? 115  HOH A O   1 
HETATM 1246 O O   . HOH D 4 .   ? 5.444   4.516   -3.980  1.00 39.59 ? 116  HOH A O   1 
HETATM 1247 O O   . HOH D 4 .   ? -3.538  -8.814  -16.787 1.00 46.19 ? 117  HOH A O   1 
HETATM 1248 O O   . HOH D 4 .   ? -10.194 -7.921  -8.398  1.00 39.20 ? 118  HOH A O   1 
HETATM 1249 O O   . HOH D 4 .   ? 12.285  11.936  6.693   1.00 52.68 ? 119  HOH A O   1 
HETATM 1250 O O   . HOH D 4 .   ? -5.999  -13.840 9.617   1.00 50.51 ? 120  HOH A O   1 
HETATM 1251 O O   . HOH D 4 .   ? -9.944  -15.710 10.210  1.00 61.97 ? 121  HOH A O   1 
HETATM 1252 O O   . HOH D 4 .   ? 12.930  -2.607  9.947   1.00 54.56 ? 122  HOH A O   1 
HETATM 1253 O O   . HOH D 4 .   ? 12.775  -2.380  2.824   1.00 48.23 ? 123  HOH A O   1 
HETATM 1254 O O   A HOH D 4 .   ? -8.034  10.914  6.061   0.50 36.88 ? 124  HOH A O   1 
HETATM 1255 O O   B HOH D 4 .   ? -9.100  9.023   7.918   0.50 31.40 ? 124  HOH A O   1 
HETATM 1256 O O   . HOH D 4 .   ? -8.325  -13.767 -8.084  1.00 58.10 ? 125  HOH A O   1 
HETATM 1257 O O   . HOH D 4 .   ? 5.719   -15.273 -6.528  0.50 22.97 ? 126  HOH A O   1 
HETATM 1258 O O   . HOH D 4 .   ? 7.199   -16.708 -9.284  0.50 35.67 ? 127  HOH A O   1 
HETATM 1259 O O   . HOH D 4 .   ? -12.547 0.627   8.235   1.00 57.75 ? 128  HOH A O   1 
HETATM 1260 O O   . HOH D 4 .   ? -4.052  12.810  -12.749 1.00 59.65 ? 130  HOH A O   1 
HETATM 1261 O O   . HOH D 4 .   ? 11.363  -1.132  -2.599  1.00 32.27 ? 131  HOH A O   1 
HETATM 1262 O O   . HOH D 4 .   ? 13.381  0.715   -5.610  1.00 52.92 ? 132  HOH A O   1 
HETATM 1263 O O   . HOH D 4 .   ? 7.610   7.985   -8.896  1.00 60.95 ? 133  HOH A O   1 
HETATM 1264 O O   . HOH D 4 .   ? -14.543 10.560  6.119   0.50 39.20 ? 134  HOH A O   1 
HETATM 1265 O O   A HOH D 4 .   ? 15.265  -1.644  -1.384  0.50 37.96 ? 136  HOH A O   1 
HETATM 1266 O O   B HOH D 4 .   ? 17.666  -2.835  -3.443  0.50 36.13 ? 136  HOH A O   1 
HETATM 1267 O O   . HOH D 4 .   ? -9.295  1.880   -7.235  1.00 44.23 ? 137  HOH A O   1 
HETATM 1268 O O   . HOH D 4 .   ? 6.492   4.773   18.029  1.00 51.53 ? 138  HOH A O   1 
HETATM 1269 O O   . HOH D 4 .   ? 10.477  -2.795  -2.947  1.00 38.92 ? 139  HOH A O   1 
HETATM 1270 O O   . HOH D 4 .   ? 0.581   15.847  -6.610  1.00 45.19 ? 140  HOH A O   1 
HETATM 1271 O O   . HOH D 4 .   ? 11.190  5.516   -2.751  1.00 45.10 ? 141  HOH A O   1 
HETATM 1272 O O   . HOH D 4 .   ? 11.569  5.525   19.677  1.00 65.34 ? 142  HOH A O   1 
HETATM 1273 O O   . HOH D 4 .   ? -3.498  12.652  7.296   1.00 49.08 ? 143  HOH A O   1 
HETATM 1274 O O   . HOH D 4 .   ? 12.129  10.479  14.738  1.00 51.42 ? 144  HOH A O   1 
HETATM 1275 O O   . HOH D 4 .   ? 12.882  -15.755 -11.371 1.00 50.01 ? 145  HOH A O   1 
HETATM 1276 O O   . HOH D 4 .   ? -14.284 -7.565  13.081  1.00 53.25 ? 146  HOH A O   1 
HETATM 1277 O O   . HOH D 4 .   ? -4.612  -15.566 1.853   1.00 52.67 ? 147  HOH A O   1 
HETATM 1278 O O   . HOH D 4 .   ? -8.810  -7.658  0.324   1.00 38.91 ? 148  HOH A O   1 
HETATM 1279 O O   . HOH D 4 .   ? -4.866  -19.369 -5.538  1.00 42.16 ? 149  HOH A O   1 
HETATM 1280 O O   A HOH D 4 .   ? -2.777  12.782  -4.651  0.50 38.51 ? 150  HOH A O   1 
HETATM 1281 O O   B HOH D 4 .   ? -4.287  14.438  -4.356  0.50 36.99 ? 150  HOH A O   1 
HETATM 1282 O O   . HOH D 4 .   ? 9.399   -8.334  3.857   1.00 47.38 ? 151  HOH A O   1 
HETATM 1283 O O   . HOH D 4 .   ? -3.379  10.755  -18.652 1.00 54.06 ? 153  HOH A O   1 
HETATM 1284 O O   . HOH D 4 .   ? 2.092   -2.220  -16.313 1.00 55.07 ? 154  HOH A O   1 
HETATM 1285 O O   . HOH D 4 .   ? -10.295 0.635   11.205  1.00 55.91 ? 155  HOH A O   1 
HETATM 1286 O O   . HOH D 4 .   ? 3.635   9.397   -6.668  1.00 60.07 ? 156  HOH A O   1 
HETATM 1287 O O   . HOH D 4 .   ? -5.018  -15.983 -18.401 1.00 52.95 ? 157  HOH A O   1 
HETATM 1288 O O   . HOH D 4 .   ? 3.687   -7.534  6.983   1.00 51.22 ? 158  HOH A O   1 
HETATM 1289 O O   . HOH D 4 .   ? -7.600  -12.354 -19.899 1.00 57.17 ? 159  HOH A O   1 
HETATM 1290 O O   . HOH D 4 .   ? 0.098   7.843   22.055  1.00 43.49 ? 160  HOH A O   1 
HETATM 1291 O O   . HOH D 4 .   ? 7.391   13.744  18.220  1.00 50.17 ? 162  HOH A O   1 
HETATM 1292 O O   . HOH D 4 .   ? 8.104   5.577   17.149  1.00 53.92 ? 163  HOH A O   1 
HETATM 1293 O O   . HOH D 4 .   ? -8.755  -14.395 -6.018  1.00 57.31 ? 164  HOH A O   1 
HETATM 1294 O O   . HOH D 4 .   ? 20.564  -4.986  -8.464  1.00 60.73 ? 165  HOH A O   1 
HETATM 1295 O O   . HOH D 4 .   ? -8.906  -9.440  12.705  1.00 59.73 ? 166  HOH A O   1 
HETATM 1296 O O   . HOH D 4 .   ? 11.489  -1.250  -15.048 1.00 54.98 ? 167  HOH A O   1 
HETATM 1297 O O   . HOH D 4 .   ? 2.074   6.679   -6.030  1.00 48.83 ? 168  HOH A O   1 
HETATM 1298 O O   . HOH D 4 .   ? 5.361   5.995   -15.953 1.00 67.39 ? 169  HOH A O   1 
HETATM 1299 O O   . HOH D 4 .   ? 12.317  -1.736  -1.254  1.00 59.55 ? 170  HOH A O   1 
HETATM 1300 O O   . HOH D 4 .   ? 13.247  -0.381  3.907   1.00 58.83 ? 171  HOH A O   1 
HETATM 1301 O O   . HOH D 4 .   ? 3.671   14.415  -7.410  1.00 57.47 ? 172  HOH A O   1 
HETATM 1302 O O   . HOH D 4 .   ? 11.318  9.685   -3.065  1.00 48.61 ? 173  HOH A O   1 
HETATM 1303 O O   . HOH D 4 .   ? 15.161  -1.614  -3.432  1.00 87.54 ? 174  HOH A O   1 
HETATM 1304 O O   . HOH D 4 .   ? -3.259  -15.232 -3.160  1.00 68.11 ? 175  HOH A O   1 
HETATM 1305 O O   . HOH D 4 .   ? 13.366  1.375   8.063   1.00 49.84 ? 176  HOH A O   1 
HETATM 1306 O O   . HOH D 4 .   ? 1.947   -0.805  11.368  1.00 66.94 ? 177  HOH A O   1 
HETATM 1307 O O   . HOH D 4 .   ? -7.037  -13.156 -18.092 1.00 77.30 ? 178  HOH A O   1 
HETATM 1308 O O   . HOH D 4 .   ? -0.319  -2.266  -15.587 1.00 80.75 ? 179  HOH A O   1 
HETATM 1309 O O   . HOH D 4 .   ? 15.392  -9.359  -0.526  1.00 57.93 ? 180  HOH A O   1 
HETATM 1310 O O   . HOH E 4 .   ? -8.709  11.594  -7.966  1.00 33.84 ? 28   HOH B O   1 
HETATM 1311 O O   A HOH E 4 .   ? -2.882  7.791   -6.962  0.50 24.39 ? 129  HOH B O   1 
HETATM 1312 O O   B HOH E 4 .   ? 0.458   7.527   -7.485  0.50 27.04 ? 129  HOH B O   1 
HETATM 1313 O O   . HOH E 4 .   ? 2.261   8.748   -1.436  1.00 47.37 ? 135  HOH B O   1 
HETATM 1314 O O   . HOH E 4 .   ? -1.114  6.978   -7.743  1.00 51.49 ? 152  HOH B O   1 
HETATM 1315 O O   . HOH E 4 .   ? -0.142  9.517   -5.298  1.00 52.07 ? 161  HOH B O   1 
# 
